data_8ZNM
#
_entry.id   8ZNM
#
_cell.length_a   75.618
_cell.length_b   81.849
_cell.length_c   94.141
_cell.angle_alpha   64.760
_cell.angle_beta   88.280
_cell.angle_gamma   88.240
#
_symmetry.space_group_name_H-M   'P 1'
#
loop_
_entity.id
_entity.type
_entity.pdbx_description
1 polymer GgCGT
2 non-polymer "URIDINE-5'-DIPHOSPHATE-GLUCOSE"
3 water water
#
_entity_poly.entity_id   1
_entity_poly.type   'polypeptide(L)'
_entity_poly.pdbx_seq_one_letter_code
;MGENNMSSIAPHPVVHVALLPSAGMGHLTPFLRLASLLLHQHCHVTLITPQPTVSKAEEDLLSRFLSAFPQVNQLHFHLP
PSDSTISTDPFFLQFASIRSSSHLLTPLLSSLTPPLSSFIYDMTLISPLLPIAESLGVPHYILFTSSATMFSFFAYFPTL
AKSESFPGKLDFVEIPGVSVSSIPRSSIPPPLLDPNSLFYKLFMEDSPKLKKLHGVLVNTFEGIEKESLEALNGGKVVKG
LPPVYGVGPFVPCEFEKVVKRGETISEWLDEQPSGSVVYVSFGSRTAMGREQLREVGDGLVKSGWRFLWVVKDKIVDRAE
EEGLDGVLGFELVERMVKEKKGLVVKEWVDQSEILGHKAVGGFVSHCGWNSVVEAAWFGVPILGWPLHGDQKINAEVVAK
GGWGVWKEGWGWEGERLVKGEEIAEAIREVMNDESLRMKATQVKKDARKAISVGGSQEVALQKLMEVWKKNV
;
_entity_poly.pdbx_strand_id   A,B,C,D
#
# COMPACT_ATOMS: atom_id res chain seq x y z
N PRO A 13 43.90 12.21 32.67
CA PRO A 13 43.29 10.92 32.33
C PRO A 13 42.28 11.06 31.19
N VAL A 14 42.65 10.59 29.99
CA VAL A 14 41.85 10.82 28.80
C VAL A 14 42.04 9.65 27.84
N VAL A 15 40.99 9.34 27.08
CA VAL A 15 41.07 8.39 25.99
C VAL A 15 41.62 9.09 24.76
N HIS A 16 42.68 8.53 24.17
CA HIS A 16 43.38 9.14 23.05
C HIS A 16 43.30 8.22 21.84
N VAL A 17 42.81 8.76 20.73
CA VAL A 17 42.62 7.98 19.50
C VAL A 17 43.42 8.64 18.38
N ALA A 18 44.09 7.80 17.59
CA ALA A 18 44.81 8.26 16.41
C ALA A 18 44.07 7.78 15.16
N LEU A 19 43.86 8.70 14.22
CA LEU A 19 43.17 8.42 12.97
C LEU A 19 44.12 8.65 11.81
N LEU A 20 44.16 7.70 10.87
CA LEU A 20 44.98 7.81 9.67
C LEU A 20 44.11 7.58 8.43
N PRO A 21 43.73 8.64 7.72
CA PRO A 21 42.93 8.46 6.51
C PRO A 21 43.79 8.30 5.27
N SER A 22 43.24 7.58 4.30
CA SER A 22 43.88 7.46 3.00
C SER A 22 43.49 8.66 2.13
N ALA A 23 44.14 8.75 0.97
CA ALA A 23 43.92 9.91 0.10
C ALA A 23 42.55 9.84 -0.57
N GLY A 24 41.98 11.02 -0.81
CA GLY A 24 40.71 11.14 -1.50
C GLY A 24 39.64 11.69 -0.58
N MET A 25 38.72 12.47 -1.15
CA MET A 25 37.62 13.01 -0.37
C MET A 25 36.68 11.92 0.11
N GLY A 26 36.59 10.81 -0.63
CA GLY A 26 35.79 9.69 -0.20
C GLY A 26 36.32 8.98 1.03
N HIS A 27 37.56 9.26 1.42
CA HIS A 27 38.17 8.69 2.62
C HIS A 27 38.37 9.71 3.73
N LEU A 28 38.74 10.94 3.39
CA LEU A 28 38.91 11.97 4.41
C LEU A 28 37.58 12.36 5.03
N THR A 29 36.52 12.43 4.22
CA THR A 29 35.22 12.83 4.73
C THR A 29 34.68 11.90 5.81
N PRO A 30 34.61 10.58 5.63
CA PRO A 30 34.13 9.73 6.73
C PRO A 30 35.06 9.75 7.93
N PHE A 31 36.37 9.90 7.72
CA PHE A 31 37.29 9.94 8.85
C PHE A 31 37.10 11.19 9.69
N LEU A 32 36.92 12.35 9.04
CA LEU A 32 36.71 13.57 9.80
C LEU A 32 35.35 13.57 10.50
N ARG A 33 34.35 12.93 9.89
CA ARG A 33 33.07 12.79 10.55
C ARG A 33 33.15 11.81 11.72
N LEU A 34 33.98 10.77 11.59
CA LEU A 34 34.23 9.89 12.72
C LEU A 34 34.95 10.63 13.84
N ALA A 35 35.95 11.45 13.48
CA ALA A 35 36.62 12.29 14.47
C ALA A 35 35.62 13.15 15.24
N SER A 36 34.66 13.74 14.52
CA SER A 36 33.65 14.55 15.17
C SER A 36 32.82 13.72 16.16
N LEU A 37 32.44 12.50 15.77
CA LEU A 37 31.73 11.63 16.70
C LEU A 37 32.59 11.28 17.91
N LEU A 38 33.87 11.04 17.69
CA LEU A 38 34.75 10.67 18.79
C LEU A 38 35.01 11.85 19.72
N LEU A 39 35.09 13.06 19.16
CA LEU A 39 35.25 14.24 20.01
C LEU A 39 34.01 14.46 20.87
N HIS A 40 32.83 14.10 20.36
CA HIS A 40 31.61 14.20 21.15
C HIS A 40 31.59 13.23 22.32
N GLN A 41 32.36 12.14 22.26
CA GLN A 41 32.52 11.21 23.36
C GLN A 41 33.70 11.58 24.26
N HIS A 42 34.23 12.79 24.12
CA HIS A 42 35.28 13.33 24.98
C HIS A 42 36.63 12.63 24.78
N CYS A 43 36.90 12.16 23.56
CA CYS A 43 38.20 11.62 23.23
C CYS A 43 39.15 12.74 22.79
N HIS A 44 40.42 12.57 23.13
CA HIS A 44 41.46 13.37 22.48
C HIS A 44 41.86 12.68 21.19
N VAL A 45 41.85 13.43 20.09
CA VAL A 45 42.04 12.88 18.76
C VAL A 45 43.33 13.43 18.17
N THR A 46 44.17 12.53 17.66
CA THR A 46 45.32 12.89 16.84
C THR A 46 45.00 12.50 15.40
N LEU A 47 45.07 13.46 14.50
CA LEU A 47 44.81 13.25 13.09
C LEU A 47 46.13 13.18 12.34
N ILE A 48 46.47 12.00 11.84
CA ILE A 48 47.69 11.80 11.08
C ILE A 48 47.44 12.23 9.65
N THR A 49 48.16 13.26 9.20
CA THR A 49 47.94 13.82 7.88
C THR A 49 49.12 13.49 6.97
N PRO A 50 48.97 12.53 6.04
CA PRO A 50 50.02 12.32 5.05
C PRO A 50 50.24 13.58 4.22
N GLN A 51 51.50 13.99 4.10
CA GLN A 51 51.85 15.23 3.44
C GLN A 51 52.92 15.00 2.39
N PRO A 52 52.86 15.74 1.27
CA PRO A 52 51.87 16.78 0.94
C PRO A 52 50.50 16.19 0.61
N THR A 53 49.43 16.82 1.09
CA THR A 53 48.09 16.35 0.76
C THR A 53 47.86 16.43 -0.74
N VAL A 54 47.12 15.45 -1.27
CA VAL A 54 47.06 15.27 -2.71
C VAL A 54 46.31 16.42 -3.38
N SER A 55 45.08 16.67 -2.95
CA SER A 55 44.19 17.60 -3.64
C SER A 55 43.93 18.84 -2.79
N LYS A 56 43.49 19.91 -3.46
CA LYS A 56 43.12 21.12 -2.75
C LYS A 56 41.84 20.93 -1.95
N ALA A 57 40.91 20.10 -2.44
CA ALA A 57 39.70 19.81 -1.67
C ALA A 57 40.04 19.23 -0.31
N GLU A 58 41.02 18.33 -0.27
CA GLU A 58 41.49 17.79 1.02
C GLU A 58 42.13 18.88 1.87
N GLU A 59 42.90 19.77 1.23
CA GLU A 59 43.51 20.88 1.95
C GLU A 59 42.46 21.73 2.65
N ASP A 60 41.49 22.24 1.88
CA ASP A 60 40.52 23.17 2.44
C ASP A 60 39.63 22.50 3.49
N LEU A 61 39.28 21.23 3.27
CA LEU A 61 38.49 20.51 4.26
C LEU A 61 39.27 20.31 5.55
N LEU A 62 40.56 19.95 5.43
CA LEU A 62 41.37 19.75 6.63
C LEU A 62 41.50 21.03 7.44
N SER A 63 41.73 22.16 6.78
CA SER A 63 41.89 23.42 7.50
C SER A 63 40.58 23.84 8.16
N ARG A 64 39.46 23.63 7.47
CA ARG A 64 38.16 23.93 8.06
C ARG A 64 37.88 23.04 9.28
N PHE A 65 38.33 21.78 9.22
CA PHE A 65 38.12 20.87 10.33
C PHE A 65 38.96 21.26 11.54
N LEU A 66 40.27 21.46 11.32
CA LEU A 66 41.15 21.84 12.41
C LEU A 66 40.74 23.17 13.02
N SER A 67 40.30 24.12 12.18
CA SER A 67 39.82 25.39 12.69
C SER A 67 38.59 25.20 13.56
N ALA A 68 37.69 24.28 13.17
CA ALA A 68 36.49 24.05 13.96
C ALA A 68 36.79 23.30 15.25
N PHE A 69 37.82 22.45 15.25
CA PHE A 69 38.21 21.67 16.41
C PHE A 69 39.69 21.90 16.69
N PRO A 70 40.04 23.06 17.28
CA PRO A 70 41.46 23.33 17.57
C PRO A 70 42.06 22.40 18.60
N GLN A 71 41.24 21.63 19.33
CA GLN A 71 41.77 20.67 20.31
C GLN A 71 42.37 19.43 19.65
N VAL A 72 42.22 19.28 18.33
CA VAL A 72 42.73 18.11 17.64
C VAL A 72 44.20 18.32 17.30
N ASN A 73 45.02 17.34 17.64
CA ASN A 73 46.45 17.36 17.34
C ASN A 73 46.69 16.78 15.96
N GLN A 74 47.20 17.61 15.04
CA GLN A 74 47.53 17.16 13.70
C GLN A 74 48.98 16.72 13.66
N LEU A 75 49.21 15.44 13.42
CA LEU A 75 50.55 14.88 13.28
C LEU A 75 50.88 14.78 11.79
N HIS A 76 51.86 15.56 11.35
CA HIS A 76 52.23 15.58 9.94
C HIS A 76 53.11 14.37 9.62
N PHE A 77 52.68 13.60 8.62
CA PHE A 77 53.35 12.37 8.19
C PHE A 77 53.97 12.66 6.82
N HIS A 78 55.17 13.24 6.84
CA HIS A 78 55.83 13.66 5.60
C HIS A 78 56.26 12.44 4.80
N LEU A 79 55.90 12.42 3.52
CA LEU A 79 56.20 11.32 2.62
C LEU A 79 57.17 11.76 1.52
N PRO A 80 58.14 10.91 1.18
CA PRO A 80 58.95 11.21 0.00
C PRO A 80 58.14 10.99 -1.25
N PRO A 81 58.38 11.79 -2.31
CA PRO A 81 57.59 11.61 -3.53
C PRO A 81 57.90 10.28 -4.21
N SER A 82 56.85 9.58 -4.60
CA SER A 82 57.03 8.35 -5.37
C SER A 82 57.53 8.69 -6.78
N ASP A 83 58.13 7.69 -7.41
CA ASP A 83 58.72 7.92 -8.72
C ASP A 83 57.66 7.87 -9.81
N SER A 84 57.99 8.47 -10.96
CA SER A 84 57.06 8.50 -12.08
C SER A 84 56.77 7.11 -12.64
N THR A 85 57.67 6.15 -12.44
CA THR A 85 57.44 4.79 -12.92
C THR A 85 56.43 4.03 -12.07
N ILE A 86 55.98 4.60 -10.95
CA ILE A 86 55.04 3.91 -10.07
C ILE A 86 53.62 4.04 -10.60
N SER A 87 53.20 5.25 -10.95
CA SER A 87 51.83 5.51 -11.37
C SER A 87 51.72 6.95 -11.86
N THR A 88 50.64 7.22 -12.59
CA THR A 88 50.23 8.58 -12.89
C THR A 88 49.07 9.04 -12.03
N ASP A 89 48.46 8.13 -11.27
CA ASP A 89 47.38 8.41 -10.34
C ASP A 89 47.96 8.97 -9.05
N PRO A 90 47.71 10.25 -8.73
CA PRO A 90 48.28 10.83 -7.50
C PRO A 90 47.84 10.12 -6.24
N PHE A 91 46.71 9.42 -6.27
CA PHE A 91 46.21 8.73 -5.08
C PHE A 91 46.89 7.38 -4.89
N PHE A 92 47.31 6.73 -5.98
CA PHE A 92 48.13 5.53 -5.85
C PHE A 92 49.56 5.87 -5.46
N LEU A 93 50.05 7.05 -5.87
CA LEU A 93 51.41 7.44 -5.51
C LEU A 93 51.55 7.65 -4.00
N GLN A 94 50.52 8.22 -3.36
CA GLN A 94 50.55 8.32 -1.91
C GLN A 94 50.51 6.95 -1.27
N PHE A 95 49.72 6.03 -1.83
CA PHE A 95 49.70 4.65 -1.34
C PHE A 95 51.09 4.05 -1.37
N ALA A 96 51.78 4.17 -2.51
CA ALA A 96 53.12 3.60 -2.65
C ALA A 96 54.08 4.21 -1.64
N SER A 97 53.98 5.52 -1.39
CA SER A 97 54.87 6.17 -0.44
C SER A 97 54.59 5.71 0.98
N ILE A 98 53.32 5.53 1.33
CA ILE A 98 52.97 5.11 2.68
C ILE A 98 53.47 3.70 2.96
N ARG A 99 53.41 2.82 1.95
CA ARG A 99 53.87 1.45 2.15
C ARG A 99 55.35 1.39 2.47
N SER A 100 56.14 2.30 1.90
CA SER A 100 57.59 2.25 2.09
C SER A 100 58.06 3.14 3.24
N SER A 101 57.28 4.12 3.65
CA SER A 101 57.69 5.07 4.69
C SER A 101 56.87 4.92 5.97
N SER A 102 56.20 3.77 6.14
CA SER A 102 55.38 3.57 7.33
C SER A 102 56.22 3.39 8.58
N HIS A 103 57.48 2.98 8.44
CA HIS A 103 58.36 2.84 9.60
C HIS A 103 58.52 4.15 10.36
N LEU A 104 58.34 5.28 9.67
CA LEU A 104 58.47 6.57 10.33
C LEU A 104 57.44 6.75 11.44
N LEU A 105 56.25 6.18 11.26
CA LEU A 105 55.15 6.45 12.18
C LEU A 105 55.44 5.94 13.58
N THR A 106 56.14 4.81 13.69
CA THR A 106 56.34 4.20 15.01
C THR A 106 57.06 5.13 15.99
N PRO A 107 58.14 5.84 15.60
CA PRO A 107 58.67 6.86 16.52
C PRO A 107 57.66 7.94 16.89
N LEU A 108 56.95 8.50 15.90
CA LEU A 108 56.03 9.60 16.18
C LEU A 108 54.88 9.18 17.08
N LEU A 109 54.43 7.93 16.97
CA LEU A 109 53.27 7.47 17.72
C LEU A 109 53.64 6.96 19.12
N SER A 110 54.74 6.22 19.24
CA SER A 110 55.18 5.76 20.55
C SER A 110 55.60 6.92 21.45
N SER A 111 56.19 7.96 20.87
CA SER A 111 56.58 9.15 21.63
C SER A 111 55.52 10.22 21.47
N LEU A 112 54.35 9.94 22.05
CA LEU A 112 53.18 10.81 21.94
C LEU A 112 52.51 10.87 23.30
N THR A 113 52.20 12.08 23.75
CA THR A 113 51.57 12.30 25.03
C THR A 113 50.28 13.09 24.85
N PRO A 114 49.17 12.69 25.48
CA PRO A 114 49.00 11.50 26.34
C PRO A 114 49.17 10.21 25.55
N PRO A 115 49.54 9.11 26.19
CA PRO A 115 49.78 7.87 25.45
C PRO A 115 48.53 7.43 24.70
N LEU A 116 48.75 6.78 23.56
CA LEU A 116 47.65 6.39 22.71
C LEU A 116 46.85 5.26 23.33
N SER A 117 45.52 5.36 23.22
CA SER A 117 44.61 4.31 23.65
C SER A 117 44.17 3.40 22.51
N SER A 118 44.04 3.93 21.31
CA SER A 118 43.61 3.13 20.16
C SER A 118 44.10 3.78 18.88
N PHE A 119 43.95 3.05 17.78
CA PHE A 119 44.48 3.47 16.48
C PHE A 119 43.51 2.99 15.40
N ILE A 120 42.96 3.92 14.64
CA ILE A 120 42.03 3.61 13.56
C ILE A 120 42.62 4.13 12.26
N TYR A 121 42.90 3.22 11.33
CA TYR A 121 43.49 3.58 10.05
C TYR A 121 42.63 3.07 8.90
N ASP A 122 42.85 3.65 7.71
CA ASP A 122 42.06 3.30 6.55
C ASP A 122 42.35 1.87 6.11
N MET A 123 41.32 1.18 5.63
CA MET A 123 41.47 -0.22 5.27
C MET A 123 42.45 -0.39 4.11
N THR A 124 42.53 0.59 3.21
CA THR A 124 43.46 0.50 2.09
C THR A 124 44.91 0.47 2.55
N LEU A 125 45.17 0.83 3.80
CA LEU A 125 46.52 0.87 4.35
C LEU A 125 46.76 -0.26 5.36
N ILE A 126 45.95 -1.33 5.32
CA ILE A 126 46.03 -2.36 6.34
C ILE A 126 47.34 -3.11 6.27
N SER A 127 47.92 -3.28 5.06
CA SER A 127 49.15 -4.05 4.96
C SER A 127 50.34 -3.31 5.54
N PRO A 128 50.64 -2.06 5.17
CA PRO A 128 51.83 -1.40 5.76
C PRO A 128 51.62 -0.93 7.20
N LEU A 129 50.38 -0.80 7.65
CA LEU A 129 50.11 -0.26 8.98
C LEU A 129 49.90 -1.32 10.05
N LEU A 130 49.59 -2.56 9.67
CA LEU A 130 49.36 -3.61 10.66
C LEU A 130 50.57 -3.87 11.54
N PRO A 131 51.79 -4.05 11.00
CA PRO A 131 52.94 -4.21 11.90
C PRO A 131 53.23 -2.97 12.73
N ILE A 132 52.90 -1.77 12.23
CA ILE A 132 53.08 -0.56 13.03
C ILE A 132 52.15 -0.57 14.23
N ALA A 133 50.88 -0.91 14.00
CA ALA A 133 49.90 -0.94 15.08
C ALA A 133 50.23 -2.00 16.12
N GLU A 134 50.83 -3.12 15.72
CA GLU A 134 51.15 -4.16 16.68
C GLU A 134 52.32 -3.79 17.57
N SER A 135 53.27 -2.99 17.06
CA SER A 135 54.36 -2.52 17.92
C SER A 135 53.87 -1.50 18.93
N LEU A 136 52.80 -0.77 18.61
CA LEU A 136 52.25 0.21 19.54
C LEU A 136 51.52 -0.45 20.70
N GLY A 137 51.05 -1.69 20.52
CA GLY A 137 50.43 -2.42 21.61
C GLY A 137 49.11 -1.85 22.10
N VAL A 138 48.43 -1.05 21.29
CA VAL A 138 47.11 -0.55 21.65
C VAL A 138 46.09 -1.23 20.74
N PRO A 139 44.81 -1.31 21.14
CA PRO A 139 43.79 -1.83 20.21
C PRO A 139 43.73 -0.99 18.95
N HIS A 140 43.70 -1.66 17.80
CA HIS A 140 43.74 -1.00 16.51
C HIS A 140 42.64 -1.55 15.62
N TYR A 141 42.11 -0.67 14.77
CA TYR A 141 40.95 -0.99 13.94
C TYR A 141 41.14 -0.38 12.56
N ILE A 142 40.33 -0.83 11.63
CA ILE A 142 40.19 -0.19 10.33
C ILE A 142 38.83 0.48 10.27
N LEU A 143 38.78 1.62 9.58
CA LEU A 143 37.53 2.20 9.13
C LEU A 143 37.38 1.86 7.65
N PHE A 144 36.43 0.99 7.33
CA PHE A 144 36.11 0.73 5.94
C PHE A 144 35.14 1.80 5.45
N THR A 145 35.51 2.50 4.39
CA THR A 145 34.76 3.65 3.92
C THR A 145 33.66 3.29 2.94
N SER A 146 33.44 2.00 2.67
CA SER A 146 32.37 1.60 1.77
C SER A 146 31.31 0.78 2.50
N SER A 147 30.44 0.10 1.77
CA SER A 147 29.32 -0.59 2.37
C SER A 147 29.77 -1.87 3.08
N ALA A 148 28.93 -2.32 4.02
CA ALA A 148 29.19 -3.57 4.71
C ALA A 148 29.09 -4.76 3.77
N THR A 149 28.25 -4.66 2.73
CA THR A 149 28.18 -5.73 1.74
C THR A 149 29.48 -5.81 0.95
N MET A 150 30.00 -4.66 0.52
CA MET A 150 31.30 -4.64 -0.16
C MET A 150 32.40 -5.17 0.76
N PHE A 151 32.32 -4.85 2.06
CA PHE A 151 33.28 -5.39 3.00
C PHE A 151 33.14 -6.92 3.10
N SER A 152 31.91 -7.42 3.11
CA SER A 152 31.71 -8.87 3.13
C SER A 152 32.33 -9.52 1.89
N PHE A 153 32.27 -8.83 0.74
CA PHE A 153 32.92 -9.35 -0.44
C PHE A 153 34.44 -9.36 -0.27
N PHE A 154 34.99 -8.31 0.33
CA PHE A 154 36.44 -8.23 0.54
C PHE A 154 36.91 -9.31 1.50
N ALA A 155 36.19 -9.48 2.62
CA ALA A 155 36.57 -10.50 3.61
C ALA A 155 36.42 -11.91 3.05
N TYR A 156 35.45 -12.13 2.17
CA TYR A 156 35.17 -13.45 1.64
C TYR A 156 36.04 -13.81 0.44
N PHE A 157 36.84 -12.87 -0.06
CA PHE A 157 37.52 -13.09 -1.34
C PHE A 157 38.53 -14.23 -1.32
N PRO A 158 39.37 -14.42 -0.29
CA PRO A 158 40.23 -15.62 -0.28
C PRO A 158 39.45 -16.92 -0.38
N THR A 159 38.31 -17.01 0.30
CA THR A 159 37.46 -18.19 0.14
C THR A 159 36.97 -18.33 -1.31
N LEU A 160 36.63 -17.21 -1.93
CA LEU A 160 36.14 -17.24 -3.31
C LEU A 160 37.25 -17.58 -4.28
N ALA A 161 38.46 -17.06 -4.05
CA ALA A 161 39.56 -17.25 -4.99
C ALA A 161 39.99 -18.70 -5.07
N LYS A 162 39.88 -19.45 -3.96
CA LYS A 162 40.27 -20.85 -3.92
C LYS A 162 39.17 -21.79 -4.38
N SER A 163 38.20 -21.28 -5.15
CA SER A 163 37.13 -22.12 -5.69
C SER A 163 37.54 -22.68 -7.05
N GLU A 164 36.87 -23.77 -7.43
CA GLU A 164 37.10 -24.34 -8.76
C GLU A 164 36.55 -23.42 -9.84
N SER A 165 35.38 -22.85 -9.61
CA SER A 165 34.76 -21.96 -10.59
C SER A 165 35.46 -20.62 -10.73
N PHE A 166 36.45 -20.32 -9.89
CA PHE A 166 37.08 -19.01 -10.00
C PHE A 166 38.21 -19.06 -11.03
N PRO A 167 38.26 -18.11 -11.96
CA PRO A 167 37.29 -17.03 -12.15
C PRO A 167 36.34 -17.23 -13.32
N GLY A 168 36.66 -18.13 -14.26
CA GLY A 168 35.92 -18.16 -15.51
C GLY A 168 34.52 -18.73 -15.40
N LYS A 169 34.34 -19.73 -14.55
CA LYS A 169 33.08 -20.47 -14.54
C LYS A 169 31.99 -19.73 -13.77
N LEU A 170 32.38 -18.94 -12.79
CA LEU A 170 31.42 -18.40 -11.82
C LEU A 170 30.41 -17.46 -12.48
N ASP A 171 29.13 -17.68 -12.16
CA ASP A 171 28.07 -16.76 -12.56
C ASP A 171 27.59 -15.89 -11.41
N PHE A 172 27.64 -16.38 -10.17
CA PHE A 172 27.17 -15.65 -9.01
C PHE A 172 28.04 -15.94 -7.81
N VAL A 173 28.38 -14.90 -7.05
CA VAL A 173 29.08 -15.02 -5.78
C VAL A 173 28.04 -14.97 -4.68
N GLU A 174 27.89 -16.08 -3.95
CA GLU A 174 26.88 -16.20 -2.90
C GLU A 174 27.57 -16.17 -1.55
N ILE A 175 27.63 -15.00 -0.95
CA ILE A 175 28.15 -14.82 0.41
C ILE A 175 27.01 -15.09 1.38
N PRO A 176 27.15 -16.01 2.31
CA PRO A 176 25.99 -16.44 3.13
C PRO A 176 25.40 -15.31 3.95
N GLY A 177 24.16 -14.95 3.65
CA GLY A 177 23.33 -14.14 4.51
C GLY A 177 23.51 -12.64 4.40
N VAL A 178 24.23 -12.15 3.39
CA VAL A 178 24.47 -10.72 3.28
C VAL A 178 23.32 -10.04 2.55
N SER A 179 23.39 -8.71 2.44
CA SER A 179 22.22 -7.94 1.99
C SER A 179 21.87 -8.21 0.54
N VAL A 180 22.88 -8.35 -0.33
CA VAL A 180 22.66 -8.83 -1.69
C VAL A 180 23.24 -10.24 -1.73
N SER A 181 22.34 -11.22 -1.90
CA SER A 181 22.69 -12.62 -1.64
C SER A 181 23.49 -13.23 -2.78
N SER A 182 23.25 -12.79 -4.01
CA SER A 182 23.96 -13.29 -5.18
C SER A 182 24.55 -12.10 -5.93
N ILE A 183 25.86 -11.92 -5.81
CA ILE A 183 26.57 -10.86 -6.52
C ILE A 183 26.94 -11.38 -7.89
N PRO A 184 26.35 -10.86 -8.98
CA PRO A 184 26.64 -11.37 -10.31
C PRO A 184 28.09 -11.14 -10.69
N ARG A 185 28.59 -12.00 -11.59
CA ARG A 185 29.93 -11.83 -12.13
C ARG A 185 30.12 -10.46 -12.74
N SER A 186 29.06 -9.91 -13.35
CA SER A 186 29.11 -8.60 -13.99
C SER A 186 29.23 -7.45 -12.99
N SER A 187 29.03 -7.71 -11.70
CA SER A 187 29.18 -6.68 -10.68
C SER A 187 30.54 -6.72 -9.98
N ILE A 188 31.35 -7.73 -10.26
CA ILE A 188 32.69 -7.82 -9.67
C ILE A 188 33.63 -6.90 -10.44
N PRO A 189 34.43 -6.08 -9.76
CA PRO A 189 35.43 -5.26 -10.46
C PRO A 189 36.30 -6.13 -11.34
N PRO A 190 36.44 -5.77 -12.62
CA PRO A 190 37.12 -6.65 -13.60
C PRO A 190 38.51 -7.08 -13.15
N PRO A 191 39.34 -6.20 -12.58
CA PRO A 191 40.68 -6.65 -12.16
C PRO A 191 40.64 -7.81 -11.17
N LEU A 192 39.62 -7.88 -10.31
CA LEU A 192 39.53 -8.99 -9.37
C LEU A 192 39.20 -10.32 -10.04
N LEU A 193 38.83 -10.31 -11.32
CA LEU A 193 38.67 -11.54 -12.08
C LEU A 193 39.94 -11.95 -12.80
N ASP A 194 41.00 -11.16 -12.73
CA ASP A 194 42.29 -11.45 -13.34
C ASP A 194 43.28 -11.83 -12.25
N PRO A 195 43.59 -13.12 -12.07
CA PRO A 195 44.51 -13.52 -10.98
C PRO A 195 45.93 -13.02 -11.15
N ASN A 196 46.26 -12.36 -12.25
CA ASN A 196 47.57 -11.73 -12.43
C ASN A 196 47.52 -10.22 -12.24
N SER A 197 46.35 -9.67 -11.90
CA SER A 197 46.21 -8.23 -11.74
C SER A 197 46.84 -7.76 -10.44
N LEU A 198 47.26 -6.49 -10.42
CA LEU A 198 47.72 -5.87 -9.19
C LEU A 198 46.60 -5.77 -8.17
N PHE A 199 45.41 -5.37 -8.63
CA PHE A 199 44.24 -5.28 -7.75
C PHE A 199 43.94 -6.63 -7.10
N TYR A 200 44.12 -7.72 -7.85
CA TYR A 200 43.90 -9.06 -7.31
C TYR A 200 44.91 -9.37 -6.20
N LYS A 201 46.19 -9.07 -6.43
CA LYS A 201 47.21 -9.38 -5.42
C LYS A 201 46.97 -8.58 -4.14
N LEU A 202 46.57 -7.32 -4.27
CA LEU A 202 46.33 -6.51 -3.08
C LEU A 202 45.16 -7.05 -2.27
N PHE A 203 44.10 -7.51 -2.96
CA PHE A 203 42.98 -8.13 -2.26
C PHE A 203 43.41 -9.40 -1.55
N MET A 204 44.19 -10.24 -2.22
CA MET A 204 44.56 -11.54 -1.66
C MET A 204 45.51 -11.39 -0.47
N GLU A 205 46.34 -10.35 -0.46
CA GLU A 205 47.27 -10.15 0.64
C GLU A 205 46.60 -9.44 1.82
N ASP A 206 45.74 -8.48 1.54
CA ASP A 206 45.18 -7.65 2.61
C ASP A 206 44.02 -8.32 3.32
N SER A 207 43.23 -9.13 2.62
CA SER A 207 42.03 -9.70 3.22
C SER A 207 42.31 -10.62 4.41
N PRO A 208 43.28 -11.54 4.37
CA PRO A 208 43.53 -12.38 5.54
C PRO A 208 43.98 -11.59 6.76
N LYS A 209 44.61 -10.44 6.56
CA LYS A 209 45.06 -9.61 7.66
C LYS A 209 43.91 -9.04 8.49
N LEU A 210 42.66 -9.14 8.00
CA LEU A 210 41.52 -8.68 8.77
C LEU A 210 41.42 -9.42 10.10
N LYS A 211 41.76 -10.70 10.11
CA LYS A 211 41.69 -11.51 11.33
C LYS A 211 42.61 -11.03 12.43
N LYS A 212 43.54 -10.12 12.12
CA LYS A 212 44.52 -9.63 13.08
C LYS A 212 44.13 -8.29 13.67
N LEU A 213 42.93 -7.79 13.37
CA LEU A 213 42.44 -6.53 13.90
C LEU A 213 41.59 -6.78 15.15
N HIS A 214 41.38 -5.71 15.91
CA HIS A 214 40.46 -5.74 17.04
C HIS A 214 39.01 -5.50 16.63
N GLY A 215 38.78 -4.93 15.45
CA GLY A 215 37.44 -4.67 14.99
C GLY A 215 37.46 -3.87 13.71
N VAL A 216 36.27 -3.71 13.14
CA VAL A 216 36.09 -3.02 11.86
C VAL A 216 34.94 -2.03 12.01
N LEU A 217 35.21 -0.77 11.68
CA LEU A 217 34.18 0.26 11.66
C LEU A 217 33.67 0.45 10.24
N VAL A 218 32.36 0.43 10.07
CA VAL A 218 31.71 0.65 8.78
C VAL A 218 30.68 1.77 8.94
N ASN A 219 30.69 2.72 8.00
CA ASN A 219 29.71 3.80 7.98
C ASN A 219 28.42 3.25 7.38
N THR A 220 27.67 2.52 8.21
CA THR A 220 26.42 1.92 7.79
C THR A 220 25.55 1.71 9.01
N PHE A 221 24.31 1.29 8.78
CA PHE A 221 23.37 1.07 9.87
C PHE A 221 22.34 0.05 9.44
N GLU A 222 21.60 -0.47 10.43
CA GLU A 222 20.65 -1.54 10.18
C GLU A 222 19.58 -1.15 9.17
N GLY A 223 19.25 0.14 9.08
CA GLY A 223 18.21 0.58 8.18
C GLY A 223 18.49 0.32 6.71
N ILE A 224 19.76 0.20 6.34
CA ILE A 224 20.12 -0.04 4.95
C ILE A 224 20.90 -1.33 4.74
N GLU A 225 21.51 -1.90 5.77
CA GLU A 225 22.32 -3.10 5.58
C GLU A 225 22.17 -4.03 6.79
N LYS A 226 20.93 -4.40 7.11
CA LYS A 226 20.69 -5.23 8.29
C LYS A 226 21.27 -6.62 8.11
N GLU A 227 21.03 -7.23 6.94
CA GLU A 227 21.42 -8.62 6.74
C GLU A 227 22.94 -8.78 6.76
N SER A 228 23.66 -7.96 6.00
CA SER A 228 25.11 -8.13 5.92
C SER A 228 25.80 -7.74 7.21
N LEU A 229 25.19 -6.86 8.03
CA LEU A 229 25.75 -6.60 9.35
C LEU A 229 25.55 -7.79 10.29
N GLU A 230 24.40 -8.46 10.18
CA GLU A 230 24.16 -9.65 10.98
C GLU A 230 25.10 -10.78 10.60
N ALA A 231 25.27 -11.02 9.29
CA ALA A 231 26.10 -12.13 8.83
C ALA A 231 27.57 -11.92 9.18
N LEU A 232 28.05 -10.67 9.18
CA LEU A 232 29.43 -10.41 9.51
C LEU A 232 29.71 -10.72 10.99
N ASN A 233 28.84 -10.26 11.87
CA ASN A 233 29.01 -10.47 13.30
C ASN A 233 28.52 -11.84 13.77
N GLY A 234 27.88 -12.62 12.90
CA GLY A 234 27.47 -13.96 13.22
C GLY A 234 28.40 -15.05 12.73
N GLY A 235 29.58 -14.69 12.23
CA GLY A 235 30.52 -15.67 11.71
C GLY A 235 30.09 -16.34 10.42
N LYS A 236 29.14 -15.76 9.70
CA LYS A 236 28.60 -16.36 8.48
C LYS A 236 29.39 -15.99 7.23
N VAL A 237 30.24 -14.97 7.30
CA VAL A 237 31.05 -14.58 6.14
C VAL A 237 32.43 -15.20 6.30
N VAL A 238 33.10 -14.92 7.41
CA VAL A 238 34.40 -15.50 7.73
C VAL A 238 34.38 -15.89 9.21
N LYS A 239 34.74 -17.15 9.49
CA LYS A 239 34.82 -17.61 10.86
C LYS A 239 35.88 -16.83 11.62
N GLY A 240 35.50 -16.30 12.77
CA GLY A 240 36.46 -15.59 13.59
C GLY A 240 36.83 -14.21 13.10
N LEU A 241 36.01 -13.60 12.25
CA LEU A 241 36.18 -12.19 11.96
C LEU A 241 36.03 -11.39 13.25
N PRO A 242 36.85 -10.37 13.46
CA PRO A 242 36.65 -9.47 14.61
C PRO A 242 35.32 -8.76 14.48
N PRO A 243 34.82 -8.16 15.57
CA PRO A 243 33.50 -7.51 15.51
C PRO A 243 33.49 -6.38 14.48
N VAL A 244 32.34 -6.24 13.81
CA VAL A 244 32.12 -5.17 12.84
C VAL A 244 31.12 -4.18 13.47
N TYR A 245 31.52 -2.92 13.55
CA TYR A 245 30.73 -1.91 14.22
C TYR A 245 30.03 -1.04 13.18
N GLY A 246 28.72 -1.19 13.08
CA GLY A 246 27.93 -0.30 12.26
C GLY A 246 27.73 1.02 12.95
N VAL A 247 28.62 1.98 12.70
CA VAL A 247 28.61 3.26 13.39
C VAL A 247 28.03 4.39 12.53
N GLY A 248 27.38 4.04 11.42
CA GLY A 248 26.73 5.03 10.61
C GLY A 248 25.36 5.39 11.16
N PRO A 249 24.73 6.38 10.52
CA PRO A 249 25.22 7.15 9.37
C PRO A 249 26.14 8.29 9.79
N PHE A 250 27.26 8.49 9.10
CA PHE A 250 28.09 9.67 9.32
C PHE A 250 27.38 10.86 8.67
N VAL A 251 26.87 11.77 9.50
CA VAL A 251 26.05 12.88 9.01
C VAL A 251 26.93 14.07 8.66
N PRO A 252 26.50 14.93 7.73
CA PRO A 252 27.31 16.12 7.42
C PRO A 252 27.47 17.02 8.62
N CYS A 253 28.67 17.56 8.79
CA CYS A 253 29.02 18.42 9.92
C CYS A 253 29.20 19.85 9.43
N GLU A 254 29.24 20.78 10.40
CA GLU A 254 29.32 22.20 10.06
C GLU A 254 30.64 22.55 9.39
N PHE A 255 31.74 21.95 9.86
CA PHE A 255 33.06 22.33 9.35
C PHE A 255 33.20 22.05 7.85
N GLU A 256 32.33 21.23 7.28
CA GLU A 256 32.36 20.99 5.85
C GLU A 256 31.79 22.16 5.04
N LYS A 257 30.96 23.00 5.65
CA LYS A 257 30.39 24.14 4.94
C LYS A 257 31.47 25.17 4.65
N VAL A 258 31.58 25.55 3.38
CA VAL A 258 32.50 26.61 2.97
C VAL A 258 31.92 27.94 3.40
N VAL A 259 32.72 28.72 4.14
CA VAL A 259 32.17 29.83 4.93
C VAL A 259 31.57 30.90 4.03
N LYS A 260 32.22 31.22 2.92
CA LYS A 260 31.72 32.24 1.99
C LYS A 260 31.50 31.58 0.63
N ARG A 261 30.40 30.87 0.50
CA ARG A 261 29.99 30.27 -0.75
C ARG A 261 28.83 31.07 -1.33
N GLY A 262 28.81 31.18 -2.65
CA GLY A 262 27.70 31.83 -3.33
C GLY A 262 26.39 31.10 -3.08
N GLU A 263 25.29 31.77 -3.42
CA GLU A 263 23.96 31.24 -3.19
C GLU A 263 23.18 31.00 -4.47
N THR A 264 23.86 30.98 -5.63
CA THR A 264 23.16 30.82 -6.90
C THR A 264 22.46 29.47 -6.96
N ILE A 265 23.09 28.42 -6.43
CA ILE A 265 22.47 27.09 -6.44
C ILE A 265 21.25 27.05 -5.53
N SER A 266 21.40 27.52 -4.29
CA SER A 266 20.28 27.48 -3.36
C SER A 266 19.14 28.39 -3.82
N GLU A 267 19.48 29.57 -4.36
CA GLU A 267 18.44 30.47 -4.85
C GLU A 267 17.72 29.88 -6.06
N TRP A 268 18.42 29.12 -6.89
CA TRP A 268 17.75 28.46 -8.01
C TRP A 268 16.84 27.34 -7.53
N LEU A 269 17.31 26.55 -6.56
CA LEU A 269 16.47 25.50 -5.99
C LEU A 269 15.24 26.05 -5.29
N ASP A 270 15.35 27.25 -4.69
CA ASP A 270 14.21 27.83 -3.99
C ASP A 270 13.10 28.23 -4.94
N GLU A 271 13.37 28.28 -6.25
CA GLU A 271 12.38 28.66 -7.24
C GLU A 271 11.79 27.45 -7.97
N GLN A 272 12.10 26.25 -7.52
CA GLN A 272 11.59 25.07 -8.21
C GLN A 272 10.50 24.40 -7.37
N PRO A 273 9.54 23.74 -8.03
CA PRO A 273 8.54 22.99 -7.27
C PRO A 273 9.18 21.90 -6.43
N SER A 274 8.55 21.58 -5.30
CA SER A 274 9.11 20.60 -4.38
C SER A 274 9.20 19.22 -5.04
N GLY A 275 10.37 18.60 -4.93
CA GLY A 275 10.56 17.28 -5.49
C GLY A 275 10.66 17.23 -6.99
N SER A 276 10.95 18.36 -7.63
CA SER A 276 10.95 18.44 -9.09
C SER A 276 12.34 18.36 -9.71
N VAL A 277 13.40 18.40 -8.91
CA VAL A 277 14.76 18.54 -9.41
C VAL A 277 15.49 17.20 -9.30
N VAL A 278 16.18 16.80 -10.36
CA VAL A 278 17.08 15.66 -10.32
C VAL A 278 18.49 16.18 -10.07
N TYR A 279 19.13 15.69 -9.02
CA TYR A 279 20.52 16.02 -8.73
C TYR A 279 21.41 14.95 -9.34
N VAL A 280 22.42 15.37 -10.10
CA VAL A 280 23.31 14.47 -10.82
C VAL A 280 24.74 14.76 -10.42
N SER A 281 25.40 13.75 -9.84
CA SER A 281 26.79 13.89 -9.44
C SER A 281 27.45 12.52 -9.48
N PHE A 282 28.59 12.44 -10.15
CA PHE A 282 29.34 11.20 -10.24
C PHE A 282 30.54 11.13 -9.29
N GLY A 283 30.51 11.90 -8.19
CA GLY A 283 31.52 11.72 -7.15
C GLY A 283 32.53 12.83 -6.92
N SER A 284 33.65 12.46 -6.28
CA SER A 284 34.65 13.44 -5.92
C SER A 284 35.52 13.83 -7.10
N ARG A 285 35.65 12.97 -8.10
CA ARG A 285 36.55 13.22 -9.21
C ARG A 285 35.87 12.85 -10.52
N THR A 286 36.54 13.22 -11.61
CA THR A 286 36.09 12.85 -12.94
C THR A 286 36.31 11.35 -13.14
N ALA A 287 35.29 10.69 -13.70
CA ALA A 287 35.39 9.26 -13.93
C ALA A 287 34.56 8.83 -15.13
N MET A 288 34.36 9.73 -16.09
CA MET A 288 33.49 9.46 -17.22
C MET A 288 34.03 10.18 -18.45
N GLY A 289 34.02 9.47 -19.59
CA GLY A 289 34.54 10.04 -20.82
C GLY A 289 33.65 11.12 -21.39
N ARG A 290 34.22 11.89 -22.33
CA ARG A 290 33.53 13.07 -22.83
C ARG A 290 32.33 12.71 -23.69
N GLU A 291 32.48 11.72 -24.58
CA GLU A 291 31.34 11.34 -25.43
C GLU A 291 30.21 10.75 -24.59
N GLN A 292 30.54 10.14 -23.45
CA GLN A 292 29.49 9.69 -22.54
C GLN A 292 28.84 10.87 -21.83
N LEU A 293 29.65 11.86 -21.41
CA LEU A 293 29.10 13.04 -20.77
C LEU A 293 28.15 13.78 -21.70
N ARG A 294 28.47 13.81 -23.00
CA ARG A 294 27.57 14.43 -23.98
C ARG A 294 26.21 13.74 -23.99
N GLU A 295 26.17 12.44 -23.72
CA GLU A 295 24.89 11.75 -23.66
C GLU A 295 24.14 12.05 -22.37
N VAL A 296 24.87 12.37 -21.29
CA VAL A 296 24.21 12.72 -20.04
C VAL A 296 23.40 14.01 -20.20
N GLY A 297 23.99 15.01 -20.84
CA GLY A 297 23.27 16.25 -21.08
C GLY A 297 22.06 16.04 -21.96
N ASP A 298 22.20 15.24 -23.03
CA ASP A 298 21.07 14.95 -23.91
C ASP A 298 19.97 14.23 -23.14
N GLY A 299 20.34 13.31 -22.26
CA GLY A 299 19.34 12.61 -21.45
C GLY A 299 18.62 13.53 -20.47
N LEU A 300 19.32 14.53 -19.93
CA LEU A 300 18.70 15.41 -18.95
C LEU A 300 17.65 16.31 -19.60
N VAL A 301 17.96 16.87 -20.77
CA VAL A 301 16.99 17.71 -21.47
C VAL A 301 15.85 16.86 -22.03
N LYS A 302 16.17 15.66 -22.52
CA LYS A 302 15.15 14.77 -23.06
C LYS A 302 14.22 14.21 -21.98
N SER A 303 14.66 14.16 -20.72
CA SER A 303 13.81 13.61 -19.67
C SER A 303 12.65 14.54 -19.36
N GLY A 304 12.81 15.84 -19.59
CA GLY A 304 11.80 16.81 -19.29
C GLY A 304 11.74 17.27 -17.85
N TRP A 305 12.63 16.76 -17.00
CA TRP A 305 12.67 17.13 -15.59
C TRP A 305 13.72 18.20 -15.34
N ARG A 306 13.45 19.05 -14.36
CA ARG A 306 14.47 19.97 -13.88
C ARG A 306 15.65 19.21 -13.32
N PHE A 307 16.85 19.75 -13.50
CA PHE A 307 18.06 19.04 -13.11
C PHE A 307 19.11 20.00 -12.57
N LEU A 308 19.94 19.48 -11.68
CA LEU A 308 21.15 20.17 -11.20
C LEU A 308 22.31 19.21 -11.43
N TRP A 309 23.15 19.50 -12.41
CA TRP A 309 24.21 18.61 -12.84
C TRP A 309 25.55 19.18 -12.41
N VAL A 310 26.25 18.44 -11.55
CA VAL A 310 27.59 18.82 -11.10
C VAL A 310 28.61 18.03 -11.90
N VAL A 311 29.52 18.73 -12.57
CA VAL A 311 30.53 18.12 -13.41
C VAL A 311 31.90 18.40 -12.81
N LYS A 312 32.78 17.39 -12.86
CA LYS A 312 34.12 17.50 -12.30
C LYS A 312 35.15 17.63 -13.42
N ASP A 313 36.14 18.49 -13.19
CA ASP A 313 37.18 18.73 -14.18
C ASP A 313 38.02 17.47 -14.40
N LYS A 314 38.58 17.36 -15.60
CA LYS A 314 39.42 16.22 -15.96
C LYS A 314 40.90 16.57 -15.81
N ASP A 325 36.46 19.84 -28.05
CA ASP A 325 35.03 19.58 -28.18
C ASP A 325 34.33 19.70 -26.83
N GLY A 326 33.07 20.13 -26.86
CA GLY A 326 32.36 20.50 -25.66
C GLY A 326 31.36 19.47 -25.17
N VAL A 327 31.04 19.57 -23.89
CA VAL A 327 30.04 18.72 -23.27
C VAL A 327 28.66 19.37 -23.28
N LEU A 328 28.58 20.69 -23.19
CA LEU A 328 27.31 21.41 -23.08
C LEU A 328 26.79 21.73 -24.47
N GLY A 329 25.81 20.94 -24.93
CA GLY A 329 25.24 21.16 -26.24
C GLY A 329 24.40 22.42 -26.31
N PHE A 330 24.15 22.87 -27.54
CA PHE A 330 23.43 24.12 -27.74
C PHE A 330 22.00 24.04 -27.21
N GLU A 331 21.28 22.97 -27.54
CA GLU A 331 19.90 22.85 -27.08
C GLU A 331 19.82 22.76 -25.57
N LEU A 332 20.82 22.15 -24.94
CA LEU A 332 20.87 22.10 -23.48
C LEU A 332 20.96 23.49 -22.88
N VAL A 333 21.86 24.32 -23.41
CA VAL A 333 22.05 25.67 -22.87
C VAL A 333 20.81 26.52 -23.12
N GLU A 334 20.19 26.39 -24.30
CA GLU A 334 18.97 27.15 -24.60
C GLU A 334 17.85 26.83 -23.62
N ARG A 335 17.64 25.54 -23.34
CA ARG A 335 16.58 25.16 -22.42
C ARG A 335 16.86 25.66 -21.00
N MET A 336 18.13 25.72 -20.61
CA MET A 336 18.45 26.24 -19.28
C MET A 336 18.20 27.74 -19.17
N VAL A 337 18.36 28.47 -20.26
CA VAL A 337 18.18 29.93 -20.22
C VAL A 337 16.72 30.33 -20.46
N LYS A 338 16.06 29.71 -21.43
CA LYS A 338 14.66 30.02 -21.70
C LYS A 338 13.74 29.35 -20.69
N GLU A 339 13.82 28.03 -20.56
CA GLU A 339 12.88 27.31 -19.70
C GLU A 339 13.30 27.36 -18.23
N LYS A 340 14.52 27.81 -17.94
CA LYS A 340 15.13 27.75 -16.60
C LYS A 340 15.11 26.34 -16.03
N LYS A 341 15.37 25.32 -16.85
CA LYS A 341 15.07 23.96 -16.42
C LYS A 341 16.22 23.37 -15.63
N GLY A 342 17.43 23.86 -15.89
CA GLY A 342 18.62 23.21 -15.38
C GLY A 342 19.72 24.19 -15.07
N LEU A 343 20.64 23.71 -14.24
CA LEU A 343 21.92 24.34 -13.94
C LEU A 343 23.00 23.28 -14.12
N VAL A 344 24.13 23.70 -14.68
CA VAL A 344 25.34 22.88 -14.76
C VAL A 344 26.47 23.67 -14.13
N VAL A 345 27.12 23.09 -13.13
CA VAL A 345 28.20 23.73 -12.39
C VAL A 345 29.41 22.80 -12.41
N LYS A 346 30.60 23.41 -12.41
CA LYS A 346 31.88 22.71 -12.28
C LYS A 346 32.58 23.31 -11.07
N GLU A 347 32.19 22.85 -9.88
CA GLU A 347 32.77 23.34 -8.64
C GLU A 347 32.53 22.29 -7.56
N TRP A 348 33.14 22.50 -6.41
CA TRP A 348 32.87 21.64 -5.26
C TRP A 348 31.64 22.20 -4.56
N VAL A 349 30.49 21.57 -4.80
CA VAL A 349 29.21 22.04 -4.27
C VAL A 349 29.02 21.53 -2.85
N ASP A 350 28.06 22.11 -2.15
CA ASP A 350 27.64 21.60 -0.84
C ASP A 350 26.57 20.55 -1.11
N GLN A 351 27.01 19.30 -1.27
CA GLN A 351 26.06 18.24 -1.64
C GLN A 351 25.01 18.04 -0.57
N SER A 352 25.37 18.21 0.70
CA SER A 352 24.40 18.05 1.78
C SER A 352 23.31 19.10 1.73
N GLU A 353 23.67 20.34 1.37
CA GLU A 353 22.67 21.38 1.19
C GLU A 353 21.74 21.08 0.03
N ILE A 354 22.26 20.43 -1.02
CA ILE A 354 21.44 20.08 -2.17
C ILE A 354 20.52 18.91 -1.84
N LEU A 355 21.09 17.83 -1.29
CA LEU A 355 20.29 16.65 -0.98
C LEU A 355 19.23 16.93 0.07
N GLY A 356 19.47 17.91 0.94
CA GLY A 356 18.54 18.33 1.96
C GLY A 356 17.47 19.30 1.51
N HIS A 357 17.53 19.77 0.27
CA HIS A 357 16.58 20.74 -0.23
C HIS A 357 15.33 20.03 -0.75
N LYS A 358 14.16 20.51 -0.35
CA LYS A 358 12.91 19.85 -0.71
C LYS A 358 12.64 19.88 -2.21
N ALA A 359 13.29 20.77 -2.95
CA ALA A 359 13.15 20.75 -4.40
C ALA A 359 13.76 19.50 -5.03
N VAL A 360 14.71 18.86 -4.36
CA VAL A 360 15.41 17.70 -4.93
C VAL A 360 14.59 16.45 -4.67
N GLY A 361 14.22 15.75 -5.75
CA GLY A 361 13.39 14.57 -5.61
C GLY A 361 14.06 13.30 -6.10
N GLY A 362 15.26 13.44 -6.66
CA GLY A 362 15.98 12.30 -7.18
C GLY A 362 17.46 12.57 -7.25
N PHE A 363 18.24 11.51 -7.14
CA PHE A 363 19.71 11.58 -7.08
C PHE A 363 20.29 10.57 -8.07
N VAL A 364 20.86 11.07 -9.16
CA VAL A 364 21.65 10.25 -10.06
C VAL A 364 23.07 10.20 -9.52
N SER A 365 23.48 9.04 -9.02
CA SER A 365 24.74 8.91 -8.31
C SER A 365 25.53 7.74 -8.86
N HIS A 366 26.86 7.90 -8.89
CA HIS A 366 27.71 6.75 -9.17
C HIS A 366 27.74 5.76 -8.02
N CYS A 367 27.09 6.08 -6.91
CA CYS A 367 26.94 5.20 -5.74
C CYS A 367 28.25 5.00 -4.99
N GLY A 368 29.09 6.04 -4.95
CA GLY A 368 30.09 6.11 -3.91
C GLY A 368 29.40 6.12 -2.55
N TRP A 369 30.00 5.41 -1.58
CA TRP A 369 29.23 5.03 -0.41
C TRP A 369 28.84 6.23 0.44
N ASN A 370 29.71 7.24 0.52
CA ASN A 370 29.36 8.44 1.30
C ASN A 370 28.12 9.13 0.73
N SER A 371 28.03 9.19 -0.61
CA SER A 371 26.85 9.81 -1.22
C SER A 371 25.61 8.97 -0.96
N VAL A 372 25.75 7.64 -0.93
CA VAL A 372 24.62 6.77 -0.65
C VAL A 372 24.09 7.02 0.76
N VAL A 373 24.99 7.06 1.73
CA VAL A 373 24.58 7.27 3.12
C VAL A 373 23.96 8.65 3.29
N GLU A 374 24.52 9.66 2.60
CA GLU A 374 23.94 11.00 2.65
C GLU A 374 22.55 11.02 2.05
N ALA A 375 22.38 10.35 0.90
CA ALA A 375 21.04 10.25 0.31
C ALA A 375 20.07 9.54 1.24
N ALA A 376 20.54 8.48 1.93
CA ALA A 376 19.69 7.83 2.93
C ALA A 376 19.38 8.78 4.08
N TRP A 377 20.34 9.60 4.47
CA TRP A 377 20.13 10.54 5.57
C TRP A 377 19.06 11.57 5.23
N PHE A 378 18.98 11.98 3.96
CA PHE A 378 18.01 12.98 3.53
C PHE A 378 16.79 12.38 2.85
N GLY A 379 16.71 11.06 2.74
CA GLY A 379 15.55 10.42 2.16
C GLY A 379 15.36 10.72 0.69
N VAL A 380 16.43 10.70 -0.09
CA VAL A 380 16.39 11.00 -1.52
C VAL A 380 16.56 9.69 -2.28
N PRO A 381 15.60 9.28 -3.09
CA PRO A 381 15.78 8.05 -3.87
C PRO A 381 16.86 8.21 -4.92
N ILE A 382 17.49 7.09 -5.29
CA ILE A 382 18.70 7.10 -6.09
C ILE A 382 18.43 6.39 -7.41
N LEU A 383 18.83 7.02 -8.51
CA LEU A 383 19.06 6.34 -9.79
C LEU A 383 20.54 6.04 -9.87
N GLY A 384 20.90 4.77 -9.65
CA GLY A 384 22.29 4.39 -9.61
C GLY A 384 22.89 4.29 -11.01
N TRP A 385 24.07 4.88 -11.18
CA TRP A 385 24.87 4.74 -12.40
C TRP A 385 26.27 4.37 -11.97
N PRO A 386 26.49 3.12 -11.58
CA PRO A 386 27.81 2.71 -11.10
C PRO A 386 28.83 2.72 -12.24
N LEU A 387 30.05 3.12 -11.92
CA LEU A 387 31.11 3.30 -12.90
C LEU A 387 32.30 2.39 -12.68
N HIS A 388 32.80 2.27 -11.45
CA HIS A 388 34.00 1.50 -11.17
C HIS A 388 33.88 0.82 -9.81
N GLY A 389 34.84 -0.05 -9.53
CA GLY A 389 35.02 -0.64 -8.22
C GLY A 389 33.81 -1.22 -7.51
N ASP A 390 33.51 -0.68 -6.32
CA ASP A 390 32.47 -1.18 -5.45
C ASP A 390 31.08 -0.69 -5.83
N GLN A 391 30.94 0.08 -6.90
CA GLN A 391 29.74 0.87 -7.10
C GLN A 391 28.55 0.05 -7.59
N LYS A 392 28.80 -1.06 -8.31
CA LYS A 392 27.68 -1.93 -8.69
C LYS A 392 27.13 -2.67 -7.48
N ILE A 393 28.01 -3.10 -6.57
CA ILE A 393 27.56 -3.74 -5.35
C ILE A 393 26.80 -2.76 -4.47
N ASN A 394 27.31 -1.53 -4.34
CA ASN A 394 26.61 -0.51 -3.57
C ASN A 394 25.26 -0.18 -4.19
N ALA A 395 25.20 -0.10 -5.52
CA ALA A 395 23.93 0.22 -6.18
C ALA A 395 22.88 -0.84 -5.90
N GLU A 396 23.29 -2.11 -5.84
CA GLU A 396 22.34 -3.17 -5.56
C GLU A 396 21.92 -3.20 -4.09
N VAL A 397 22.79 -2.74 -3.20
CA VAL A 397 22.39 -2.57 -1.80
C VAL A 397 21.22 -1.60 -1.69
N VAL A 398 21.28 -0.51 -2.46
CA VAL A 398 20.17 0.44 -2.49
C VAL A 398 18.95 -0.19 -3.13
N ALA A 399 19.14 -0.84 -4.29
CA ALA A 399 18.00 -1.41 -5.01
C ALA A 399 17.33 -2.51 -4.19
N LYS A 400 18.13 -3.33 -3.50
CA LYS A 400 17.57 -4.34 -2.61
C LYS A 400 16.77 -3.69 -1.48
N GLY A 401 17.20 -2.52 -1.00
CA GLY A 401 16.43 -1.83 0.02
C GLY A 401 15.13 -1.22 -0.51
N GLY A 402 15.01 -1.07 -1.82
CA GLY A 402 13.80 -0.56 -2.44
C GLY A 402 13.70 0.94 -2.51
N TRP A 403 14.78 1.69 -2.26
CA TRP A 403 14.77 3.14 -2.40
C TRP A 403 15.69 3.60 -3.53
N GLY A 404 16.00 2.72 -4.47
CA GLY A 404 16.82 3.08 -5.61
C GLY A 404 16.68 2.07 -6.73
N VAL A 405 17.20 2.46 -7.90
CA VAL A 405 17.13 1.64 -9.11
C VAL A 405 18.39 1.88 -9.91
N TRP A 406 18.90 0.82 -10.54
CA TRP A 406 20.01 0.95 -11.48
C TRP A 406 19.83 -0.06 -12.60
N LYS A 407 20.45 0.22 -13.74
CA LYS A 407 20.32 -0.59 -14.94
C LYS A 407 21.58 -1.44 -15.10
N GLU A 408 21.42 -2.76 -14.98
CA GLU A 408 22.55 -3.68 -15.09
C GLU A 408 23.19 -3.65 -16.48
N GLY A 409 22.40 -3.34 -17.50
CA GLY A 409 22.88 -3.39 -18.87
C GLY A 409 23.75 -2.24 -19.32
N TRP A 410 23.88 -1.18 -18.50
CA TRP A 410 24.68 -0.04 -18.92
C TRP A 410 26.17 -0.36 -18.90
N GLY A 411 26.60 -1.26 -18.03
CA GLY A 411 27.97 -1.73 -18.02
C GLY A 411 28.91 -0.83 -17.23
N TRP A 412 30.12 -1.34 -17.03
CA TRP A 412 31.18 -0.53 -16.43
C TRP A 412 31.47 0.67 -17.32
N GLU A 413 32.11 1.67 -16.71
CA GLU A 413 32.37 2.92 -17.42
C GLU A 413 33.26 2.67 -18.63
N GLY A 414 32.76 3.05 -19.81
CA GLY A 414 33.51 2.90 -21.04
C GLY A 414 33.25 1.62 -21.80
N GLU A 415 32.48 0.69 -21.23
CA GLU A 415 32.17 -0.55 -21.94
C GLU A 415 31.34 -0.27 -23.18
N ARG A 416 30.30 0.54 -23.04
CA ARG A 416 29.47 0.92 -24.17
C ARG A 416 28.90 2.30 -23.90
N LEU A 417 28.36 2.92 -24.95
CA LEU A 417 27.81 4.26 -24.87
C LEU A 417 26.33 4.16 -24.47
N VAL A 418 26.01 4.62 -23.28
CA VAL A 418 24.62 4.74 -22.85
C VAL A 418 24.03 5.99 -23.48
N LYS A 419 22.97 5.83 -24.25
CA LYS A 419 22.43 6.93 -25.04
C LYS A 419 21.49 7.79 -24.22
N GLY A 420 21.26 9.01 -24.71
CA GLY A 420 20.45 9.97 -23.98
C GLY A 420 19.03 9.49 -23.76
N GLU A 421 18.48 8.76 -24.73
CA GLU A 421 17.11 8.28 -24.57
C GLU A 421 17.01 7.22 -23.50
N GLU A 422 18.00 6.34 -23.40
CA GLU A 422 18.05 5.41 -22.28
C GLU A 422 18.13 6.16 -20.95
N ILE A 423 18.99 7.18 -20.90
CA ILE A 423 19.16 7.95 -19.66
C ILE A 423 17.88 8.67 -19.30
N ALA A 424 17.24 9.32 -20.29
CA ALA A 424 16.01 10.04 -20.02
C ALA A 424 14.91 9.11 -19.54
N GLU A 425 14.86 7.89 -20.09
CA GLU A 425 13.86 6.93 -19.65
C GLU A 425 14.07 6.53 -18.19
N ALA A 426 15.33 6.30 -17.81
CA ALA A 426 15.63 5.92 -16.43
C ALA A 426 15.31 7.04 -15.46
N ILE A 427 15.57 8.29 -15.87
CA ILE A 427 15.30 9.43 -15.00
C ILE A 427 13.80 9.58 -14.76
N ARG A 428 13.00 9.48 -15.83
CA ARG A 428 11.55 9.59 -15.68
C ARG A 428 10.99 8.46 -14.83
N GLU A 429 11.60 7.27 -14.89
CA GLU A 429 11.18 6.16 -14.05
C GLU A 429 11.34 6.49 -12.57
N VAL A 430 12.54 6.93 -12.18
CA VAL A 430 12.82 7.17 -10.77
C VAL A 430 12.05 8.37 -10.24
N MET A 431 11.96 9.45 -11.03
CA MET A 431 11.30 10.65 -10.55
C MET A 431 9.79 10.48 -10.41
N ASN A 432 9.20 9.52 -11.11
CA ASN A 432 7.76 9.27 -11.04
C ASN A 432 7.38 8.18 -10.07
N ASP A 433 8.34 7.50 -9.45
CA ASP A 433 8.09 6.31 -8.66
C ASP A 433 7.91 6.69 -7.20
N GLU A 434 6.65 6.78 -6.77
CA GLU A 434 6.36 7.09 -5.37
C GLU A 434 6.73 5.94 -4.44
N SER A 435 6.79 4.71 -4.96
CA SER A 435 7.22 3.58 -4.13
C SER A 435 8.66 3.76 -3.68
N LEU A 436 9.52 4.29 -4.55
CA LEU A 436 10.89 4.57 -4.16
C LEU A 436 10.97 5.73 -3.16
N ARG A 437 10.17 6.77 -3.38
CA ARG A 437 10.21 7.92 -2.48
C ARG A 437 9.76 7.55 -1.07
N MET A 438 8.67 6.79 -0.97
CA MET A 438 8.17 6.39 0.34
C MET A 438 9.17 5.48 1.07
N LYS A 439 9.83 4.59 0.33
CA LYS A 439 10.84 3.74 0.94
C LYS A 439 12.04 4.56 1.40
N ALA A 440 12.40 5.60 0.64
CA ALA A 440 13.52 6.45 1.03
C ALA A 440 13.16 7.26 2.28
N THR A 441 11.90 7.69 2.38
CA THR A 441 11.43 8.33 3.60
C THR A 441 11.55 7.39 4.80
N GLN A 442 11.27 6.09 4.58
CA GLN A 442 11.39 5.11 5.66
C GLN A 442 12.85 4.88 6.03
N VAL A 443 13.73 4.86 5.05
CA VAL A 443 15.17 4.71 5.32
C VAL A 443 15.67 5.94 6.10
N LYS A 444 15.15 7.12 5.77
CA LYS A 444 15.54 8.34 6.47
C LYS A 444 15.12 8.29 7.94
N LYS A 445 13.94 7.75 8.22
CA LYS A 445 13.48 7.64 9.60
C LYS A 445 14.37 6.71 10.41
N ASP A 446 14.83 5.62 9.79
CA ASP A 446 15.78 4.74 10.48
C ASP A 446 17.13 5.42 10.65
N ALA A 447 17.53 6.24 9.68
CA ALA A 447 18.79 6.97 9.81
C ALA A 447 18.74 7.96 10.96
N ARG A 448 17.62 8.68 11.11
CA ARG A 448 17.48 9.60 12.24
C ARG A 448 17.44 8.85 13.55
N LYS A 449 16.79 7.69 13.58
CA LYS A 449 16.73 6.88 14.79
C LYS A 449 18.11 6.38 15.20
N ALA A 450 18.99 6.12 14.23
CA ALA A 450 20.28 5.53 14.55
C ALA A 450 21.16 6.47 15.36
N ILE A 451 20.98 7.78 15.21
CA ILE A 451 21.82 8.75 15.91
C ILE A 451 21.16 9.31 17.17
N SER A 452 19.94 8.86 17.50
CA SER A 452 19.26 9.35 18.69
C SER A 452 19.74 8.57 19.92
N VAL A 453 19.30 9.02 21.09
CA VAL A 453 19.68 8.34 22.32
C VAL A 453 19.16 6.91 22.30
N GLY A 454 20.04 5.97 22.60
CA GLY A 454 19.71 4.56 22.48
C GLY A 454 19.75 4.01 21.07
N GLY A 455 20.11 4.83 20.08
CA GLY A 455 20.22 4.37 18.72
C GLY A 455 21.42 3.46 18.50
N SER A 456 21.45 2.84 17.33
CA SER A 456 22.50 1.87 17.03
C SER A 456 23.88 2.51 17.02
N GLN A 457 23.99 3.76 16.59
CA GLN A 457 25.29 4.42 16.54
C GLN A 457 25.88 4.58 17.94
N GLU A 458 25.07 5.07 18.88
CA GLU A 458 25.54 5.22 20.26
C GLU A 458 25.95 3.87 20.84
N VAL A 459 25.10 2.86 20.68
CA VAL A 459 25.38 1.53 21.23
C VAL A 459 26.66 0.97 20.64
N ALA A 460 26.82 1.10 19.32
CA ALA A 460 28.04 0.59 18.69
C ALA A 460 29.28 1.37 19.11
N LEU A 461 29.14 2.68 19.35
CA LEU A 461 30.29 3.47 19.76
C LEU A 461 30.71 3.16 21.20
N GLN A 462 29.74 2.94 22.08
CA GLN A 462 30.08 2.56 23.45
C GLN A 462 30.70 1.16 23.49
N LYS A 463 30.16 0.24 22.68
CA LYS A 463 30.75 -1.10 22.61
C LYS A 463 32.16 -1.05 22.06
N LEU A 464 32.41 -0.16 21.10
CA LEU A 464 33.73 -0.05 20.51
C LEU A 464 34.74 0.52 21.49
N MET A 465 34.31 1.46 22.35
CA MET A 465 35.20 2.22 23.20
C MET A 465 35.35 1.65 24.60
N GLU A 466 34.68 0.56 24.93
CA GLU A 466 34.68 0.07 26.31
C GLU A 466 36.06 -0.40 26.73
N VAL A 467 36.85 -0.96 25.81
CA VAL A 467 38.18 -1.47 26.15
C VAL A 467 39.24 -0.38 26.09
N TRP A 468 38.94 0.78 25.53
CA TRP A 468 39.92 1.86 25.46
C TRP A 468 40.17 2.44 26.84
N LYS A 469 41.45 2.67 27.16
CA LYS A 469 41.84 3.15 28.48
C LYS A 469 42.49 4.52 28.40
N VAL B 14 -18.18 -23.96 -43.44
CA VAL B 14 -17.51 -24.78 -42.44
C VAL B 14 -16.00 -24.54 -42.46
N VAL B 15 -15.49 -23.97 -41.37
CA VAL B 15 -14.06 -23.76 -41.22
C VAL B 15 -13.42 -25.04 -40.68
N HIS B 16 -12.39 -25.52 -41.37
CA HIS B 16 -11.68 -26.73 -40.97
C HIS B 16 -10.25 -26.37 -40.60
N VAL B 17 -9.87 -26.67 -39.37
CA VAL B 17 -8.53 -26.41 -38.86
C VAL B 17 -7.86 -27.74 -38.54
N ALA B 18 -6.60 -27.87 -38.96
CA ALA B 18 -5.79 -29.04 -38.62
C ALA B 18 -4.76 -28.64 -37.57
N LEU B 19 -4.56 -29.53 -36.59
CA LEU B 19 -3.65 -29.28 -35.48
C LEU B 19 -2.65 -30.41 -35.38
N LEU B 20 -1.39 -30.07 -35.15
CA LEU B 20 -0.31 -31.05 -35.00
C LEU B 20 0.57 -30.66 -33.81
N PRO B 21 0.31 -31.21 -32.64
CA PRO B 21 1.16 -30.96 -31.49
C PRO B 21 2.44 -31.78 -31.54
N SER B 22 3.46 -31.28 -30.85
CA SER B 22 4.68 -32.04 -30.64
C SER B 22 4.52 -32.93 -29.40
N ALA B 23 5.53 -33.78 -29.17
CA ALA B 23 5.45 -34.74 -28.08
C ALA B 23 5.66 -34.06 -26.73
N GLY B 24 4.97 -34.59 -25.73
CA GLY B 24 5.08 -34.10 -24.36
C GLY B 24 3.80 -33.44 -23.90
N MET B 25 3.49 -33.59 -22.60
CA MET B 25 2.29 -32.98 -22.06
C MET B 25 2.36 -31.46 -22.10
N GLY B 26 3.57 -30.89 -22.10
CA GLY B 26 3.72 -29.45 -22.20
C GLY B 26 3.31 -28.89 -23.55
N HIS B 27 3.27 -29.73 -24.58
CA HIS B 27 2.80 -29.33 -25.91
C HIS B 27 1.39 -29.81 -26.21
N LEU B 28 1.03 -31.01 -25.74
CA LEU B 28 -0.29 -31.55 -26.04
C LEU B 28 -1.39 -30.78 -25.31
N THR B 29 -1.15 -30.40 -24.06
CA THR B 29 -2.17 -29.72 -23.28
C THR B 29 -2.58 -28.38 -23.88
N PRO B 30 -1.68 -27.46 -24.25
CA PRO B 30 -2.15 -26.22 -24.89
C PRO B 30 -2.81 -26.46 -26.24
N PHE B 31 -2.41 -27.50 -26.96
CA PHE B 31 -3.03 -27.78 -28.26
C PHE B 31 -4.45 -28.28 -28.10
N LEU B 32 -4.71 -29.12 -27.09
CA LEU B 32 -6.07 -29.58 -26.86
C LEU B 32 -6.94 -28.46 -26.28
N ARG B 33 -6.34 -27.53 -25.54
CA ARG B 33 -7.12 -26.39 -25.06
C ARG B 33 -7.43 -25.42 -26.20
N LEU B 34 -6.47 -25.22 -27.11
CA LEU B 34 -6.76 -24.43 -28.30
C LEU B 34 -7.83 -25.09 -29.16
N ALA B 35 -7.77 -26.42 -29.29
CA ALA B 35 -8.80 -27.15 -30.02
C ALA B 35 -10.17 -26.90 -29.41
N SER B 36 -10.26 -26.95 -28.08
CA SER B 36 -11.53 -26.64 -27.41
C SER B 36 -12.00 -25.24 -27.73
N LEU B 37 -11.08 -24.27 -27.79
CA LEU B 37 -11.45 -22.90 -28.12
C LEU B 37 -11.99 -22.80 -29.55
N LEU B 38 -11.37 -23.52 -30.48
CA LEU B 38 -11.80 -23.45 -31.87
C LEU B 38 -13.13 -24.16 -32.08
N LEU B 39 -13.40 -25.22 -31.33
CA LEU B 39 -14.69 -25.90 -31.44
C LEU B 39 -15.82 -25.02 -30.93
N HIS B 40 -15.56 -24.21 -29.90
CA HIS B 40 -16.57 -23.27 -29.42
C HIS B 40 -16.90 -22.24 -30.50
N GLN B 41 -15.92 -21.85 -31.31
CA GLN B 41 -16.14 -20.98 -32.46
C GLN B 41 -16.69 -21.73 -33.66
N HIS B 42 -17.16 -22.96 -33.45
CA HIS B 42 -17.86 -23.77 -34.44
C HIS B 42 -16.96 -24.22 -35.59
N CYS B 43 -15.68 -24.40 -35.33
CA CYS B 43 -14.79 -24.99 -36.32
C CYS B 43 -14.88 -26.51 -36.29
N HIS B 44 -14.51 -27.11 -37.42
CA HIS B 44 -14.27 -28.54 -37.49
C HIS B 44 -12.77 -28.77 -37.37
N VAL B 45 -12.37 -29.66 -36.45
CA VAL B 45 -10.97 -29.79 -36.06
C VAL B 45 -10.49 -31.19 -36.42
N THR B 46 -9.40 -31.25 -37.18
CA THR B 46 -8.65 -32.48 -37.39
C THR B 46 -7.42 -32.45 -36.48
N LEU B 47 -7.35 -33.39 -35.56
CA LEU B 47 -6.22 -33.50 -34.64
C LEU B 47 -5.28 -34.57 -35.16
N ILE B 48 -4.11 -34.14 -35.66
CA ILE B 48 -3.09 -35.08 -36.13
C ILE B 48 -2.36 -35.64 -34.92
N THR B 49 -2.33 -36.96 -34.81
CA THR B 49 -1.71 -37.62 -33.67
C THR B 49 -0.55 -38.48 -34.12
N PRO B 50 0.69 -38.09 -33.86
CA PRO B 50 1.83 -38.95 -34.19
C PRO B 50 1.78 -40.24 -33.38
N GLN B 51 1.99 -41.37 -34.05
CA GLN B 51 1.89 -42.68 -33.43
C GLN B 51 3.19 -43.45 -33.63
N PRO B 52 3.61 -44.24 -32.63
CA PRO B 52 2.97 -44.45 -31.32
C PRO B 52 3.21 -43.28 -30.38
N THR B 53 2.18 -42.84 -29.66
CA THR B 53 2.34 -41.74 -28.71
C THR B 53 3.31 -42.15 -27.61
N VAL B 54 4.03 -41.17 -27.09
CA VAL B 54 5.21 -41.46 -26.29
C VAL B 54 4.86 -41.91 -24.89
N SER B 55 3.99 -41.17 -24.19
CA SER B 55 3.74 -41.42 -22.79
C SER B 55 2.28 -41.81 -22.55
N LYS B 56 2.04 -42.50 -21.43
CA LYS B 56 0.69 -42.90 -21.07
C LYS B 56 -0.17 -41.68 -20.75
N ALA B 57 0.43 -40.64 -20.15
CA ALA B 57 -0.33 -39.44 -19.84
C ALA B 57 -0.90 -38.80 -21.11
N GLU B 58 -0.12 -38.82 -22.19
CA GLU B 58 -0.64 -38.36 -23.48
C GLU B 58 -1.76 -39.26 -23.98
N GLU B 59 -1.56 -40.58 -23.86
CA GLU B 59 -2.61 -41.53 -24.26
C GLU B 59 -3.92 -41.23 -23.54
N ASP B 60 -3.86 -41.07 -22.22
CA ASP B 60 -5.07 -40.89 -21.43
C ASP B 60 -5.74 -39.56 -21.73
N LEU B 61 -4.95 -38.49 -21.85
CA LEU B 61 -5.52 -37.18 -22.15
C LEU B 61 -6.17 -37.16 -23.53
N LEU B 62 -5.54 -37.80 -24.52
CA LEU B 62 -6.10 -37.85 -25.86
C LEU B 62 -7.45 -38.56 -25.87
N SER B 63 -7.52 -39.74 -25.25
CA SER B 63 -8.78 -40.48 -25.21
C SER B 63 -9.84 -39.72 -24.44
N ARG B 64 -9.45 -39.08 -23.33
CA ARG B 64 -10.39 -38.25 -22.59
C ARG B 64 -10.86 -37.07 -23.44
N PHE B 65 -9.96 -36.50 -24.25
CA PHE B 65 -10.35 -35.38 -25.10
C PHE B 65 -11.27 -35.82 -26.21
N LEU B 66 -10.90 -36.90 -26.92
CA LEU B 66 -11.73 -37.38 -28.03
C LEU B 66 -13.10 -37.82 -27.55
N SER B 67 -13.18 -38.40 -26.35
CA SER B 67 -14.46 -38.75 -25.78
C SER B 67 -15.32 -37.52 -25.54
N ALA B 68 -14.72 -36.45 -25.03
CA ALA B 68 -15.48 -35.23 -24.76
C ALA B 68 -15.90 -34.53 -26.04
N PHE B 69 -15.10 -34.66 -27.10
CA PHE B 69 -15.39 -34.03 -28.39
C PHE B 69 -15.32 -35.09 -29.49
N PRO B 70 -16.33 -35.96 -29.59
CA PRO B 70 -16.29 -37.01 -30.62
C PRO B 70 -16.41 -36.49 -32.05
N GLN B 71 -16.73 -35.22 -32.25
CA GLN B 71 -16.85 -34.67 -33.59
C GLN B 71 -15.49 -34.34 -34.22
N VAL B 72 -14.42 -34.28 -33.44
CA VAL B 72 -13.11 -33.99 -33.99
C VAL B 72 -12.56 -35.24 -34.65
N ASN B 73 -11.91 -35.05 -35.80
CA ASN B 73 -11.37 -36.16 -36.57
C ASN B 73 -9.91 -36.36 -36.17
N GLN B 74 -9.59 -37.55 -35.66
CA GLN B 74 -8.23 -37.88 -35.29
C GLN B 74 -7.56 -38.54 -36.49
N LEU B 75 -6.55 -37.87 -37.05
CA LEU B 75 -5.77 -38.42 -38.16
C LEU B 75 -4.52 -39.05 -37.58
N HIS B 76 -4.44 -40.38 -37.68
CA HIS B 76 -3.29 -41.10 -37.15
C HIS B 76 -2.10 -40.96 -38.09
N PHE B 77 -0.98 -40.49 -37.55
CA PHE B 77 0.23 -40.19 -38.29
C PHE B 77 1.29 -41.18 -37.83
N HIS B 78 1.32 -42.35 -38.46
CA HIS B 78 2.23 -43.41 -38.04
C HIS B 78 3.67 -43.07 -38.43
N LEU B 79 4.59 -43.30 -37.50
CA LEU B 79 5.98 -42.87 -37.66
C LEU B 79 6.92 -44.07 -37.71
N PRO B 80 7.78 -44.15 -38.72
CA PRO B 80 8.79 -45.22 -38.76
C PRO B 80 9.80 -45.05 -37.63
N PRO B 81 10.61 -46.08 -37.33
CA PRO B 81 11.52 -45.96 -36.17
C PRO B 81 12.75 -45.12 -36.51
N SER B 82 13.04 -44.15 -35.64
CA SER B 82 14.21 -43.31 -35.80
C SER B 82 15.32 -43.81 -34.88
N ASP B 83 16.49 -44.06 -35.45
CA ASP B 83 17.65 -44.46 -34.68
C ASP B 83 18.68 -43.33 -34.75
N SER B 84 18.81 -42.59 -33.65
CA SER B 84 19.69 -41.43 -33.59
C SER B 84 20.81 -41.70 -32.59
N THR B 85 22.02 -41.31 -32.95
CA THR B 85 23.16 -41.38 -32.04
C THR B 85 23.18 -40.23 -31.04
N ILE B 86 22.36 -39.20 -31.25
CA ILE B 86 22.40 -38.02 -30.39
C ILE B 86 21.70 -38.28 -29.07
N SER B 87 20.55 -38.97 -29.10
CA SER B 87 19.79 -39.18 -27.88
C SER B 87 18.91 -40.42 -28.02
N THR B 88 18.70 -41.09 -26.89
CA THR B 88 17.81 -42.23 -26.80
C THR B 88 16.43 -41.85 -26.25
N ASP B 89 16.25 -40.62 -25.81
CA ASP B 89 15.01 -40.20 -25.18
C ASP B 89 13.83 -40.43 -26.11
N PRO B 90 12.75 -41.07 -25.64
CA PRO B 90 11.61 -41.35 -26.53
C PRO B 90 10.95 -40.10 -27.08
N PHE B 91 10.95 -39.00 -26.33
CA PHE B 91 10.38 -37.76 -26.83
C PHE B 91 11.22 -37.18 -27.97
N PHE B 92 12.55 -37.23 -27.83
CA PHE B 92 13.41 -36.77 -28.90
C PHE B 92 13.31 -37.65 -30.14
N LEU B 93 13.04 -38.94 -29.95
CA LEU B 93 13.01 -39.85 -31.08
C LEU B 93 11.75 -39.67 -31.93
N GLN B 94 10.62 -39.30 -31.32
CA GLN B 94 9.47 -38.90 -32.12
C GLN B 94 9.76 -37.62 -32.89
N PHE B 95 10.41 -36.65 -32.22
CA PHE B 95 10.79 -35.41 -32.90
C PHE B 95 11.71 -35.69 -34.07
N ALA B 96 12.65 -36.62 -33.91
CA ALA B 96 13.51 -37.01 -35.01
C ALA B 96 12.71 -37.69 -36.13
N SER B 97 11.71 -38.48 -35.75
CA SER B 97 10.89 -39.17 -36.75
C SER B 97 10.12 -38.16 -37.60
N ILE B 98 9.54 -37.15 -36.96
CA ILE B 98 8.64 -36.24 -37.67
C ILE B 98 9.41 -35.45 -38.73
N ARG B 99 10.58 -34.92 -38.37
CA ARG B 99 11.32 -34.11 -39.34
C ARG B 99 12.08 -34.92 -40.36
N SER B 100 12.00 -36.26 -40.31
CA SER B 100 12.53 -37.10 -41.38
C SER B 100 11.45 -37.82 -42.17
N SER B 101 10.22 -37.90 -41.65
CA SER B 101 9.15 -38.64 -42.29
C SER B 101 7.87 -37.80 -42.41
N SER B 102 8.00 -36.48 -42.48
CA SER B 102 6.83 -35.62 -42.63
C SER B 102 6.27 -35.60 -44.05
N HIS B 103 6.94 -36.24 -45.00
CA HIS B 103 6.39 -36.34 -46.35
C HIS B 103 5.14 -37.21 -46.36
N LEU B 104 5.02 -38.14 -45.42
CA LEU B 104 3.83 -38.98 -45.34
C LEU B 104 2.56 -38.18 -45.07
N LEU B 105 2.69 -36.97 -44.51
CA LEU B 105 1.52 -36.18 -44.15
C LEU B 105 0.80 -35.59 -45.36
N THR B 106 1.52 -35.32 -46.45
CA THR B 106 0.90 -34.61 -47.57
C THR B 106 -0.28 -35.35 -48.18
N PRO B 107 -0.20 -36.65 -48.48
CA PRO B 107 -1.40 -37.34 -48.98
C PRO B 107 -2.55 -37.36 -47.98
N LEU B 108 -2.23 -37.46 -46.69
CA LEU B 108 -3.27 -37.53 -45.68
C LEU B 108 -3.98 -36.19 -45.50
N LEU B 109 -3.31 -35.09 -45.80
CA LEU B 109 -3.88 -33.76 -45.58
C LEU B 109 -4.55 -33.20 -46.82
N SER B 110 -3.98 -33.44 -48.01
CA SER B 110 -4.57 -32.89 -49.23
C SER B 110 -5.87 -33.62 -49.57
N SER B 111 -5.85 -34.94 -49.52
CA SER B 111 -7.06 -35.74 -49.73
C SER B 111 -7.83 -35.81 -48.42
N LEU B 112 -8.59 -34.74 -48.15
CA LEU B 112 -9.27 -34.58 -46.87
C LEU B 112 -10.50 -33.71 -47.07
N THR B 113 -11.62 -34.15 -46.49
CA THR B 113 -12.87 -33.41 -46.61
C THR B 113 -13.47 -33.16 -45.22
N PRO B 114 -14.03 -31.97 -44.97
CA PRO B 114 -14.13 -30.79 -45.87
C PRO B 114 -12.77 -30.19 -46.17
N PRO B 115 -12.65 -29.38 -47.23
CA PRO B 115 -11.35 -28.76 -47.53
C PRO B 115 -10.81 -27.98 -46.34
N LEU B 116 -9.51 -28.15 -46.09
CA LEU B 116 -8.88 -27.50 -44.95
C LEU B 116 -8.88 -25.98 -45.13
N SER B 117 -9.10 -25.27 -44.03
CA SER B 117 -9.07 -23.82 -44.03
C SER B 117 -7.79 -23.25 -43.44
N SER B 118 -7.11 -23.98 -42.56
CA SER B 118 -5.88 -23.51 -41.92
C SER B 118 -5.16 -24.69 -41.29
N PHE B 119 -3.87 -24.49 -41.04
CA PHE B 119 -2.99 -25.52 -40.48
C PHE B 119 -2.19 -24.90 -39.35
N ILE B 120 -2.33 -25.45 -38.15
CA ILE B 120 -1.62 -24.98 -36.97
C ILE B 120 -0.80 -26.13 -36.42
N TYR B 121 0.52 -25.98 -36.42
CA TYR B 121 1.43 -27.02 -35.94
C TYR B 121 2.37 -26.43 -34.90
N ASP B 122 3.07 -27.32 -34.21
CA ASP B 122 3.95 -26.91 -33.12
C ASP B 122 5.18 -26.17 -33.66
N MET B 123 5.61 -25.14 -32.94
CA MET B 123 6.76 -24.35 -33.35
C MET B 123 8.01 -25.20 -33.51
N THR B 124 8.12 -26.28 -32.73
CA THR B 124 9.30 -27.14 -32.82
C THR B 124 9.37 -27.90 -34.14
N LEU B 125 8.26 -28.02 -34.86
CA LEU B 125 8.21 -28.76 -36.11
C LEU B 125 8.17 -27.86 -37.33
N ILE B 126 8.67 -26.63 -37.21
CA ILE B 126 8.48 -25.66 -38.29
C ILE B 126 9.29 -26.05 -39.53
N SER B 127 10.50 -26.57 -39.33
CA SER B 127 11.33 -26.95 -40.49
C SER B 127 10.70 -28.06 -41.32
N PRO B 128 10.28 -29.20 -40.76
CA PRO B 128 9.69 -30.23 -41.62
C PRO B 128 8.31 -29.89 -42.12
N LEU B 129 7.54 -29.12 -41.35
CA LEU B 129 6.13 -28.90 -41.68
C LEU B 129 5.91 -27.69 -42.58
N LEU B 130 6.88 -26.79 -42.70
CA LEU B 130 6.70 -25.62 -43.55
C LEU B 130 6.51 -25.98 -45.01
N PRO B 131 7.33 -26.84 -45.64
CA PRO B 131 7.04 -27.24 -47.03
C PRO B 131 5.75 -28.01 -47.16
N ILE B 132 5.37 -28.80 -46.15
CA ILE B 132 4.09 -29.49 -46.18
C ILE B 132 2.94 -28.49 -46.26
N ALA B 133 2.99 -27.47 -45.39
CA ALA B 133 1.91 -26.49 -45.35
C ALA B 133 1.85 -25.68 -46.65
N GLU B 134 3.01 -25.30 -47.20
CA GLU B 134 3.02 -24.53 -48.43
C GLU B 134 2.49 -25.35 -49.61
N SER B 135 2.64 -26.67 -49.57
CA SER B 135 2.09 -27.52 -50.62
C SER B 135 0.57 -27.63 -50.52
N LEU B 136 0.00 -27.34 -49.35
CA LEU B 136 -1.45 -27.38 -49.16
C LEU B 136 -2.13 -26.07 -49.51
N GLY B 137 -1.39 -24.96 -49.55
CA GLY B 137 -1.94 -23.70 -49.98
C GLY B 137 -2.91 -23.06 -49.02
N VAL B 138 -2.87 -23.43 -47.75
CA VAL B 138 -3.77 -22.86 -46.75
C VAL B 138 -2.98 -21.94 -45.83
N PRO B 139 -3.62 -20.98 -45.17
CA PRO B 139 -2.90 -20.22 -44.13
C PRO B 139 -2.42 -21.15 -43.03
N HIS B 140 -1.11 -21.10 -42.76
CA HIS B 140 -0.50 -21.97 -41.76
C HIS B 140 0.16 -21.14 -40.66
N TYR B 141 0.11 -21.67 -39.44
CA TYR B 141 0.59 -20.96 -38.27
C TYR B 141 1.33 -21.94 -37.37
N ILE B 142 2.15 -21.41 -36.49
CA ILE B 142 2.74 -22.18 -35.41
C ILE B 142 2.01 -21.81 -34.12
N LEU B 143 1.83 -22.80 -33.25
CA LEU B 143 1.45 -22.54 -31.87
C LEU B 143 2.72 -22.69 -31.04
N PHE B 144 3.16 -21.58 -30.45
CA PHE B 144 4.30 -21.59 -29.55
C PHE B 144 3.80 -21.83 -28.14
N THR B 145 4.34 -22.85 -27.47
CA THR B 145 3.83 -23.30 -26.19
C THR B 145 4.50 -22.64 -24.99
N SER B 146 5.38 -21.67 -25.23
CA SER B 146 6.05 -20.97 -24.14
C SER B 146 5.67 -19.49 -24.17
N SER B 147 6.41 -18.68 -23.42
CA SER B 147 6.09 -17.27 -23.26
C SER B 147 6.44 -16.49 -24.52
N ALA B 148 5.74 -15.36 -24.70
CA ALA B 148 6.06 -14.45 -25.80
C ALA B 148 7.47 -13.89 -25.65
N THR B 149 7.95 -13.76 -24.40
CA THR B 149 9.31 -13.30 -24.18
C THR B 149 10.32 -14.34 -24.65
N MET B 150 10.06 -15.62 -24.37
CA MET B 150 10.92 -16.69 -24.89
C MET B 150 10.83 -16.77 -26.40
N PHE B 151 9.65 -16.51 -26.97
CA PHE B 151 9.55 -16.46 -28.43
C PHE B 151 10.36 -15.30 -28.99
N SER B 152 10.37 -14.16 -28.29
CA SER B 152 11.18 -13.04 -28.73
C SER B 152 12.66 -13.41 -28.76
N PHE B 153 13.11 -14.18 -27.77
CA PHE B 153 14.50 -14.65 -27.78
C PHE B 153 14.75 -15.57 -28.97
N PHE B 154 13.80 -16.46 -29.26
CA PHE B 154 13.95 -17.36 -30.40
C PHE B 154 13.97 -16.60 -31.72
N ALA B 155 13.08 -15.62 -31.88
CA ALA B 155 13.06 -14.83 -33.12
C ALA B 155 14.29 -13.96 -33.25
N TYR B 156 14.85 -13.50 -32.14
CA TYR B 156 16.02 -12.62 -32.15
C TYR B 156 17.33 -13.36 -32.27
N PHE B 157 17.32 -14.70 -32.17
CA PHE B 157 18.57 -15.44 -32.02
C PHE B 157 19.52 -15.31 -33.22
N PRO B 158 19.07 -15.36 -34.48
CA PRO B 158 20.03 -15.10 -35.57
C PRO B 158 20.71 -13.75 -35.48
N THR B 159 19.98 -12.72 -35.04
CA THR B 159 20.60 -11.42 -34.84
C THR B 159 21.63 -11.47 -33.72
N LEU B 160 21.33 -12.22 -32.65
CA LEU B 160 22.21 -12.28 -31.50
C LEU B 160 23.47 -13.10 -31.80
N ALA B 161 23.32 -14.19 -32.55
CA ALA B 161 24.46 -15.04 -32.84
C ALA B 161 25.45 -14.40 -33.81
N LYS B 162 25.01 -13.44 -34.60
CA LYS B 162 25.91 -12.74 -35.53
C LYS B 162 26.73 -11.66 -34.86
N SER B 163 26.51 -11.38 -33.59
CA SER B 163 27.30 -10.39 -32.88
C SER B 163 28.67 -10.97 -32.48
N GLU B 164 29.66 -10.08 -32.42
CA GLU B 164 30.98 -10.49 -31.96
C GLU B 164 30.97 -10.86 -30.48
N SER B 165 30.03 -10.29 -29.72
CA SER B 165 29.94 -10.62 -28.30
C SER B 165 29.56 -12.08 -28.09
N PHE B 166 28.86 -12.67 -29.05
CA PHE B 166 28.46 -14.07 -28.94
C PHE B 166 29.65 -14.98 -29.24
N PRO B 167 29.94 -15.97 -28.39
CA PRO B 167 29.23 -16.28 -27.15
C PRO B 167 29.94 -15.79 -25.87
N GLY B 168 31.27 -15.65 -25.89
CA GLY B 168 32.06 -15.35 -24.71
C GLY B 168 31.85 -14.00 -24.04
N LYS B 169 31.86 -12.90 -24.80
CA LYS B 169 31.79 -11.57 -24.20
C LYS B 169 30.42 -11.24 -23.62
N LEU B 170 29.36 -11.82 -24.20
CA LEU B 170 27.99 -11.43 -23.88
C LEU B 170 27.72 -11.47 -22.38
N ASP B 171 27.19 -10.35 -21.88
CA ASP B 171 26.75 -10.24 -20.49
C ASP B 171 25.24 -10.19 -20.34
N PHE B 172 24.55 -9.42 -21.19
CA PHE B 172 23.10 -9.31 -21.16
C PHE B 172 22.58 -9.24 -22.59
N VAL B 173 21.44 -9.89 -22.83
CA VAL B 173 20.76 -9.83 -24.11
C VAL B 173 19.64 -8.79 -23.98
N GLU B 174 19.73 -7.72 -24.75
CA GLU B 174 18.76 -6.64 -24.73
C GLU B 174 17.93 -6.71 -26.01
N ILE B 175 16.75 -7.31 -25.91
CA ILE B 175 15.83 -7.43 -27.05
C ILE B 175 14.88 -6.24 -26.99
N PRO B 176 14.77 -5.46 -28.07
CA PRO B 176 14.05 -4.18 -28.01
C PRO B 176 12.59 -4.30 -27.56
N GLY B 177 12.29 -3.79 -26.37
CA GLY B 177 10.92 -3.58 -25.95
C GLY B 177 10.21 -4.76 -25.34
N VAL B 178 10.91 -5.87 -25.07
CA VAL B 178 10.25 -7.05 -24.54
C VAL B 178 10.08 -6.92 -23.03
N SER B 179 9.30 -7.83 -22.44
CA SER B 179 8.94 -7.74 -21.03
C SER B 179 10.14 -7.93 -20.11
N VAL B 180 11.17 -8.62 -20.55
CA VAL B 180 12.42 -8.74 -19.81
C VAL B 180 13.48 -8.01 -20.63
N SER B 181 13.71 -6.74 -20.28
CA SER B 181 14.56 -5.88 -21.10
C SER B 181 16.01 -6.36 -21.11
N SER B 182 16.47 -6.96 -20.01
CA SER B 182 17.84 -7.46 -19.92
C SER B 182 17.80 -8.92 -19.50
N ILE B 183 18.26 -9.80 -20.38
CA ILE B 183 18.35 -11.23 -20.10
C ILE B 183 19.82 -11.57 -19.87
N PRO B 184 20.22 -11.91 -18.64
CA PRO B 184 21.63 -12.22 -18.40
C PRO B 184 22.03 -13.52 -19.07
N ARG B 185 23.33 -13.64 -19.33
CA ARG B 185 23.89 -14.85 -19.91
C ARG B 185 23.56 -16.08 -19.08
N SER B 186 23.42 -15.91 -17.76
CA SER B 186 23.07 -17.02 -16.87
C SER B 186 21.66 -17.53 -17.08
N SER B 187 20.78 -16.75 -17.73
CA SER B 187 19.42 -17.20 -18.00
C SER B 187 19.28 -17.82 -19.39
N ILE B 188 20.33 -17.77 -20.20
CA ILE B 188 20.25 -18.35 -21.54
C ILE B 188 20.48 -19.85 -21.43
N PRO B 189 19.67 -20.68 -22.07
CA PRO B 189 19.91 -22.13 -22.04
C PRO B 189 21.32 -22.45 -22.49
N PRO B 190 22.06 -23.22 -21.70
CA PRO B 190 23.50 -23.44 -21.95
C PRO B 190 23.79 -23.94 -23.35
N PRO B 191 23.03 -24.89 -23.91
CA PRO B 191 23.33 -25.34 -25.28
C PRO B 191 23.28 -24.22 -26.31
N LEU B 192 22.46 -23.19 -26.10
CA LEU B 192 22.39 -22.08 -27.04
C LEU B 192 23.62 -21.20 -27.01
N LEU B 193 24.52 -21.39 -26.03
CA LEU B 193 25.80 -20.72 -26.00
C LEU B 193 26.90 -21.53 -26.66
N ASP B 194 26.61 -22.75 -27.08
CA ASP B 194 27.57 -23.62 -27.75
C ASP B 194 27.22 -23.68 -29.23
N PRO B 195 28.01 -23.04 -30.11
CA PRO B 195 27.70 -23.10 -31.56
C PRO B 195 27.70 -24.50 -32.15
N ASN B 196 28.23 -25.50 -31.44
CA ASN B 196 28.28 -26.87 -31.93
C ASN B 196 27.11 -27.72 -31.47
N SER B 197 26.25 -27.21 -30.61
CA SER B 197 25.14 -28.00 -30.08
C SER B 197 24.03 -28.13 -31.11
N LEU B 198 23.27 -29.22 -31.00
CA LEU B 198 22.09 -29.40 -31.85
C LEU B 198 21.06 -28.32 -31.58
N PHE B 199 20.87 -27.99 -30.29
CA PHE B 199 19.95 -26.93 -29.90
C PHE B 199 20.26 -25.63 -30.64
N TYR B 200 21.54 -25.23 -30.65
CA TYR B 200 21.95 -24.02 -31.37
C TYR B 200 21.65 -24.14 -32.86
N LYS B 201 21.92 -25.30 -33.45
CA LYS B 201 21.70 -25.48 -34.88
C LYS B 201 20.22 -25.40 -35.23
N LEU B 202 19.35 -26.01 -34.40
CA LEU B 202 17.92 -25.96 -34.65
C LEU B 202 17.39 -24.53 -34.58
N PHE B 203 17.90 -23.74 -33.62
CA PHE B 203 17.48 -22.35 -33.51
C PHE B 203 17.92 -21.55 -34.73
N MET B 204 19.17 -21.72 -35.14
CA MET B 204 19.69 -20.97 -36.29
C MET B 204 18.99 -21.37 -37.59
N GLU B 205 18.50 -22.60 -37.68
CA GLU B 205 17.80 -23.03 -38.88
C GLU B 205 16.33 -22.63 -38.86
N ASP B 206 15.67 -22.78 -37.71
CA ASP B 206 14.23 -22.61 -37.63
C ASP B 206 13.83 -21.13 -37.56
N SER B 207 14.59 -20.32 -36.83
CA SER B 207 14.19 -18.93 -36.61
C SER B 207 14.01 -18.12 -37.90
N PRO B 208 14.90 -18.20 -38.89
CA PRO B 208 14.65 -17.44 -40.13
C PRO B 208 13.40 -17.87 -40.87
N LYS B 209 12.88 -19.07 -40.59
CA LYS B 209 11.69 -19.54 -41.28
C LYS B 209 10.41 -18.90 -40.77
N LEU B 210 10.48 -18.10 -39.69
CA LEU B 210 9.28 -17.46 -39.17
C LEU B 210 8.64 -16.54 -40.21
N LYS B 211 9.45 -15.95 -41.09
CA LYS B 211 8.92 -15.05 -42.10
C LYS B 211 8.00 -15.75 -43.09
N LYS B 212 8.12 -17.08 -43.22
CA LYS B 212 7.26 -17.82 -44.13
C LYS B 212 5.88 -18.10 -43.54
N LEU B 213 5.71 -17.89 -42.24
CA LEU B 213 4.45 -18.22 -41.60
C LEU B 213 3.41 -17.13 -41.81
N HIS B 214 2.16 -17.50 -41.62
CA HIS B 214 1.07 -16.52 -41.65
C HIS B 214 0.85 -15.88 -40.30
N GLY B 215 1.28 -16.52 -39.22
CA GLY B 215 1.11 -15.96 -37.89
C GLY B 215 1.65 -16.90 -36.83
N VAL B 216 1.76 -16.36 -35.62
CA VAL B 216 2.28 -17.07 -34.45
C VAL B 216 1.27 -16.95 -33.32
N LEU B 217 0.87 -18.09 -32.77
CA LEU B 217 -0.06 -18.15 -31.64
C LEU B 217 0.73 -18.45 -30.37
N VAL B 218 0.46 -17.65 -29.33
CA VAL B 218 1.11 -17.80 -28.02
C VAL B 218 0.04 -17.81 -26.95
N ASN B 219 0.15 -18.76 -26.02
CA ASN B 219 -0.73 -18.83 -24.86
C ASN B 219 -0.25 -17.79 -23.84
N THR B 220 -0.59 -16.53 -24.12
CA THR B 220 -0.22 -15.42 -23.26
C THR B 220 -1.26 -14.32 -23.43
N PHE B 221 -1.24 -13.36 -22.50
CA PHE B 221 -2.14 -12.22 -22.54
C PHE B 221 -1.39 -10.98 -22.05
N GLU B 222 -1.98 -9.82 -22.34
CA GLU B 222 -1.34 -8.55 -22.01
C GLU B 222 -1.10 -8.41 -20.52
N GLY B 223 -1.93 -9.03 -19.69
CA GLY B 223 -1.79 -8.93 -18.25
C GLY B 223 -0.47 -9.45 -17.71
N ILE B 224 0.23 -10.29 -18.47
CA ILE B 224 1.51 -10.82 -18.05
C ILE B 224 2.65 -10.50 -19.00
N GLU B 225 2.39 -10.25 -20.29
CA GLU B 225 3.44 -10.00 -21.26
C GLU B 225 3.03 -8.89 -22.22
N LYS B 226 2.68 -7.73 -21.66
CA LYS B 226 2.24 -6.61 -22.48
C LYS B 226 3.36 -6.12 -23.38
N GLU B 227 4.56 -5.92 -22.82
CA GLU B 227 5.66 -5.34 -23.58
C GLU B 227 6.11 -6.28 -24.69
N SER B 228 6.30 -7.56 -24.37
CA SER B 228 6.78 -8.52 -25.37
C SER B 228 5.81 -8.63 -26.54
N LEU B 229 4.50 -8.62 -26.27
CA LEU B 229 3.52 -8.74 -27.34
C LEU B 229 3.53 -7.51 -28.25
N GLU B 230 3.60 -6.31 -27.67
CA GLU B 230 3.66 -5.11 -28.48
C GLU B 230 4.96 -5.04 -29.26
N ALA B 231 6.08 -5.45 -28.66
CA ALA B 231 7.35 -5.41 -29.37
C ALA B 231 7.34 -6.36 -30.55
N LEU B 232 6.76 -7.54 -30.39
CA LEU B 232 6.73 -8.52 -31.47
C LEU B 232 5.85 -8.05 -32.63
N ASN B 233 4.73 -7.40 -32.31
CA ASN B 233 3.78 -6.98 -33.34
C ASN B 233 4.10 -5.61 -33.94
N GLY B 234 4.97 -4.83 -33.33
CA GLY B 234 5.33 -3.54 -33.88
C GLY B 234 6.65 -3.56 -34.63
N GLY B 235 7.04 -4.73 -35.12
CA GLY B 235 8.29 -4.87 -35.85
C GLY B 235 9.53 -4.50 -35.06
N LYS B 236 9.47 -4.52 -33.74
CA LYS B 236 10.62 -4.09 -32.93
C LYS B 236 11.64 -5.21 -32.74
N VAL B 237 11.18 -6.43 -32.53
CA VAL B 237 12.10 -7.53 -32.27
C VAL B 237 12.82 -7.94 -33.54
N VAL B 238 12.05 -8.30 -34.58
CA VAL B 238 12.59 -8.75 -35.85
C VAL B 238 11.79 -8.13 -36.98
N LYS B 239 12.50 -7.67 -38.01
CA LYS B 239 11.84 -7.23 -39.23
C LYS B 239 11.25 -8.42 -39.98
N GLY B 240 10.04 -8.23 -40.50
CA GLY B 240 9.38 -9.26 -41.30
C GLY B 240 8.69 -10.35 -40.51
N LEU B 241 8.47 -10.15 -39.22
CA LEU B 241 7.76 -11.15 -38.42
C LEU B 241 6.28 -11.16 -38.80
N PRO B 242 5.66 -12.32 -38.88
CA PRO B 242 4.21 -12.39 -39.03
C PRO B 242 3.52 -11.92 -37.77
N PRO B 243 2.21 -11.66 -37.81
CA PRO B 243 1.51 -11.23 -36.60
C PRO B 243 1.58 -12.30 -35.50
N VAL B 244 1.67 -11.82 -34.27
CA VAL B 244 1.71 -12.69 -33.09
C VAL B 244 0.42 -12.49 -32.31
N TYR B 245 -0.35 -13.56 -32.15
CA TYR B 245 -1.67 -13.49 -31.53
C TYR B 245 -1.57 -13.99 -30.09
N GLY B 246 -1.74 -13.08 -29.14
CA GLY B 246 -1.87 -13.47 -27.75
C GLY B 246 -3.25 -14.01 -27.47
N VAL B 247 -3.40 -15.34 -27.55
CA VAL B 247 -4.69 -15.99 -27.40
C VAL B 247 -4.86 -16.64 -26.04
N GLY B 248 -3.99 -16.30 -25.09
CA GLY B 248 -4.13 -16.81 -23.74
C GLY B 248 -5.11 -16.00 -22.93
N PRO B 249 -5.40 -16.48 -21.71
CA PRO B 249 -4.90 -17.73 -21.12
C PRO B 249 -5.68 -18.97 -21.58
N PHE B 250 -4.99 -20.07 -21.83
CA PHE B 250 -5.66 -21.34 -22.09
C PHE B 250 -6.10 -21.92 -20.75
N VAL B 251 -7.39 -21.82 -20.46
CA VAL B 251 -7.91 -22.21 -19.15
C VAL B 251 -8.11 -23.73 -19.12
N PRO B 252 -7.98 -24.37 -17.96
CA PRO B 252 -8.17 -25.82 -17.88
C PRO B 252 -9.61 -26.20 -18.25
N CYS B 253 -9.74 -27.32 -18.93
CA CYS B 253 -11.04 -27.79 -19.42
C CYS B 253 -11.45 -29.07 -18.69
N GLU B 254 -12.74 -29.38 -18.80
CA GLU B 254 -13.31 -30.49 -18.07
C GLU B 254 -12.77 -31.83 -18.53
N PHE B 255 -12.45 -31.96 -19.83
CA PHE B 255 -11.97 -33.24 -20.34
C PHE B 255 -10.63 -33.63 -19.74
N GLU B 256 -9.87 -32.66 -19.21
CA GLU B 256 -8.60 -32.97 -18.58
C GLU B 256 -8.78 -33.70 -17.26
N LYS B 257 -9.89 -33.44 -16.56
CA LYS B 257 -10.11 -34.05 -15.26
C LYS B 257 -10.30 -35.55 -15.38
N VAL B 258 -9.49 -36.32 -14.65
CA VAL B 258 -9.60 -37.77 -14.67
C VAL B 258 -10.94 -38.18 -14.08
N VAL B 259 -11.61 -39.13 -14.73
CA VAL B 259 -13.03 -39.42 -14.46
C VAL B 259 -13.21 -39.88 -13.01
N LYS B 260 -12.38 -40.81 -12.56
CA LYS B 260 -12.48 -41.37 -11.21
C LYS B 260 -11.22 -41.03 -10.44
N ARG B 261 -11.28 -39.98 -9.63
CA ARG B 261 -10.22 -39.61 -8.72
C ARG B 261 -10.68 -39.86 -7.28
N GLY B 262 -9.72 -40.20 -6.42
CA GLY B 262 -10.04 -40.51 -5.04
C GLY B 262 -10.56 -39.34 -4.22
N GLU B 263 -10.46 -38.12 -4.75
CA GLU B 263 -10.93 -36.91 -4.07
C GLU B 263 -10.17 -36.64 -2.76
N THR B 264 -9.28 -37.56 -2.38
CA THR B 264 -8.61 -37.46 -1.09
C THR B 264 -7.64 -36.29 -1.02
N ILE B 265 -7.11 -35.83 -2.15
CA ILE B 265 -6.28 -34.63 -2.16
C ILE B 265 -7.14 -33.41 -1.89
N SER B 266 -8.30 -33.32 -2.55
CA SER B 266 -9.22 -32.23 -2.29
C SER B 266 -9.76 -32.29 -0.87
N GLU B 267 -10.05 -33.49 -0.38
CA GLU B 267 -10.50 -33.65 1.00
C GLU B 267 -9.43 -33.21 2.00
N TRP B 268 -8.15 -33.41 1.66
CA TRP B 268 -7.09 -32.96 2.55
C TRP B 268 -6.95 -31.45 2.51
N LEU B 269 -7.07 -30.85 1.32
CA LEU B 269 -7.00 -29.40 1.21
C LEU B 269 -8.15 -28.74 1.97
N ASP B 270 -9.31 -29.38 2.01
CA ASP B 270 -10.46 -28.82 2.72
C ASP B 270 -10.22 -28.71 4.22
N GLU B 271 -9.20 -29.38 4.76
CA GLU B 271 -8.93 -29.38 6.19
C GLU B 271 -7.80 -28.43 6.57
N GLN B 272 -7.30 -27.64 5.62
CA GLN B 272 -6.24 -26.70 5.92
C GLN B 272 -6.77 -25.26 5.88
N PRO B 273 -6.15 -24.35 6.62
CA PRO B 273 -6.57 -22.94 6.54
C PRO B 273 -6.38 -22.39 5.13
N SER B 274 -7.09 -21.31 4.85
CA SER B 274 -7.00 -20.70 3.53
C SER B 274 -5.63 -20.06 3.33
N GLY B 275 -5.06 -20.27 2.14
CA GLY B 275 -3.74 -19.75 1.85
C GLY B 275 -2.63 -20.36 2.66
N SER B 276 -2.82 -21.59 3.15
CA SER B 276 -1.89 -22.17 4.09
C SER B 276 -0.90 -23.14 3.44
N VAL B 277 -1.21 -23.65 2.26
CA VAL B 277 -0.47 -24.75 1.65
C VAL B 277 0.37 -24.24 0.49
N VAL B 278 1.63 -24.63 0.46
CA VAL B 278 2.48 -24.39 -0.70
C VAL B 278 2.47 -25.64 -1.56
N TYR B 279 2.15 -25.46 -2.84
CA TYR B 279 2.07 -26.57 -3.79
C TYR B 279 3.36 -26.63 -4.59
N VAL B 280 3.93 -27.83 -4.69
CA VAL B 280 5.24 -28.04 -5.32
C VAL B 280 5.07 -29.03 -6.46
N SER B 281 5.42 -28.62 -7.66
CA SER B 281 5.47 -29.49 -8.83
C SER B 281 6.56 -28.99 -9.76
N PHE B 282 7.43 -29.91 -10.19
CA PHE B 282 8.52 -29.57 -11.10
C PHE B 282 8.23 -30.00 -12.53
N GLY B 283 6.97 -30.24 -12.86
CA GLY B 283 6.56 -30.40 -14.25
C GLY B 283 5.99 -31.75 -14.59
N SER B 284 5.92 -32.04 -15.90
CA SER B 284 5.35 -33.31 -16.35
C SER B 284 6.26 -34.49 -16.03
N ARG B 285 7.57 -34.28 -16.01
CA ARG B 285 8.53 -35.35 -15.79
C ARG B 285 9.60 -34.88 -14.80
N THR B 286 10.30 -35.85 -14.23
CA THR B 286 11.38 -35.53 -13.30
C THR B 286 12.61 -35.07 -14.06
N ALA B 287 13.11 -33.89 -13.68
CA ALA B 287 14.37 -33.40 -14.20
C ALA B 287 15.31 -33.06 -13.06
N MET B 288 15.18 -33.75 -11.92
CA MET B 288 15.91 -33.40 -10.71
C MET B 288 16.57 -34.67 -10.14
N GLY B 289 17.84 -34.53 -9.74
CA GLY B 289 18.58 -35.66 -9.22
C GLY B 289 18.19 -36.05 -7.82
N ARG B 290 18.66 -37.22 -7.39
CA ARG B 290 18.26 -37.77 -6.10
C ARG B 290 18.74 -36.90 -4.94
N GLU B 291 20.01 -36.50 -4.96
CA GLU B 291 20.55 -35.69 -3.88
C GLU B 291 19.79 -34.38 -3.74
N GLN B 292 19.39 -33.78 -4.88
CA GLN B 292 18.62 -32.55 -4.83
C GLN B 292 17.21 -32.80 -4.30
N LEU B 293 16.64 -33.98 -4.59
CA LEU B 293 15.27 -34.26 -4.16
C LEU B 293 15.18 -34.40 -2.65
N ARG B 294 16.20 -35.02 -2.02
CA ARG B 294 16.25 -35.07 -0.56
C ARG B 294 16.21 -33.67 0.02
N GLU B 295 17.08 -32.80 -0.49
CA GLU B 295 17.15 -31.42 0.00
C GLU B 295 15.82 -30.69 -0.16
N VAL B 296 15.05 -31.04 -1.20
CA VAL B 296 13.73 -30.45 -1.38
C VAL B 296 12.81 -30.84 -0.22
N GLY B 297 12.72 -32.14 0.05
CA GLY B 297 11.90 -32.60 1.16
C GLY B 297 12.36 -32.06 2.49
N ASP B 298 13.68 -31.94 2.66
CA ASP B 298 14.21 -31.35 3.89
C ASP B 298 13.85 -29.88 3.98
N GLY B 299 13.85 -29.17 2.85
CA GLY B 299 13.47 -27.77 2.87
C GLY B 299 11.99 -27.55 3.16
N LEU B 300 11.14 -28.45 2.66
CA LEU B 300 9.71 -28.33 2.92
C LEU B 300 9.39 -28.56 4.39
N VAL B 301 10.06 -29.51 5.03
CA VAL B 301 9.82 -29.76 6.45
C VAL B 301 10.34 -28.61 7.30
N LYS B 302 11.53 -28.10 6.97
CA LYS B 302 12.13 -27.02 7.75
C LYS B 302 11.35 -25.71 7.61
N SER B 303 10.63 -25.53 6.50
CA SER B 303 9.94 -24.26 6.27
C SER B 303 8.83 -24.03 7.30
N GLY B 304 8.27 -25.10 7.84
CA GLY B 304 7.17 -25.00 8.78
C GLY B 304 5.82 -24.79 8.16
N TRP B 305 5.73 -24.69 6.85
CA TRP B 305 4.47 -24.47 6.16
C TRP B 305 3.88 -25.79 5.70
N ARG B 306 2.55 -25.82 5.61
CA ARG B 306 1.88 -26.95 4.98
C ARG B 306 2.25 -27.03 3.50
N PHE B 307 2.37 -28.25 2.99
CA PHE B 307 2.79 -28.40 1.60
C PHE B 307 2.13 -29.62 0.97
N LEU B 308 1.92 -29.54 -0.34
CA LEU B 308 1.50 -30.66 -1.18
C LEU B 308 2.52 -30.80 -2.30
N TRP B 309 3.38 -31.81 -2.19
CA TRP B 309 4.47 -32.01 -3.14
C TRP B 309 4.09 -33.15 -4.09
N VAL B 310 4.01 -32.83 -5.38
CA VAL B 310 3.71 -33.82 -6.41
C VAL B 310 5.00 -34.22 -7.08
N VAL B 311 5.38 -35.48 -6.95
CA VAL B 311 6.58 -36.02 -7.59
C VAL B 311 6.16 -36.91 -8.74
N LYS B 312 7.08 -37.12 -9.68
CA LYS B 312 6.84 -37.97 -10.83
C LYS B 312 7.75 -39.18 -10.77
N ASP B 313 7.42 -40.18 -11.60
CA ASP B 313 8.30 -41.34 -11.73
C ASP B 313 9.62 -40.90 -12.35
N LYS B 314 10.72 -41.37 -11.75
CA LYS B 314 12.06 -41.01 -12.21
C LYS B 314 12.22 -41.22 -13.71
N ILE B 315 11.74 -42.35 -14.22
CA ILE B 315 11.68 -42.62 -15.64
C ILE B 315 10.21 -42.75 -16.03
N VAL B 316 9.84 -42.14 -17.16
CA VAL B 316 8.44 -42.11 -17.57
C VAL B 316 7.94 -43.53 -17.84
N ASP B 317 6.78 -43.85 -17.26
CA ASP B 317 6.07 -45.13 -17.45
C ASP B 317 6.89 -46.33 -16.95
N ARG B 318 7.85 -46.09 -16.06
CA ARG B 318 8.66 -47.13 -15.44
C ARG B 318 8.55 -46.94 -13.93
N ALA B 319 7.49 -47.49 -13.35
CA ALA B 319 7.29 -47.40 -11.90
C ALA B 319 8.34 -48.21 -11.16
N GLU B 320 8.61 -47.80 -9.92
CA GLU B 320 9.59 -48.46 -9.07
C GLU B 320 8.99 -48.65 -7.68
N GLU B 321 9.52 -49.64 -6.98
CA GLU B 321 9.09 -49.98 -5.63
C GLU B 321 9.89 -49.25 -4.55
N GLU B 322 10.73 -48.29 -4.93
CA GLU B 322 11.50 -47.53 -3.95
C GLU B 322 10.57 -46.74 -3.04
N GLY B 323 10.85 -46.79 -1.74
CA GLY B 323 10.03 -46.06 -0.80
C GLY B 323 10.34 -44.58 -0.78
N LEU B 324 9.42 -43.82 -0.15
CA LEU B 324 9.66 -42.39 0.02
C LEU B 324 10.89 -42.14 0.87
N ASP B 325 11.18 -43.02 1.83
CA ASP B 325 12.43 -42.96 2.56
C ASP B 325 13.62 -43.44 1.74
N GLY B 326 13.39 -44.14 0.63
CA GLY B 326 14.47 -44.39 -0.31
C GLY B 326 14.93 -43.11 -0.98
N VAL B 327 13.97 -42.31 -1.45
CA VAL B 327 14.30 -41.01 -2.04
C VAL B 327 14.77 -40.05 -0.95
N LEU B 328 13.89 -39.78 0.03
CA LEU B 328 14.12 -38.70 0.98
C LEU B 328 14.89 -39.11 2.23
N GLY B 329 14.90 -40.38 2.58
CA GLY B 329 15.52 -40.75 3.84
C GLY B 329 14.47 -40.97 4.92
N PHE B 330 14.73 -41.95 5.80
CA PHE B 330 13.73 -42.36 6.78
C PHE B 330 13.39 -41.24 7.75
N GLU B 331 14.40 -40.63 8.38
CA GLU B 331 14.14 -39.63 9.41
C GLU B 331 13.33 -38.46 8.86
N LEU B 332 13.61 -38.05 7.63
CA LEU B 332 12.83 -36.99 7.00
C LEU B 332 11.36 -37.39 6.86
N VAL B 333 11.11 -38.65 6.50
CA VAL B 333 9.75 -39.12 6.33
C VAL B 333 9.05 -39.23 7.68
N GLU B 334 9.75 -39.73 8.70
CA GLU B 334 9.16 -39.86 10.02
C GLU B 334 8.79 -38.49 10.59
N ARG B 335 9.72 -37.54 10.50
CA ARG B 335 9.42 -36.18 10.95
C ARG B 335 8.24 -35.58 10.20
N MET B 336 8.07 -35.97 8.94
CA MET B 336 6.97 -35.44 8.15
C MET B 336 5.63 -35.94 8.67
N VAL B 337 5.50 -37.24 8.90
CA VAL B 337 4.22 -37.79 9.34
C VAL B 337 3.91 -37.37 10.77
N LYS B 338 4.94 -37.04 11.56
CA LYS B 338 4.70 -36.55 12.91
C LYS B 338 4.08 -35.15 12.90
N GLU B 339 4.64 -34.24 12.09
CA GLU B 339 4.22 -32.85 12.13
C GLU B 339 2.89 -32.62 11.42
N LYS B 340 2.44 -33.56 10.58
CA LYS B 340 1.12 -33.60 9.97
C LYS B 340 0.90 -32.54 8.90
N LYS B 341 1.94 -31.85 8.44
CA LYS B 341 1.75 -30.68 7.60
C LYS B 341 1.88 -30.95 6.11
N GLY B 342 2.33 -32.13 5.70
CA GLY B 342 2.65 -32.30 4.30
C GLY B 342 2.24 -33.59 3.63
N LEU B 343 1.82 -33.49 2.38
CA LEU B 343 1.54 -34.64 1.51
C LEU B 343 2.61 -34.76 0.45
N VAL B 344 3.01 -35.99 0.14
CA VAL B 344 3.85 -36.28 -1.02
C VAL B 344 3.17 -37.38 -1.82
N VAL B 345 2.85 -37.10 -3.08
CA VAL B 345 2.15 -38.04 -3.94
C VAL B 345 2.95 -38.25 -5.21
N LYS B 346 2.95 -39.48 -5.70
CA LYS B 346 3.61 -39.85 -6.96
C LYS B 346 2.49 -40.31 -7.90
N GLU B 347 1.92 -39.36 -8.63
CA GLU B 347 0.80 -39.62 -9.53
C GLU B 347 0.57 -38.37 -10.37
N TRP B 348 -0.27 -38.53 -11.39
CA TRP B 348 -0.71 -37.40 -12.20
C TRP B 348 -1.93 -36.77 -11.54
N VAL B 349 -1.74 -35.61 -10.93
CA VAL B 349 -2.81 -34.95 -10.19
C VAL B 349 -3.55 -33.99 -11.11
N ASP B 350 -4.76 -33.62 -10.69
CA ASP B 350 -5.51 -32.52 -11.32
C ASP B 350 -4.93 -31.22 -10.78
N GLN B 351 -3.92 -30.69 -11.47
CA GLN B 351 -3.23 -29.51 -10.97
C GLN B 351 -4.15 -28.29 -10.90
N SER B 352 -5.15 -28.22 -11.80
CA SER B 352 -6.06 -27.07 -11.77
C SER B 352 -6.93 -27.08 -10.53
N GLU B 353 -7.38 -28.27 -10.11
CA GLU B 353 -8.14 -28.38 -8.86
C GLU B 353 -7.32 -27.93 -7.67
N ILE B 354 -6.00 -28.14 -7.72
CA ILE B 354 -5.14 -27.75 -6.61
C ILE B 354 -4.91 -26.24 -6.60
N LEU B 355 -4.51 -25.68 -7.75
CA LEU B 355 -4.24 -24.24 -7.80
C LEU B 355 -5.50 -23.42 -7.58
N GLY B 356 -6.66 -23.97 -7.91
CA GLY B 356 -7.92 -23.27 -7.69
C GLY B 356 -8.44 -23.34 -6.28
N HIS B 357 -7.85 -24.17 -5.43
CA HIS B 357 -8.32 -24.33 -4.06
C HIS B 357 -7.81 -23.19 -3.18
N LYS B 358 -8.71 -22.65 -2.35
CA LYS B 358 -8.35 -21.50 -1.52
C LYS B 358 -7.34 -21.84 -0.44
N ALA B 359 -7.10 -23.11 -0.15
CA ALA B 359 -6.08 -23.47 0.82
C ALA B 359 -4.67 -23.27 0.30
N VAL B 360 -4.49 -23.21 -1.01
CA VAL B 360 -3.17 -23.05 -1.63
C VAL B 360 -2.84 -21.55 -1.69
N GLY B 361 -1.70 -21.18 -1.10
CA GLY B 361 -1.29 -19.79 -1.09
C GLY B 361 0.01 -19.54 -1.83
N GLY B 362 0.63 -20.61 -2.33
CA GLY B 362 1.88 -20.48 -3.05
C GLY B 362 2.14 -21.67 -3.95
N PHE B 363 2.99 -21.46 -4.94
CA PHE B 363 3.25 -22.46 -5.97
C PHE B 363 4.76 -22.49 -6.23
N VAL B 364 5.42 -23.57 -5.82
CA VAL B 364 6.81 -23.80 -6.17
C VAL B 364 6.83 -24.52 -7.51
N SER B 365 7.26 -23.82 -8.55
CA SER B 365 7.14 -24.30 -9.92
C SER B 365 8.48 -24.18 -10.63
N HIS B 366 8.76 -25.17 -11.49
CA HIS B 366 9.89 -25.04 -12.40
C HIS B 366 9.63 -24.00 -13.48
N CYS B 367 8.42 -23.43 -13.52
CA CYS B 367 8.03 -22.37 -14.44
C CYS B 367 7.89 -22.86 -15.88
N GLY B 368 7.41 -24.09 -16.05
CA GLY B 368 6.95 -24.50 -17.35
C GLY B 368 5.78 -23.59 -17.69
N TRP B 369 5.66 -23.20 -18.95
CA TRP B 369 4.77 -22.07 -19.24
C TRP B 369 3.31 -22.41 -19.03
N ASN B 370 2.91 -23.66 -19.22
CA ASN B 370 1.53 -24.03 -18.96
C ASN B 370 1.17 -23.86 -17.50
N SER B 371 2.09 -24.23 -16.60
CA SER B 371 1.84 -24.07 -15.18
C SER B 371 1.87 -22.60 -14.76
N VAL B 372 2.66 -21.77 -15.45
CA VAL B 372 2.70 -20.35 -15.13
C VAL B 372 1.36 -19.69 -15.48
N VAL B 373 0.82 -20.02 -16.65
CA VAL B 373 -0.44 -19.43 -17.08
C VAL B 373 -1.58 -19.87 -16.17
N GLU B 374 -1.57 -21.13 -15.73
CA GLU B 374 -2.60 -21.63 -14.82
C GLU B 374 -2.54 -20.91 -13.48
N ALA B 375 -1.33 -20.71 -12.95
CA ALA B 375 -1.19 -19.95 -11.70
C ALA B 375 -1.68 -18.51 -11.87
N ALA B 376 -1.42 -17.92 -13.03
CA ALA B 376 -1.97 -16.60 -13.32
C ALA B 376 -3.49 -16.63 -13.35
N TRP B 377 -4.06 -17.67 -13.98
CA TRP B 377 -5.51 -17.81 -14.04
C TRP B 377 -6.14 -17.91 -12.65
N PHE B 378 -5.48 -18.60 -11.73
CA PHE B 378 -5.98 -18.80 -10.37
C PHE B 378 -5.41 -17.80 -9.37
N GLY B 379 -4.51 -16.92 -9.81
CA GLY B 379 -3.95 -15.89 -8.95
C GLY B 379 -3.14 -16.44 -7.81
N VAL B 380 -2.23 -17.36 -8.09
CA VAL B 380 -1.38 -18.00 -7.10
C VAL B 380 0.04 -17.49 -7.30
N PRO B 381 0.67 -16.85 -6.31
CA PRO B 381 2.06 -16.42 -6.47
C PRO B 381 3.00 -17.61 -6.58
N ILE B 382 4.12 -17.39 -7.28
CA ILE B 382 5.02 -18.46 -7.67
C ILE B 382 6.37 -18.25 -7.01
N LEU B 383 6.93 -19.32 -6.45
CA LEU B 383 8.34 -19.40 -6.13
C LEU B 383 8.98 -20.19 -7.27
N GLY B 384 9.67 -19.48 -8.16
CA GLY B 384 10.23 -20.11 -9.34
C GLY B 384 11.50 -20.87 -9.00
N TRP B 385 11.55 -22.13 -9.43
CA TRP B 385 12.78 -22.94 -9.37
C TRP B 385 13.06 -23.44 -10.78
N PRO B 386 13.52 -22.55 -11.67
CA PRO B 386 13.75 -22.97 -13.06
C PRO B 386 14.89 -23.97 -13.15
N LEU B 387 14.73 -24.95 -14.04
CA LEU B 387 15.67 -26.06 -14.13
C LEU B 387 16.41 -26.15 -15.45
N HIS B 388 15.71 -26.00 -16.58
N HIS B 388 15.72 -25.93 -16.57
CA HIS B 388 16.33 -26.14 -17.90
CA HIS B 388 16.34 -26.08 -17.88
C HIS B 388 15.62 -25.22 -18.89
C HIS B 388 15.59 -25.27 -18.91
N GLY B 389 16.23 -25.06 -20.05
CA GLY B 389 15.57 -24.43 -21.19
C GLY B 389 15.09 -23.03 -20.92
N ASP B 390 13.82 -22.78 -21.26
CA ASP B 390 13.18 -21.46 -21.20
C ASP B 390 12.82 -21.04 -19.79
N GLN B 391 13.06 -21.88 -18.78
CA GLN B 391 12.39 -21.70 -17.50
C GLN B 391 12.93 -20.49 -16.74
N LYS B 392 14.22 -20.18 -16.89
CA LYS B 392 14.78 -18.99 -16.24
C LYS B 392 14.21 -17.72 -16.87
N ILE B 393 13.95 -17.74 -18.18
CA ILE B 393 13.32 -16.58 -18.81
C ILE B 393 11.86 -16.48 -18.40
N ASN B 394 11.17 -17.62 -18.30
CA ASN B 394 9.77 -17.59 -17.84
C ASN B 394 9.67 -17.10 -16.40
N ALA B 395 10.61 -17.52 -15.55
CA ALA B 395 10.57 -17.10 -14.15
C ALA B 395 10.75 -15.61 -14.02
N GLU B 396 11.60 -15.01 -14.86
CA GLU B 396 11.81 -13.56 -14.82
C GLU B 396 10.64 -12.79 -15.43
N VAL B 397 9.89 -13.41 -16.34
CA VAL B 397 8.63 -12.82 -16.80
C VAL B 397 7.68 -12.68 -15.61
N VAL B 398 7.59 -13.73 -14.80
CA VAL B 398 6.76 -13.66 -13.60
C VAL B 398 7.33 -12.66 -12.61
N ALA B 399 8.65 -12.68 -12.40
CA ALA B 399 9.26 -11.76 -11.44
C ALA B 399 9.08 -10.31 -11.86
N LYS B 400 9.24 -10.02 -13.16
CA LYS B 400 8.98 -8.67 -13.66
C LYS B 400 7.54 -8.24 -13.41
N GLY B 401 6.59 -9.18 -13.43
CA GLY B 401 5.22 -8.83 -13.15
C GLY B 401 4.93 -8.63 -11.68
N GLY B 402 5.85 -9.03 -10.82
CA GLY B 402 5.74 -8.80 -9.40
C GLY B 402 4.87 -9.78 -8.64
N TRP B 403 4.46 -10.88 -9.27
CA TRP B 403 3.66 -11.91 -8.59
C TRP B 403 4.44 -13.20 -8.42
N GLY B 404 5.77 -13.13 -8.49
CA GLY B 404 6.63 -14.28 -8.30
C GLY B 404 8.05 -13.87 -7.99
N VAL B 405 8.81 -14.83 -7.47
CA VAL B 405 10.20 -14.64 -7.05
C VAL B 405 10.98 -15.90 -7.37
N TRP B 406 12.24 -15.74 -7.77
CA TRP B 406 13.12 -16.87 -7.95
C TRP B 406 14.53 -16.47 -7.56
N LYS B 407 15.32 -17.48 -7.15
CA LYS B 407 16.70 -17.28 -6.71
C LYS B 407 17.63 -17.56 -7.88
N GLU B 408 18.23 -16.50 -8.42
CA GLU B 408 19.08 -16.63 -9.60
C GLU B 408 20.38 -17.36 -9.30
N GLY B 409 20.79 -17.44 -8.04
CA GLY B 409 22.00 -18.12 -7.63
C GLY B 409 21.88 -19.62 -7.43
N TRP B 410 20.66 -20.17 -7.50
CA TRP B 410 20.52 -21.61 -7.38
C TRP B 410 21.08 -22.35 -8.59
N GLY B 411 20.99 -21.76 -9.77
CA GLY B 411 21.61 -22.30 -10.96
C GLY B 411 20.71 -23.29 -11.70
N TRP B 412 21.15 -23.65 -12.91
CA TRP B 412 20.51 -24.72 -13.64
C TRP B 412 20.59 -26.02 -12.84
N GLU B 413 19.73 -26.97 -13.17
CA GLU B 413 19.67 -28.21 -12.41
C GLU B 413 21.00 -28.95 -12.50
N GLY B 414 21.53 -29.33 -11.34
CA GLY B 414 22.78 -30.07 -11.24
C GLY B 414 24.03 -29.21 -11.15
N GLU B 415 23.92 -27.90 -11.36
CA GLU B 415 25.09 -27.03 -11.25
C GLU B 415 25.64 -27.05 -9.83
N ARG B 416 24.77 -26.95 -8.84
CA ARG B 416 25.16 -27.07 -7.44
C ARG B 416 23.99 -27.66 -6.66
N LEU B 417 24.28 -28.04 -5.42
CA LEU B 417 23.25 -28.56 -4.52
C LEU B 417 22.62 -27.39 -3.76
N VAL B 418 21.33 -27.21 -3.93
CA VAL B 418 20.58 -26.19 -3.18
C VAL B 418 20.15 -26.81 -1.86
N LYS B 419 20.63 -26.23 -0.75
CA LYS B 419 20.45 -26.83 0.56
C LYS B 419 19.01 -26.66 1.05
N GLY B 420 18.62 -27.53 1.98
CA GLY B 420 17.27 -27.47 2.51
C GLY B 420 16.97 -26.19 3.26
N GLU B 421 18.00 -25.57 3.84
CA GLU B 421 17.77 -24.33 4.57
C GLU B 421 17.55 -23.16 3.61
N GLU B 422 18.26 -23.13 2.47
CA GLU B 422 17.97 -22.13 1.45
C GLU B 422 16.54 -22.28 0.94
N ILE B 423 16.11 -23.52 0.71
CA ILE B 423 14.78 -23.77 0.18
C ILE B 423 13.72 -23.35 1.19
N ALA B 424 13.93 -23.69 2.46
CA ALA B 424 12.95 -23.34 3.49
C ALA B 424 12.80 -21.82 3.63
N GLU B 425 13.91 -21.09 3.57
CA GLU B 425 13.84 -19.64 3.71
C GLU B 425 13.16 -18.99 2.50
N ALA B 426 13.35 -19.55 1.31
CA ALA B 426 12.66 -19.02 0.14
C ALA B 426 11.16 -19.29 0.22
N ILE B 427 10.78 -20.46 0.71
CA ILE B 427 9.36 -20.79 0.88
C ILE B 427 8.71 -19.83 1.85
N ARG B 428 9.34 -19.63 3.01
CA ARG B 428 8.79 -18.71 4.01
C ARG B 428 8.71 -17.28 3.47
N GLU B 429 9.64 -16.91 2.58
CA GLU B 429 9.58 -15.57 1.99
C GLU B 429 8.35 -15.41 1.11
N VAL B 430 8.10 -16.37 0.22
CA VAL B 430 7.00 -16.24 -0.72
C VAL B 430 5.66 -16.37 -0.01
N MET B 431 5.56 -17.30 0.95
CA MET B 431 4.29 -17.54 1.62
C MET B 431 3.87 -16.40 2.55
N ASN B 432 4.80 -15.56 2.97
CA ASN B 432 4.51 -14.44 3.86
C ASN B 432 4.44 -13.11 3.14
N ASP B 433 4.68 -13.07 1.82
CA ASP B 433 4.75 -11.82 1.08
C ASP B 433 3.36 -11.49 0.53
N GLU B 434 2.67 -10.55 1.19
CA GLU B 434 1.36 -10.13 0.70
C GLU B 434 1.47 -9.30 -0.58
N SER B 435 2.62 -8.71 -0.86
CA SER B 435 2.80 -7.98 -2.11
C SER B 435 2.69 -8.89 -3.32
N LEU B 436 3.32 -10.07 -3.24
CA LEU B 436 3.20 -11.04 -4.32
C LEU B 436 1.76 -11.51 -4.47
N ARG B 437 1.07 -11.77 -3.35
CA ARG B 437 -0.30 -12.25 -3.41
C ARG B 437 -1.23 -11.20 -4.02
N MET B 438 -1.06 -9.93 -3.64
CA MET B 438 -1.91 -8.88 -4.18
C MET B 438 -1.67 -8.69 -5.67
N LYS B 439 -0.41 -8.81 -6.11
CA LYS B 439 -0.13 -8.68 -7.54
C LYS B 439 -0.66 -9.87 -8.31
N ALA B 440 -0.60 -11.07 -7.72
CA ALA B 440 -1.17 -12.25 -8.35
C ALA B 440 -2.68 -12.12 -8.51
N THR B 441 -3.34 -11.50 -7.54
CA THR B 441 -4.78 -11.27 -7.66
C THR B 441 -5.09 -10.31 -8.80
N GLN B 442 -4.20 -9.33 -9.02
CA GLN B 442 -4.37 -8.42 -10.15
C GLN B 442 -4.15 -9.14 -11.47
N VAL B 443 -3.12 -10.00 -11.54
CA VAL B 443 -2.92 -10.81 -12.73
C VAL B 443 -4.12 -11.70 -12.98
N LYS B 444 -4.71 -12.25 -11.91
CA LYS B 444 -5.91 -13.06 -12.07
C LYS B 444 -7.07 -12.26 -12.66
N LYS B 445 -7.23 -11.01 -12.20
CA LYS B 445 -8.32 -10.18 -12.71
C LYS B 445 -8.14 -9.89 -14.21
N ASP B 446 -6.90 -9.65 -14.63
CA ASP B 446 -6.63 -9.47 -16.05
C ASP B 446 -6.82 -10.77 -16.82
N ALA B 447 -6.47 -11.91 -16.22
CA ALA B 447 -6.68 -13.19 -16.88
C ALA B 447 -8.16 -13.46 -17.08
N ARG B 448 -8.99 -13.09 -16.10
CA ARG B 448 -10.44 -13.27 -16.25
C ARG B 448 -11.00 -12.34 -17.32
N LYS B 449 -10.49 -11.09 -17.38
CA LYS B 449 -10.94 -10.17 -18.41
C LYS B 449 -10.57 -10.65 -19.81
N ALA B 450 -9.44 -11.33 -19.94
CA ALA B 450 -8.97 -11.73 -21.27
C ALA B 450 -9.92 -12.71 -21.93
N ILE B 451 -10.61 -13.56 -21.15
CA ILE B 451 -11.50 -14.56 -21.72
C ILE B 451 -12.96 -14.16 -21.63
N SER B 452 -13.25 -12.92 -21.20
CA SER B 452 -14.62 -12.44 -21.16
C SER B 452 -15.08 -12.03 -22.56
N VAL B 453 -16.33 -11.59 -22.65
CA VAL B 453 -16.87 -11.15 -23.94
C VAL B 453 -16.17 -9.86 -24.37
N GLY B 454 -15.75 -9.82 -25.62
CA GLY B 454 -14.98 -8.69 -26.12
C GLY B 454 -13.58 -8.58 -25.55
N GLY B 455 -13.13 -9.59 -24.79
CA GLY B 455 -11.79 -9.57 -24.25
C GLY B 455 -10.73 -9.91 -25.29
N SER B 456 -9.47 -9.84 -24.85
CA SER B 456 -8.36 -9.96 -25.79
C SER B 456 -8.36 -11.31 -26.49
N GLN B 457 -8.73 -12.38 -25.77
CA GLN B 457 -8.73 -13.70 -26.38
C GLN B 457 -9.76 -13.80 -27.49
N GLU B 458 -10.99 -13.31 -27.23
CA GLU B 458 -12.01 -13.34 -28.28
C GLU B 458 -11.61 -12.46 -29.45
N VAL B 459 -11.05 -11.28 -29.17
CA VAL B 459 -10.61 -10.38 -30.24
C VAL B 459 -9.55 -11.05 -31.09
N ALA B 460 -8.55 -11.67 -30.45
CA ALA B 460 -7.47 -12.31 -31.18
C ALA B 460 -7.97 -13.50 -31.99
N LEU B 461 -8.93 -14.24 -31.44
CA LEU B 461 -9.48 -15.39 -32.16
C LEU B 461 -10.25 -14.94 -33.39
N GLN B 462 -11.11 -13.93 -33.24
CA GLN B 462 -11.87 -13.42 -34.39
C GLN B 462 -10.93 -12.90 -35.47
N LYS B 463 -9.85 -12.22 -35.07
CA LYS B 463 -8.86 -11.76 -36.02
C LYS B 463 -8.20 -12.90 -36.77
N LEU B 464 -8.05 -14.06 -36.12
CA LEU B 464 -7.58 -15.24 -36.83
C LEU B 464 -8.66 -15.79 -37.74
N MET B 465 -9.88 -15.90 -37.23
CA MET B 465 -10.99 -16.50 -37.99
C MET B 465 -11.42 -15.64 -39.16
N GLU B 466 -11.06 -14.35 -39.19
CA GLU B 466 -11.48 -13.48 -40.28
C GLU B 466 -10.89 -13.95 -41.61
N VAL B 467 -9.65 -14.45 -41.59
CA VAL B 467 -8.99 -14.85 -42.83
C VAL B 467 -9.55 -16.18 -43.30
N TRP B 468 -9.82 -17.09 -42.36
CA TRP B 468 -10.19 -18.45 -42.73
C TRP B 468 -11.51 -18.49 -43.49
N LYS B 469 -12.53 -17.83 -42.95
CA LYS B 469 -13.80 -17.62 -43.64
C LYS B 469 -14.70 -16.68 -42.84
N VAL C 14 -45.79 -27.80 -23.44
CA VAL C 14 -45.09 -26.72 -22.76
C VAL C 14 -45.72 -26.47 -21.39
N VAL C 15 -44.89 -26.50 -20.35
CA VAL C 15 -45.34 -26.26 -18.98
C VAL C 15 -45.28 -24.76 -18.69
N HIS C 16 -46.37 -24.22 -18.15
CA HIS C 16 -46.49 -22.80 -17.87
C HIS C 16 -46.71 -22.60 -16.37
N VAL C 17 -45.77 -21.94 -15.71
CA VAL C 17 -45.83 -21.69 -14.28
C VAL C 17 -46.05 -20.21 -14.04
N ALA C 18 -46.98 -19.89 -13.14
CA ALA C 18 -47.20 -18.52 -12.70
C ALA C 18 -46.63 -18.37 -11.29
N LEU C 19 -45.87 -17.30 -11.07
CA LEU C 19 -45.20 -17.03 -9.80
C LEU C 19 -45.69 -15.71 -9.24
N LEU C 20 -46.04 -15.71 -7.95
CA LEU C 20 -46.50 -14.50 -7.27
C LEU C 20 -45.75 -14.32 -5.95
N PRO C 21 -44.76 -13.43 -5.91
CA PRO C 21 -44.10 -13.11 -4.65
C PRO C 21 -44.81 -11.98 -3.90
N SER C 22 -44.56 -11.94 -2.59
CA SER C 22 -44.99 -10.81 -1.79
C SER C 22 -43.88 -9.76 -1.77
N ALA C 23 -44.10 -8.66 -1.06
CA ALA C 23 -43.19 -7.53 -1.08
C ALA C 23 -41.94 -7.80 -0.25
N GLY C 24 -40.84 -7.20 -0.67
CA GLY C 24 -39.57 -7.29 0.04
C GLY C 24 -38.54 -8.09 -0.74
N MET C 25 -37.27 -7.66 -0.63
CA MET C 25 -36.19 -8.35 -1.34
C MET C 25 -36.00 -9.76 -0.82
N GLY C 26 -36.31 -10.01 0.45
CA GLY C 26 -36.23 -11.35 1.00
C GLY C 26 -37.23 -12.33 0.40
N HIS C 27 -38.25 -11.82 -0.29
CA HIS C 27 -39.23 -12.66 -0.98
C HIS C 27 -39.09 -12.63 -2.48
N LEU C 28 -38.76 -11.47 -3.06
CA LEU C 28 -38.57 -11.37 -4.50
C LEU C 28 -37.35 -12.16 -4.95
N THR C 29 -36.26 -12.10 -4.18
CA THR C 29 -35.02 -12.75 -4.60
C THR C 29 -35.15 -14.26 -4.74
N PRO C 30 -35.69 -15.01 -3.76
CA PRO C 30 -35.85 -16.46 -3.99
C PRO C 30 -36.81 -16.79 -5.12
N PHE C 31 -37.85 -15.97 -5.33
CA PHE C 31 -38.79 -16.23 -6.42
C PHE C 31 -38.11 -16.08 -7.78
N LEU C 32 -37.33 -15.01 -7.95
CA LEU C 32 -36.65 -14.82 -9.24
C LEU C 32 -35.57 -15.88 -9.45
N ARG C 33 -34.93 -16.35 -8.38
CA ARG C 33 -34.00 -17.45 -8.51
C ARG C 33 -34.73 -18.74 -8.84
N LEU C 34 -35.91 -18.95 -8.26
CA LEU C 34 -36.73 -20.09 -8.65
C LEU C 34 -37.19 -19.95 -10.10
N ALA C 35 -37.51 -18.74 -10.52
CA ALA C 35 -37.88 -18.50 -11.91
C ALA C 35 -36.73 -18.88 -12.85
N SER C 36 -35.49 -18.53 -12.47
CA SER C 36 -34.34 -18.91 -13.28
C SER C 36 -34.17 -20.42 -13.36
N LEU C 37 -34.46 -21.13 -12.26
CA LEU C 37 -34.37 -22.58 -12.27
C LEU C 37 -35.42 -23.20 -13.18
N LEU C 38 -36.66 -22.70 -13.10
CA LEU C 38 -37.72 -23.26 -13.92
C LEU C 38 -37.48 -22.98 -15.40
N LEU C 39 -36.89 -21.83 -15.73
CA LEU C 39 -36.55 -21.56 -17.12
C LEU C 39 -35.51 -22.53 -17.64
N HIS C 40 -34.57 -22.93 -16.78
CA HIS C 40 -33.56 -23.91 -17.19
C HIS C 40 -34.18 -25.27 -17.46
N GLN C 41 -35.30 -25.59 -16.80
CA GLN C 41 -36.06 -26.79 -17.08
C GLN C 41 -37.05 -26.59 -18.22
N HIS C 42 -36.87 -25.54 -19.02
CA HIS C 42 -37.63 -25.27 -20.23
C HIS C 42 -39.06 -24.81 -19.96
N CYS C 43 -39.36 -24.41 -18.73
CA CYS C 43 -40.70 -23.91 -18.43
C CYS C 43 -40.91 -22.52 -19.03
N HIS C 44 -42.17 -22.22 -19.34
CA HIS C 44 -42.61 -20.86 -19.62
C HIS C 44 -43.16 -20.27 -18.34
N VAL C 45 -42.73 -19.05 -18.02
CA VAL C 45 -42.94 -18.47 -16.70
C VAL C 45 -43.69 -17.16 -16.83
N THR C 46 -44.78 -17.02 -16.07
CA THR C 46 -45.46 -15.75 -15.89
C THR C 46 -45.15 -15.23 -14.49
N LEU C 47 -44.53 -14.08 -14.41
CA LEU C 47 -44.20 -13.46 -13.13
C LEU C 47 -45.26 -12.41 -12.84
N ILE C 48 -46.04 -12.63 -11.79
CA ILE C 48 -47.07 -11.69 -11.36
C ILE C 48 -46.43 -10.67 -10.45
N THR C 49 -46.57 -9.39 -10.80
CA THR C 49 -45.92 -8.30 -10.08
C THR C 49 -46.97 -7.38 -9.46
N PRO C 50 -47.19 -7.45 -8.15
CA PRO C 50 -48.09 -6.48 -7.51
C PRO C 50 -47.55 -5.06 -7.65
N GLN C 51 -48.41 -4.15 -8.11
CA GLN C 51 -48.02 -2.79 -8.39
C GLN C 51 -48.88 -1.82 -7.60
N PRO C 52 -48.33 -0.66 -7.20
CA PRO C 52 -46.94 -0.21 -7.40
C PRO C 52 -45.97 -0.93 -6.49
N THR C 53 -44.85 -1.39 -7.03
CA THR C 53 -43.85 -2.08 -6.22
C THR C 53 -43.36 -1.17 -5.11
N VAL C 54 -43.04 -1.76 -3.97
CA VAL C 54 -42.86 -0.99 -2.74
C VAL C 54 -41.53 -0.25 -2.77
N SER C 55 -40.43 -0.95 -3.08
CA SER C 55 -39.09 -0.39 -2.91
C SER C 55 -38.38 -0.28 -4.24
N LYS C 56 -37.42 0.67 -4.29
CA LYS C 56 -36.62 0.87 -5.50
C LYS C 56 -35.74 -0.34 -5.78
N ALA C 57 -35.25 -1.00 -4.73
CA ALA C 57 -34.40 -2.17 -4.92
C ALA C 57 -35.15 -3.30 -5.61
N GLU C 58 -36.45 -3.45 -5.29
CA GLU C 58 -37.29 -4.40 -6.01
C GLU C 58 -37.44 -4.02 -7.47
N GLU C 59 -37.71 -2.74 -7.73
CA GLU C 59 -37.81 -2.25 -9.11
C GLU C 59 -36.56 -2.58 -9.91
N ASP C 60 -35.39 -2.26 -9.34
CA ASP C 60 -34.14 -2.46 -10.07
C ASP C 60 -33.87 -3.94 -10.31
N LEU C 61 -34.13 -4.78 -9.32
CA LEU C 61 -33.93 -6.22 -9.49
C LEU C 61 -34.89 -6.78 -10.53
N LEU C 62 -36.14 -6.32 -10.53
CA LEU C 62 -37.12 -6.80 -11.51
C LEU C 62 -36.69 -6.48 -12.93
N SER C 63 -36.21 -5.26 -13.17
CA SER C 63 -35.85 -4.86 -14.53
C SER C 63 -34.60 -5.59 -15.02
N ARG C 64 -33.62 -5.80 -14.12
CA ARG C 64 -32.45 -6.57 -14.51
C ARG C 64 -32.82 -8.02 -14.80
N PHE C 65 -33.82 -8.56 -14.09
CA PHE C 65 -34.24 -9.93 -14.34
C PHE C 65 -34.98 -10.05 -15.67
N LEU C 66 -35.95 -9.16 -15.91
CA LEU C 66 -36.71 -9.21 -17.15
C LEU C 66 -35.82 -8.94 -18.35
N SER C 67 -34.87 -8.03 -18.22
CA SER C 67 -33.91 -7.77 -19.29
C SER C 67 -33.08 -9.02 -19.59
N ALA C 68 -32.78 -9.82 -18.56
CA ALA C 68 -31.96 -11.00 -18.78
C ALA C 68 -32.76 -12.18 -19.31
N PHE C 69 -34.06 -12.22 -19.03
CA PHE C 69 -34.94 -13.29 -19.50
C PHE C 69 -36.15 -12.65 -20.18
N PRO C 70 -35.99 -12.17 -21.42
CA PRO C 70 -37.11 -11.51 -22.09
C PRO C 70 -38.27 -12.44 -22.43
N GLN C 71 -38.09 -13.76 -22.34
CA GLN C 71 -39.17 -14.69 -22.61
C GLN C 71 -40.14 -14.83 -21.44
N VAL C 72 -39.91 -14.11 -20.35
CA VAL C 72 -40.78 -14.17 -19.17
C VAL C 72 -41.90 -13.16 -19.34
N ASN C 73 -43.14 -13.63 -19.18
CA ASN C 73 -44.32 -12.78 -19.26
C ASN C 73 -44.57 -12.16 -17.89
N GLN C 74 -44.41 -10.84 -17.79
CA GLN C 74 -44.68 -10.13 -16.54
C GLN C 74 -46.12 -9.66 -16.55
N LEU C 75 -46.90 -10.14 -15.59
CA LEU C 75 -48.31 -9.76 -15.45
C LEU C 75 -48.42 -8.71 -14.35
N HIS C 76 -48.66 -7.46 -14.76
CA HIS C 76 -48.75 -6.38 -13.80
C HIS C 76 -50.07 -6.46 -13.04
N PHE C 77 -49.97 -6.58 -11.72
CA PHE C 77 -51.12 -6.78 -10.83
C PHE C 77 -51.33 -5.49 -10.05
N HIS C 78 -52.07 -4.56 -10.64
CA HIS C 78 -52.24 -3.23 -10.05
C HIS C 78 -53.24 -3.29 -8.89
N LEU C 79 -52.87 -2.67 -7.78
CA LEU C 79 -53.61 -2.76 -6.53
C LEU C 79 -54.16 -1.41 -6.11
N PRO C 80 -55.39 -1.36 -5.60
CA PRO C 80 -55.87 -0.12 -4.99
C PRO C 80 -55.17 0.14 -3.69
N PRO C 81 -54.96 1.41 -3.32
CA PRO C 81 -54.21 1.72 -2.10
C PRO C 81 -54.99 1.38 -0.85
N SER C 82 -54.27 0.93 0.17
CA SER C 82 -54.87 0.65 1.47
C SER C 82 -54.87 1.92 2.32
N ASP C 83 -55.84 2.00 3.22
CA ASP C 83 -56.04 3.20 4.01
C ASP C 83 -54.91 3.39 5.02
N SER C 84 -54.69 4.64 5.41
CA SER C 84 -53.63 4.97 6.36
C SER C 84 -53.85 4.37 7.73
N THR C 85 -55.08 3.95 8.05
CA THR C 85 -55.36 3.34 9.34
C THR C 85 -54.96 1.87 9.41
N ILE C 86 -54.61 1.26 8.28
CA ILE C 86 -54.20 -0.14 8.28
C ILE C 86 -52.79 -0.29 8.86
N SER C 87 -51.86 0.51 8.37
CA SER C 87 -50.47 0.43 8.83
C SER C 87 -49.70 1.64 8.32
N THR C 88 -48.52 1.84 8.89
CA THR C 88 -47.53 2.76 8.34
C THR C 88 -46.43 2.03 7.58
N ASP C 89 -46.33 0.72 7.74
CA ASP C 89 -45.38 -0.13 7.04
C ASP C 89 -45.86 -0.35 5.60
N PRO C 90 -45.13 0.16 4.60
CA PRO C 90 -45.59 0.00 3.21
C PRO C 90 -45.61 -1.45 2.74
N PHE C 91 -44.92 -2.35 3.42
CA PHE C 91 -44.95 -3.76 3.04
C PHE C 91 -46.19 -4.46 3.59
N PHE C 92 -46.70 -4.02 4.75
CA PHE C 92 -47.98 -4.53 5.21
C PHE C 92 -49.14 -3.91 4.45
N LEU C 93 -48.95 -2.72 3.89
CA LEU C 93 -50.01 -2.10 3.09
C LEU C 93 -50.26 -2.88 1.81
N GLN C 94 -49.20 -3.32 1.12
CA GLN C 94 -49.38 -4.17 -0.04
C GLN C 94 -50.04 -5.49 0.34
N PHE C 95 -49.66 -6.03 1.50
CA PHE C 95 -50.27 -7.27 1.98
C PHE C 95 -51.78 -7.10 2.15
N ALA C 96 -52.20 -6.03 2.82
CA ALA C 96 -53.63 -5.77 3.00
C ALA C 96 -54.32 -5.47 1.68
N SER C 97 -53.62 -4.85 0.72
CA SER C 97 -54.23 -4.58 -0.58
C SER C 97 -54.45 -5.86 -1.37
N ILE C 98 -53.48 -6.78 -1.31
CA ILE C 98 -53.62 -8.03 -2.07
C ILE C 98 -54.75 -8.87 -1.53
N ARG C 99 -54.91 -8.93 -0.20
CA ARG C 99 -55.94 -9.78 0.38
C ARG C 99 -57.34 -9.25 0.15
N SER C 100 -57.49 -7.94 -0.11
CA SER C 100 -58.80 -7.38 -0.42
C SER C 100 -59.09 -7.39 -1.91
N SER C 101 -58.05 -7.37 -2.75
CA SER C 101 -58.19 -7.22 -4.19
C SER C 101 -57.75 -8.46 -4.95
N SER C 102 -57.74 -9.63 -4.30
CA SER C 102 -57.24 -10.84 -4.94
C SER C 102 -58.18 -11.36 -6.02
N HIS C 103 -59.45 -10.96 -6.00
CA HIS C 103 -60.38 -11.44 -7.01
C HIS C 103 -59.99 -10.98 -8.41
N LEU C 104 -59.26 -9.87 -8.51
CA LEU C 104 -58.82 -9.38 -9.81
C LEU C 104 -57.87 -10.35 -10.52
N LEU C 105 -57.30 -11.30 -9.78
CA LEU C 105 -56.35 -12.25 -10.36
C LEU C 105 -57.03 -13.30 -11.23
N THR C 106 -58.27 -13.68 -10.90
CA THR C 106 -58.93 -14.75 -11.66
C THR C 106 -59.13 -14.39 -13.13
N PRO C 107 -59.63 -13.21 -13.49
CA PRO C 107 -59.68 -12.86 -14.92
C PRO C 107 -58.30 -12.79 -15.56
N LEU C 108 -57.29 -12.35 -14.80
CA LEU C 108 -55.94 -12.28 -15.35
C LEU C 108 -55.37 -13.68 -15.59
N LEU C 109 -55.50 -14.57 -14.61
CA LEU C 109 -54.80 -15.86 -14.70
C LEU C 109 -55.55 -16.84 -15.60
N SER C 110 -56.88 -16.82 -15.54
CA SER C 110 -57.66 -17.80 -16.29
C SER C 110 -57.48 -17.63 -17.79
N SER C 111 -57.39 -16.40 -18.29
CA SER C 111 -57.45 -16.21 -19.73
C SER C 111 -56.12 -16.52 -20.39
N LEU C 112 -55.03 -16.49 -19.63
CA LEU C 112 -53.70 -16.53 -20.22
C LEU C 112 -53.44 -17.86 -20.93
N THR C 113 -52.82 -17.78 -22.11
CA THR C 113 -52.39 -18.91 -22.90
C THR C 113 -50.90 -18.82 -23.16
N PRO C 114 -50.14 -19.93 -23.07
CA PRO C 114 -50.55 -21.33 -22.85
C PRO C 114 -51.34 -21.54 -21.57
N PRO C 115 -52.27 -22.50 -21.56
CA PRO C 115 -53.06 -22.74 -20.35
C PRO C 115 -52.17 -22.98 -19.14
N LEU C 116 -52.57 -22.40 -18.00
CA LEU C 116 -51.78 -22.51 -16.79
C LEU C 116 -51.50 -23.98 -16.45
N SER C 117 -50.23 -24.29 -16.21
CA SER C 117 -49.86 -25.62 -15.74
C SER C 117 -49.82 -25.70 -14.22
N SER C 118 -49.25 -24.67 -13.57
CA SER C 118 -49.13 -24.67 -12.13
C SER C 118 -49.04 -23.24 -11.64
N PHE C 119 -49.23 -23.06 -10.32
CA PHE C 119 -49.31 -21.75 -9.70
C PHE C 119 -48.56 -21.80 -8.38
N ILE C 120 -47.49 -21.02 -8.27
CA ILE C 120 -46.67 -20.95 -7.06
C ILE C 120 -46.75 -19.52 -6.53
N TYR C 121 -47.28 -19.37 -5.31
CA TYR C 121 -47.44 -18.07 -4.69
C TYR C 121 -46.79 -18.06 -3.31
N ASP C 122 -46.56 -16.85 -2.80
CA ASP C 122 -45.86 -16.70 -1.53
C ASP C 122 -46.72 -17.20 -0.38
N MET C 123 -46.06 -17.78 0.63
CA MET C 123 -46.80 -18.35 1.76
C MET C 123 -47.54 -17.27 2.55
N THR C 124 -47.02 -16.04 2.57
CA THR C 124 -47.69 -14.97 3.29
C THR C 124 -49.04 -14.63 2.66
N LEU C 125 -49.26 -15.02 1.41
CA LEU C 125 -50.50 -14.74 0.69
C LEU C 125 -51.41 -15.96 0.60
N ILE C 126 -51.21 -16.96 1.46
CA ILE C 126 -51.89 -18.24 1.27
C ILE C 126 -53.39 -18.09 1.46
N SER C 127 -53.82 -17.24 2.40
CA SER C 127 -55.25 -17.12 2.66
C SER C 127 -55.99 -16.44 1.51
N PRO C 128 -55.57 -15.28 1.00
CA PRO C 128 -56.29 -14.69 -0.14
C PRO C 128 -56.10 -15.46 -1.45
N LEU C 129 -54.96 -16.14 -1.62
CA LEU C 129 -54.65 -16.75 -2.90
C LEU C 129 -55.23 -18.15 -3.07
N LEU C 130 -55.55 -18.84 -1.97
CA LEU C 130 -56.05 -20.21 -2.08
C LEU C 130 -57.36 -20.30 -2.85
N PRO C 131 -58.37 -19.45 -2.62
CA PRO C 131 -59.57 -19.52 -3.47
C PRO C 131 -59.29 -19.25 -4.93
N ILE C 132 -58.39 -18.33 -5.24
CA ILE C 132 -58.05 -18.04 -6.63
C ILE C 132 -57.41 -19.27 -7.28
N ALA C 133 -56.53 -19.94 -6.55
CA ALA C 133 -55.82 -21.09 -7.10
C ALA C 133 -56.78 -22.25 -7.36
N GLU C 134 -57.77 -22.43 -6.49
CA GLU C 134 -58.72 -23.53 -6.68
C GLU C 134 -59.59 -23.30 -7.91
N SER C 135 -59.99 -22.05 -8.17
CA SER C 135 -60.85 -21.77 -9.31
C SER C 135 -60.12 -21.95 -10.64
N LEU C 136 -58.78 -21.92 -10.63
CA LEU C 136 -58.01 -22.18 -11.84
C LEU C 136 -57.81 -23.67 -12.10
N GLY C 137 -58.06 -24.51 -11.11
CA GLY C 137 -58.03 -25.95 -11.30
C GLY C 137 -56.67 -26.56 -11.56
N VAL C 138 -55.60 -25.82 -11.32
CA VAL C 138 -54.24 -26.29 -11.62
C VAL C 138 -53.57 -26.69 -10.30
N PRO C 139 -52.49 -27.48 -10.36
CA PRO C 139 -51.70 -27.69 -9.14
C PRO C 139 -51.10 -26.39 -8.64
N HIS C 140 -51.33 -26.08 -7.36
CA HIS C 140 -50.86 -24.84 -6.78
C HIS C 140 -50.04 -25.12 -5.52
N TYR C 141 -49.02 -24.30 -5.32
CA TYR C 141 -48.04 -24.51 -4.26
C TYR C 141 -47.73 -23.18 -3.59
N ILE C 142 -47.08 -23.27 -2.43
CA ILE C 142 -46.48 -22.12 -1.78
C ILE C 142 -44.97 -22.25 -1.88
N LEU C 143 -44.29 -21.11 -1.95
CA LEU C 143 -42.85 -21.03 -1.78
C LEU C 143 -42.60 -20.34 -0.44
N PHE C 144 -42.18 -21.12 0.56
CA PHE C 144 -41.80 -20.55 1.84
C PHE C 144 -40.37 -20.06 1.74
N THR C 145 -40.17 -18.78 2.05
CA THR C 145 -38.88 -18.13 1.84
C THR C 145 -37.95 -18.23 3.05
N SER C 146 -38.33 -19.00 4.07
CA SER C 146 -37.48 -19.19 5.24
C SER C 146 -37.09 -20.66 5.37
N SER C 147 -36.55 -21.02 6.53
CA SER C 147 -35.99 -22.35 6.73
C SER C 147 -37.10 -23.39 6.85
N ALA C 148 -36.72 -24.65 6.58
CA ALA C 148 -37.64 -25.77 6.82
C ALA C 148 -37.99 -25.88 8.29
N THR C 149 -37.06 -25.51 9.18
CA THR C 149 -37.34 -25.58 10.60
C THR C 149 -38.35 -24.52 11.01
N MET C 150 -38.24 -23.31 10.47
CA MET C 150 -39.26 -22.30 10.75
C MET C 150 -40.60 -22.69 10.13
N PHE C 151 -40.59 -23.38 8.98
CA PHE C 151 -41.83 -23.86 8.41
C PHE C 151 -42.48 -24.92 9.29
N SER C 152 -41.66 -25.78 9.91
CA SER C 152 -42.17 -26.76 10.86
C SER C 152 -42.87 -26.08 12.03
N PHE C 153 -42.26 -25.02 12.56
CA PHE C 153 -42.89 -24.27 13.65
C PHE C 153 -44.22 -23.67 13.20
N PHE C 154 -44.27 -23.15 11.97
CA PHE C 154 -45.51 -22.58 11.45
C PHE C 154 -46.57 -23.65 11.25
N ALA C 155 -46.18 -24.80 10.70
CA ALA C 155 -47.14 -25.88 10.52
C ALA C 155 -47.59 -26.47 11.85
N TYR C 156 -46.74 -26.41 12.87
CA TYR C 156 -47.06 -27.00 14.16
C TYR C 156 -47.81 -26.06 15.08
N PHE C 157 -47.91 -24.77 14.73
CA PHE C 157 -48.38 -23.77 15.69
C PHE C 157 -49.81 -23.99 16.18
N PRO C 158 -50.79 -24.38 15.35
CA PRO C 158 -52.12 -24.64 15.92
C PRO C 158 -52.10 -25.69 17.01
N THR C 159 -51.27 -26.72 16.88
CA THR C 159 -51.10 -27.69 17.95
C THR C 159 -50.52 -27.03 19.20
N LEU C 160 -49.51 -26.16 19.01
CA LEU C 160 -48.86 -25.54 20.14
C LEU C 160 -49.77 -24.55 20.86
N ALA C 161 -50.63 -23.84 20.12
CA ALA C 161 -51.52 -22.87 20.73
C ALA C 161 -52.55 -23.51 21.65
N LYS C 162 -52.87 -24.79 21.44
CA LYS C 162 -53.84 -25.50 22.25
C LYS C 162 -53.20 -26.24 23.43
N SER C 163 -51.89 -26.08 23.63
CA SER C 163 -51.23 -26.66 24.78
C SER C 163 -51.66 -25.95 26.06
N GLU C 164 -51.57 -26.66 27.18
CA GLU C 164 -51.91 -26.07 28.47
C GLU C 164 -50.89 -25.02 28.88
N SER C 165 -49.60 -25.37 28.78
CA SER C 165 -48.52 -24.46 29.13
C SER C 165 -48.36 -23.31 28.14
N PHE C 166 -49.20 -23.23 27.11
CA PHE C 166 -49.11 -22.10 26.20
C PHE C 166 -50.04 -20.98 26.64
N PRO C 167 -49.55 -19.75 26.77
CA PRO C 167 -48.16 -19.35 26.56
C PRO C 167 -47.36 -19.23 27.86
N GLY C 168 -47.99 -19.34 29.01
CA GLY C 168 -47.34 -18.89 30.23
C GLY C 168 -46.28 -19.83 30.74
N LYS C 169 -46.54 -21.13 30.68
CA LYS C 169 -45.69 -22.13 31.32
C LYS C 169 -44.82 -22.88 30.31
N LEU C 170 -44.40 -22.21 29.25
CA LEU C 170 -43.68 -22.85 28.16
C LEU C 170 -42.19 -22.54 28.25
N ASP C 171 -41.36 -23.58 28.38
CA ASP C 171 -39.91 -23.45 28.32
C ASP C 171 -39.34 -23.78 26.94
N PHE C 172 -39.83 -24.84 26.31
CA PHE C 172 -39.33 -25.28 25.02
C PHE C 172 -40.49 -25.81 24.19
N VAL C 173 -40.41 -25.58 22.88
CA VAL C 173 -41.29 -26.20 21.91
C VAL C 173 -40.53 -27.32 21.24
N GLU C 174 -40.96 -28.56 21.47
CA GLU C 174 -40.29 -29.74 20.94
C GLU C 174 -41.14 -30.31 19.80
N ILE C 175 -40.79 -29.92 18.59
CA ILE C 175 -41.45 -30.42 17.38
C ILE C 175 -40.76 -31.73 17.00
N PRO C 176 -41.50 -32.84 16.88
CA PRO C 176 -40.85 -34.15 16.72
C PRO C 176 -39.98 -34.28 15.47
N GLY C 177 -38.67 -34.32 15.67
CA GLY C 177 -37.74 -34.74 14.63
C GLY C 177 -37.12 -33.63 13.80
N VAL C 178 -37.29 -32.37 14.18
CA VAL C 178 -36.78 -31.27 13.35
C VAL C 178 -35.33 -30.97 13.70
N SER C 179 -34.71 -30.09 12.93
CA SER C 179 -33.27 -29.85 13.06
C SER C 179 -32.91 -29.21 14.40
N VAL C 180 -33.77 -28.35 14.94
CA VAL C 180 -33.59 -27.82 16.29
C VAL C 180 -34.66 -28.48 17.15
N SER C 181 -34.23 -29.38 18.04
CA SER C 181 -35.18 -30.27 18.71
C SER C 181 -36.01 -29.55 19.76
N SER C 182 -35.44 -28.56 20.44
CA SER C 182 -36.12 -27.84 21.51
C SER C 182 -35.96 -26.34 21.26
N ILE C 183 -36.98 -25.72 20.69
CA ILE C 183 -36.98 -24.28 20.45
C ILE C 183 -37.29 -23.56 21.76
N PRO C 184 -36.37 -22.78 22.32
CA PRO C 184 -36.62 -22.12 23.59
C PRO C 184 -37.73 -21.10 23.49
N ARG C 185 -38.34 -20.80 24.64
CA ARG C 185 -39.36 -19.78 24.67
C ARG C 185 -38.81 -18.43 24.20
N SER C 186 -37.56 -18.14 24.53
CA SER C 186 -36.93 -16.88 24.18
C SER C 186 -36.65 -16.75 22.68
N SER C 187 -36.79 -17.82 21.90
CA SER C 187 -36.56 -17.78 20.47
C SER C 187 -37.85 -17.67 19.67
N ILE C 188 -39.00 -17.72 20.33
CA ILE C 188 -40.28 -17.59 19.64
C ILE C 188 -40.57 -16.11 19.44
N PRO C 189 -40.97 -15.69 18.24
CA PRO C 189 -41.35 -14.29 18.02
C PRO C 189 -42.38 -13.84 19.06
N PRO C 190 -42.09 -12.76 19.77
CA PRO C 190 -42.93 -12.35 20.92
C PRO C 190 -44.41 -12.21 20.58
N PRO C 191 -44.77 -11.66 19.41
CA PRO C 191 -46.21 -11.56 19.09
C PRO C 191 -46.93 -12.91 19.09
N LEU C 192 -46.25 -13.97 18.67
CA LEU C 192 -46.87 -15.29 18.68
C LEU C 192 -47.13 -15.81 20.09
N LEU C 193 -46.56 -15.17 21.11
CA LEU C 193 -46.84 -15.50 22.49
C LEU C 193 -47.98 -14.67 23.07
N ASP C 194 -48.53 -13.75 22.29
CA ASP C 194 -49.69 -12.95 22.67
C ASP C 194 -50.88 -13.38 21.82
N PRO C 195 -51.82 -14.15 22.37
CA PRO C 195 -52.96 -14.62 21.55
C PRO C 195 -53.87 -13.51 21.05
N ASN C 196 -53.71 -12.28 21.54
CA ASN C 196 -54.47 -11.14 21.04
C ASN C 196 -53.78 -10.45 19.86
N SER C 197 -52.62 -10.95 19.42
CA SER C 197 -51.84 -10.25 18.42
C SER C 197 -52.35 -10.55 17.02
N LEU C 198 -52.14 -9.57 16.13
CA LEU C 198 -52.44 -9.78 14.72
C LEU C 198 -51.58 -10.88 14.12
N PHE C 199 -50.31 -10.96 14.55
CA PHE C 199 -49.43 -12.02 14.10
C PHE C 199 -49.95 -13.39 14.51
N TYR C 200 -50.44 -13.51 15.75
CA TYR C 200 -51.00 -14.77 16.22
C TYR C 200 -52.19 -15.19 15.38
N LYS C 201 -53.13 -14.26 15.14
CA LYS C 201 -54.34 -14.59 14.40
C LYS C 201 -54.03 -15.03 12.98
N LEU C 202 -53.08 -14.36 12.32
CA LEU C 202 -52.73 -14.73 10.95
C LEU C 202 -52.11 -16.11 10.90
N PHE C 203 -51.32 -16.48 11.91
CA PHE C 203 -50.76 -17.83 11.97
C PHE C 203 -51.86 -18.87 12.13
N MET C 204 -52.78 -18.65 13.07
CA MET C 204 -53.86 -19.60 13.31
C MET C 204 -54.79 -19.72 12.11
N GLU C 205 -54.94 -18.66 11.32
CA GLU C 205 -55.81 -18.74 10.15
C GLU C 205 -55.11 -19.44 8.99
N ASP C 206 -53.81 -19.21 8.81
CA ASP C 206 -53.11 -19.69 7.63
C ASP C 206 -52.57 -21.10 7.77
N SER C 207 -52.11 -21.47 8.96
CA SER C 207 -51.47 -22.78 9.13
C SER C 207 -52.37 -23.96 8.81
N PRO C 208 -53.64 -24.02 9.25
CA PRO C 208 -54.49 -25.15 8.87
C PRO C 208 -54.76 -25.24 7.39
N LYS C 209 -54.58 -24.14 6.66
CA LYS C 209 -54.81 -24.13 5.21
C LYS C 209 -53.71 -24.82 4.43
N LEU C 210 -52.62 -25.24 5.07
CA LEU C 210 -51.52 -25.87 4.34
C LEU C 210 -51.96 -27.19 3.71
N LYS C 211 -52.94 -27.87 4.30
CA LYS C 211 -53.33 -29.19 3.81
C LYS C 211 -53.97 -29.09 2.43
N LYS C 212 -54.61 -27.95 2.12
CA LYS C 212 -55.25 -27.80 0.82
C LYS C 212 -54.26 -27.60 -0.30
N LEU C 213 -53.02 -27.21 0.02
CA LEU C 213 -52.02 -27.00 -1.01
C LEU C 213 -51.58 -28.32 -1.62
N HIS C 214 -51.11 -28.25 -2.86
CA HIS C 214 -50.59 -29.46 -3.50
C HIS C 214 -49.18 -29.78 -3.01
N GLY C 215 -48.42 -28.76 -2.63
CA GLY C 215 -47.08 -28.97 -2.11
C GLY C 215 -46.49 -27.68 -1.58
N VAL C 216 -45.30 -27.81 -0.99
CA VAL C 216 -44.61 -26.71 -0.35
C VAL C 216 -43.16 -26.73 -0.80
N LEU C 217 -42.68 -25.62 -1.36
CA LEU C 217 -41.31 -25.48 -1.80
C LEU C 217 -40.52 -24.67 -0.77
N VAL C 218 -39.34 -25.16 -0.41
CA VAL C 218 -38.49 -24.53 0.58
C VAL C 218 -37.07 -24.42 0.01
N ASN C 219 -36.48 -23.23 0.15
CA ASN C 219 -35.09 -23.00 -0.28
C ASN C 219 -34.14 -23.58 0.77
N THR C 220 -34.04 -24.90 0.77
CA THR C 220 -33.20 -25.61 1.71
C THR C 220 -32.72 -26.91 1.06
N PHE C 221 -31.86 -27.63 1.78
CA PHE C 221 -31.31 -28.89 1.29
C PHE C 221 -30.80 -29.68 2.49
N GLU C 222 -30.53 -30.96 2.25
CA GLU C 222 -30.15 -31.88 3.32
C GLU C 222 -28.91 -31.41 4.08
N GLY C 223 -27.96 -30.77 3.39
CA GLY C 223 -26.71 -30.37 4.00
C GLY C 223 -26.87 -29.44 5.20
N ILE C 224 -28.01 -28.77 5.32
CA ILE C 224 -28.24 -27.87 6.44
C ILE C 224 -29.49 -28.20 7.24
N GLU C 225 -30.47 -28.91 6.66
CA GLU C 225 -31.75 -29.15 7.34
C GLU C 225 -32.28 -30.54 7.01
N LYS C 226 -31.43 -31.56 7.17
CA LYS C 226 -31.84 -32.91 6.84
C LYS C 226 -32.98 -33.39 7.74
N GLU C 227 -32.88 -33.13 9.05
CA GLU C 227 -33.88 -33.63 9.99
C GLU C 227 -35.23 -32.96 9.77
N SER C 228 -35.25 -31.63 9.64
CA SER C 228 -36.52 -30.94 9.44
C SER C 228 -37.21 -31.40 8.16
N LEU C 229 -36.44 -31.65 7.10
CA LEU C 229 -37.03 -32.10 5.85
C LEU C 229 -37.60 -33.51 5.97
N GLU C 230 -36.89 -34.39 6.66
CA GLU C 230 -37.38 -35.77 6.83
C GLU C 230 -38.60 -35.81 7.74
N ALA C 231 -38.63 -34.94 8.76
CA ALA C 231 -39.78 -34.90 9.65
C ALA C 231 -41.02 -34.39 8.93
N LEU C 232 -40.88 -33.34 8.13
CA LEU C 232 -42.01 -32.80 7.39
C LEU C 232 -42.56 -33.82 6.40
N ASN C 233 -41.68 -34.50 5.67
CA ASN C 233 -42.09 -35.49 4.69
C ASN C 233 -42.37 -36.86 5.29
N GLY C 234 -42.12 -37.04 6.58
CA GLY C 234 -42.44 -38.27 7.28
C GLY C 234 -43.71 -38.21 8.11
N GLY C 235 -44.50 -37.15 7.99
CA GLY C 235 -45.70 -36.98 8.78
C GLY C 235 -45.47 -36.70 10.24
N LYS C 236 -44.23 -36.38 10.64
CA LYS C 236 -43.91 -36.24 12.05
C LYS C 236 -44.21 -34.85 12.59
N VAL C 237 -44.36 -33.84 11.73
CA VAL C 237 -44.68 -32.50 12.21
C VAL C 237 -46.18 -32.36 12.46
N VAL C 238 -46.98 -32.57 11.42
CA VAL C 238 -48.43 -32.51 11.55
C VAL C 238 -49.04 -33.42 10.51
N LYS C 239 -50.11 -34.12 10.89
CA LYS C 239 -50.79 -35.02 9.97
C LYS C 239 -51.47 -34.24 8.85
N GLY C 240 -51.32 -34.73 7.62
CA GLY C 240 -52.01 -34.16 6.48
C GLY C 240 -51.20 -33.20 5.64
N LEU C 241 -49.93 -33.01 5.94
CA LEU C 241 -49.11 -32.08 5.18
C LEU C 241 -48.95 -32.59 3.75
N PRO C 242 -49.07 -31.72 2.74
CA PRO C 242 -48.60 -32.07 1.41
C PRO C 242 -47.09 -32.17 1.38
N PRO C 243 -46.50 -32.74 0.34
CA PRO C 243 -45.04 -32.93 0.33
C PRO C 243 -44.30 -31.61 0.36
N VAL C 244 -43.13 -31.63 1.00
CA VAL C 244 -42.23 -30.48 1.09
C VAL C 244 -41.04 -30.75 0.19
N TYR C 245 -40.78 -29.83 -0.74
CA TYR C 245 -39.72 -30.00 -1.73
C TYR C 245 -38.55 -29.07 -1.36
N GLY C 246 -37.46 -29.67 -0.88
CA GLY C 246 -36.25 -28.92 -0.66
C GLY C 246 -35.54 -28.64 -1.98
N VAL C 247 -35.84 -27.49 -2.59
CA VAL C 247 -35.30 -27.15 -3.91
C VAL C 247 -34.10 -26.23 -3.81
N GLY C 248 -33.56 -26.02 -2.61
CA GLY C 248 -32.37 -25.21 -2.45
C GLY C 248 -31.11 -26.00 -2.73
N PRO C 249 -29.98 -25.30 -2.70
CA PRO C 249 -29.82 -23.86 -2.44
C PRO C 249 -30.12 -23.02 -3.67
N PHE C 250 -30.83 -21.91 -3.50
CA PHE C 250 -31.01 -20.93 -4.57
C PHE C 250 -29.74 -20.12 -4.69
N VAL C 251 -28.96 -20.38 -5.74
CA VAL C 251 -27.65 -19.74 -5.90
C VAL C 251 -27.83 -18.38 -6.55
N PRO C 252 -26.94 -17.42 -6.30
CA PRO C 252 -27.05 -16.12 -6.98
C PRO C 252 -26.86 -16.25 -8.48
N CYS C 253 -27.58 -15.42 -9.22
CA CYS C 253 -27.60 -15.48 -10.67
C CYS C 253 -26.94 -14.24 -11.28
N GLU C 254 -26.75 -14.29 -12.59
CA GLU C 254 -26.10 -13.19 -13.29
C GLU C 254 -26.96 -11.94 -13.30
N PHE C 255 -28.29 -12.09 -13.40
CA PHE C 255 -29.14 -10.92 -13.55
C PHE C 255 -29.13 -10.05 -12.30
N GLU C 256 -28.68 -10.59 -11.17
CA GLU C 256 -28.62 -9.78 -9.95
C GLU C 256 -27.44 -8.82 -9.94
N LYS C 257 -26.42 -9.08 -10.76
CA LYS C 257 -25.26 -8.20 -10.82
C LYS C 257 -25.66 -6.84 -11.40
N VAL C 258 -25.40 -5.78 -10.63
CA VAL C 258 -25.67 -4.43 -11.12
C VAL C 258 -24.68 -4.10 -12.22
N VAL C 259 -25.21 -3.63 -13.35
CA VAL C 259 -24.44 -3.60 -14.59
C VAL C 259 -23.19 -2.74 -14.45
N LYS C 260 -23.35 -1.52 -13.96
CA LYS C 260 -22.21 -0.61 -13.74
C LYS C 260 -22.08 -0.40 -12.23
N ARG C 261 -21.10 -1.08 -11.64
CA ARG C 261 -20.79 -0.93 -10.23
C ARG C 261 -19.46 -0.22 -10.08
N GLY C 262 -19.30 0.50 -8.97
CA GLY C 262 -18.12 1.32 -8.75
C GLY C 262 -16.84 0.53 -8.54
N GLU C 263 -16.96 -0.76 -8.20
CA GLU C 263 -15.85 -1.70 -8.03
C GLU C 263 -14.92 -1.31 -6.88
N THR C 264 -15.23 -0.21 -6.18
CA THR C 264 -14.40 0.22 -5.06
C THR C 264 -14.35 -0.85 -3.97
N ILE C 265 -15.46 -1.56 -3.77
CA ILE C 265 -15.50 -2.60 -2.74
C ILE C 265 -14.61 -3.79 -3.14
N SER C 266 -14.79 -4.30 -4.36
CA SER C 266 -14.00 -5.45 -4.78
C SER C 266 -12.52 -5.13 -4.81
N GLU C 267 -12.18 -3.88 -5.19
CA GLU C 267 -10.78 -3.49 -5.22
C GLU C 267 -10.20 -3.39 -3.81
N TRP C 268 -11.02 -2.96 -2.84
CA TRP C 268 -10.57 -2.95 -1.45
C TRP C 268 -10.38 -4.38 -0.93
N LEU C 269 -11.33 -5.27 -1.26
CA LEU C 269 -11.20 -6.66 -0.83
C LEU C 269 -9.96 -7.31 -1.45
N ASP C 270 -9.65 -6.98 -2.70
CA ASP C 270 -8.48 -7.54 -3.37
C ASP C 270 -7.17 -7.20 -2.68
N GLU C 271 -7.17 -6.23 -1.77
CA GLU C 271 -5.95 -5.79 -1.10
C GLU C 271 -5.87 -6.29 0.34
N GLN C 272 -6.72 -7.24 0.72
CA GLN C 272 -6.72 -7.80 2.06
C GLN C 272 -6.26 -9.25 2.03
N PRO C 273 -5.64 -9.74 3.09
CA PRO C 273 -5.26 -11.15 3.15
C PRO C 273 -6.48 -12.06 3.05
N SER C 274 -6.24 -13.29 2.62
CA SER C 274 -7.34 -14.23 2.47
C SER C 274 -7.91 -14.59 3.85
N GLY C 275 -9.25 -14.62 3.93
CA GLY C 275 -9.92 -14.94 5.17
C GLY C 275 -9.77 -13.89 6.25
N SER C 276 -9.54 -12.64 5.87
CA SER C 276 -9.17 -11.60 6.82
C SER C 276 -10.31 -10.67 7.20
N VAL C 277 -11.39 -10.65 6.42
CA VAL C 277 -12.41 -9.61 6.52
C VAL C 277 -13.67 -10.17 7.16
N VAL C 278 -14.23 -9.42 8.10
CA VAL C 278 -15.55 -9.70 8.65
C VAL C 278 -16.58 -8.90 7.85
N TYR C 279 -17.58 -9.60 7.31
CA TYR C 279 -18.66 -8.95 6.57
C TYR C 279 -19.88 -8.82 7.47
N VAL C 280 -20.41 -7.60 7.57
CA VAL C 280 -21.49 -7.27 8.50
C VAL C 280 -22.65 -6.69 7.71
N SER C 281 -23.80 -7.36 7.76
CA SER C 281 -25.01 -6.88 7.10
C SER C 281 -26.22 -7.43 7.83
N PHE C 282 -27.20 -6.57 8.10
CA PHE C 282 -28.39 -6.93 8.87
C PHE C 282 -29.64 -6.99 8.01
N GLY C 283 -29.46 -7.20 6.71
CA GLY C 283 -30.55 -7.53 5.83
C GLY C 283 -30.83 -6.46 4.80
N SER C 284 -32.07 -6.50 4.30
CA SER C 284 -32.49 -5.61 3.22
C SER C 284 -32.91 -4.24 3.72
N ARG C 285 -33.41 -4.14 4.94
CA ARG C 285 -33.90 -2.88 5.47
C ARG C 285 -33.31 -2.65 6.85
N THR C 286 -33.49 -1.42 7.35
CA THR C 286 -33.00 -1.07 8.66
C THR C 286 -33.82 -1.77 9.72
N ALA C 287 -33.14 -2.47 10.64
CA ALA C 287 -33.83 -3.19 11.71
C ALA C 287 -33.11 -2.99 13.05
N MET C 288 -32.35 -1.92 13.20
CA MET C 288 -31.53 -1.71 14.38
C MET C 288 -31.53 -0.23 14.77
N GLY C 289 -31.51 0.03 16.08
CA GLY C 289 -31.54 1.39 16.57
C GLY C 289 -30.22 2.11 16.45
N ARG C 290 -30.27 3.44 16.61
CA ARG C 290 -29.07 4.25 16.45
C ARG C 290 -28.08 4.00 17.58
N GLU C 291 -28.58 3.81 18.80
CA GLU C 291 -27.67 3.56 19.92
C GLU C 291 -26.94 2.23 19.75
N GLN C 292 -27.65 1.21 19.26
CA GLN C 292 -27.02 -0.08 19.02
C GLN C 292 -26.02 -0.02 17.88
N LEU C 293 -26.35 0.72 16.81
CA LEU C 293 -25.44 0.83 15.67
C LEU C 293 -24.09 1.39 16.08
N ARG C 294 -24.09 2.33 17.02
CA ARG C 294 -22.83 2.89 17.51
C ARG C 294 -21.97 1.82 18.17
N GLU C 295 -22.59 0.93 18.95
CA GLU C 295 -21.84 -0.17 19.57
C GLU C 295 -21.30 -1.14 18.54
N VAL C 296 -22.01 -1.32 17.42
CA VAL C 296 -21.52 -2.18 16.35
C VAL C 296 -20.20 -1.65 15.82
N GLY C 297 -20.16 -0.36 15.48
CA GLY C 297 -18.92 0.24 15.02
C GLY C 297 -17.83 0.20 16.07
N ASP C 298 -18.20 0.41 17.34
CA ASP C 298 -17.23 0.29 18.42
C ASP C 298 -16.67 -1.12 18.52
N GLY C 299 -17.55 -2.12 18.36
CA GLY C 299 -17.10 -3.50 18.42
C GLY C 299 -16.21 -3.89 17.26
N LEU C 300 -16.43 -3.31 16.08
CA LEU C 300 -15.59 -3.61 14.93
C LEU C 300 -14.18 -3.07 15.12
N VAL C 301 -14.06 -1.87 15.70
CA VAL C 301 -12.75 -1.30 15.96
C VAL C 301 -12.00 -2.16 16.98
N LYS C 302 -12.68 -2.55 18.05
CA LYS C 302 -12.02 -3.27 19.13
C LYS C 302 -11.64 -4.68 18.75
N SER C 303 -12.35 -5.28 17.78
CA SER C 303 -12.06 -6.66 17.41
C SER C 303 -10.66 -6.81 16.84
N GLY C 304 -10.14 -5.77 16.19
CA GLY C 304 -8.85 -5.82 15.56
C GLY C 304 -8.84 -6.41 14.17
N TRP C 305 -9.97 -6.93 13.71
CA TRP C 305 -10.06 -7.54 12.40
C TRP C 305 -10.52 -6.53 11.35
N ARG C 306 -10.12 -6.79 10.11
CA ARG C 306 -10.65 -6.04 8.99
C ARG C 306 -12.15 -6.30 8.85
N PHE C 307 -12.87 -5.32 8.36
CA PHE C 307 -14.32 -5.43 8.31
C PHE C 307 -14.89 -4.71 7.10
N LEU C 308 -16.02 -5.20 6.62
CA LEU C 308 -16.82 -4.54 5.60
C LEU C 308 -18.26 -4.47 6.13
N TRP C 309 -18.69 -3.28 6.51
CA TRP C 309 -19.97 -3.08 7.20
C TRP C 309 -20.94 -2.37 6.26
N VAL C 310 -22.02 -3.06 5.91
CA VAL C 310 -23.07 -2.50 5.08
C VAL C 310 -24.20 -2.03 5.99
N VAL C 311 -24.56 -0.75 5.87
CA VAL C 311 -25.60 -0.13 6.69
C VAL C 311 -26.77 0.24 5.81
N LYS C 312 -27.97 -0.07 6.27
CA LYS C 312 -29.22 0.38 5.66
C LYS C 312 -29.82 1.43 6.58
N ASP C 313 -30.08 2.61 6.05
CA ASP C 313 -30.64 3.70 6.83
C ASP C 313 -32.13 3.83 6.57
N LYS C 314 -32.88 4.17 7.61
CA LYS C 314 -34.35 4.28 7.55
C LYS C 314 -34.83 5.19 6.42
N GLY C 326 -24.57 11.09 15.29
CA GLY C 326 -24.23 10.24 14.16
C GLY C 326 -23.99 8.80 14.57
N VAL C 327 -23.43 8.01 13.65
CA VAL C 327 -23.15 6.61 13.88
C VAL C 327 -21.67 6.30 13.69
N LEU C 328 -21.03 6.90 12.69
CA LEU C 328 -19.63 6.62 12.38
C LEU C 328 -18.75 7.44 13.32
N GLY C 329 -18.17 6.77 14.32
CA GLY C 329 -17.34 7.46 15.28
C GLY C 329 -16.05 7.99 14.68
N PHE C 330 -15.41 8.90 15.42
CA PHE C 330 -14.17 9.51 14.93
C PHE C 330 -13.04 8.49 14.83
N GLU C 331 -12.88 7.65 15.87
CA GLU C 331 -11.83 6.64 15.83
C GLU C 331 -12.10 5.61 14.73
N LEU C 332 -13.37 5.27 14.52
CA LEU C 332 -13.74 4.35 13.44
C LEU C 332 -13.24 4.88 12.09
N VAL C 333 -13.46 6.17 11.82
CA VAL C 333 -13.03 6.75 10.55
C VAL C 333 -11.52 6.90 10.50
N GLU C 334 -10.91 7.26 11.64
CA GLU C 334 -9.47 7.45 11.69
C GLU C 334 -8.74 6.19 11.27
N ARG C 335 -9.15 5.04 11.80
CA ARG C 335 -8.48 3.77 11.53
C ARG C 335 -8.93 3.13 10.22
N MET C 336 -10.04 3.60 9.62
CA MET C 336 -10.35 3.18 8.26
C MET C 336 -9.46 3.89 7.24
N VAL C 337 -8.96 5.08 7.59
CA VAL C 337 -8.15 5.86 6.67
C VAL C 337 -6.66 5.62 6.92
N LYS C 338 -6.22 5.68 8.18
CA LYS C 338 -4.79 5.55 8.46
C LYS C 338 -4.35 4.10 8.38
N GLU C 339 -5.21 3.15 8.78
CA GLU C 339 -4.88 1.75 8.76
C GLU C 339 -5.49 1.00 7.59
N LYS C 340 -6.37 1.63 6.82
CA LYS C 340 -7.12 0.97 5.74
C LYS C 340 -7.80 -0.29 6.24
N LYS C 341 -8.28 -0.26 7.49
CA LYS C 341 -8.73 -1.46 8.17
C LYS C 341 -10.17 -1.85 7.83
N GLY C 342 -10.97 -0.94 7.29
CA GLY C 342 -12.35 -1.30 7.03
C GLY C 342 -13.05 -0.34 6.09
N LEU C 343 -14.26 -0.73 5.71
CA LEU C 343 -15.16 0.08 4.91
C LEU C 343 -16.56 0.05 5.50
N VAL C 344 -17.23 1.19 5.50
CA VAL C 344 -18.65 1.29 5.84
C VAL C 344 -19.35 1.90 4.63
N VAL C 345 -20.37 1.21 4.13
CA VAL C 345 -21.07 1.64 2.92
C VAL C 345 -22.57 1.62 3.17
N LYS C 346 -23.26 2.61 2.61
CA LYS C 346 -24.71 2.72 2.65
C LYS C 346 -25.21 2.61 1.21
N GLU C 347 -25.40 1.38 0.75
CA GLU C 347 -25.81 1.12 -0.62
C GLU C 347 -26.30 -0.30 -0.70
N TRP C 348 -26.95 -0.63 -1.81
CA TRP C 348 -27.30 -2.02 -2.11
C TRP C 348 -26.07 -2.68 -2.71
N VAL C 349 -25.32 -3.41 -1.89
CA VAL C 349 -24.11 -4.06 -2.35
C VAL C 349 -24.45 -5.37 -3.05
N ASP C 350 -23.48 -5.89 -3.78
CA ASP C 350 -23.56 -7.23 -4.36
C ASP C 350 -23.06 -8.19 -3.28
N GLN C 351 -23.99 -8.67 -2.46
CA GLN C 351 -23.61 -9.51 -1.33
C GLN C 351 -22.95 -10.80 -1.79
N SER C 352 -23.43 -11.35 -2.91
CA SER C 352 -22.84 -12.59 -3.41
C SER C 352 -21.40 -12.40 -3.83
N GLU C 353 -21.08 -11.25 -4.43
CA GLU C 353 -19.69 -10.96 -4.78
C GLU C 353 -18.83 -10.79 -3.54
N ILE C 354 -19.42 -10.37 -2.43
CA ILE C 354 -18.68 -10.22 -1.19
C ILE C 354 -18.48 -11.55 -0.50
N LEU C 355 -19.57 -12.33 -0.34
CA LEU C 355 -19.46 -13.62 0.33
C LEU C 355 -18.60 -14.61 -0.44
N GLY C 356 -18.46 -14.43 -1.75
CA GLY C 356 -17.63 -15.28 -2.58
C GLY C 356 -16.19 -14.87 -2.67
N HIS C 357 -15.83 -13.74 -2.08
CA HIS C 357 -14.45 -13.25 -2.12
C HIS C 357 -13.61 -13.98 -1.07
N LYS C 358 -12.42 -14.43 -1.47
CA LYS C 358 -11.59 -15.20 -0.55
C LYS C 358 -11.08 -14.38 0.63
N ALA C 359 -11.19 -13.05 0.57
CA ALA C 359 -10.77 -12.22 1.69
C ALA C 359 -11.77 -12.28 2.86
N VAL C 360 -13.01 -12.67 2.59
CA VAL C 360 -14.04 -12.72 3.63
C VAL C 360 -13.92 -14.02 4.41
N GLY C 361 -13.70 -13.90 5.71
CA GLY C 361 -13.56 -15.07 6.56
C GLY C 361 -14.73 -15.30 7.49
N GLY C 362 -15.61 -14.30 7.62
CA GLY C 362 -16.73 -14.41 8.54
C GLY C 362 -17.87 -13.49 8.14
N PHE C 363 -19.06 -13.83 8.63
CA PHE C 363 -20.29 -13.15 8.24
C PHE C 363 -21.11 -12.87 9.49
N VAL C 364 -21.17 -11.60 9.89
CA VAL C 364 -22.11 -11.18 10.94
C VAL C 364 -23.45 -10.91 10.26
N SER C 365 -24.42 -11.79 10.49
CA SER C 365 -25.69 -11.73 9.79
C SER C 365 -26.84 -11.73 10.79
N HIS C 366 -27.93 -11.07 10.41
CA HIS C 366 -29.17 -11.19 11.17
C HIS C 366 -29.86 -12.52 10.93
N CYS C 367 -29.30 -13.35 10.04
CA CYS C 367 -29.78 -14.69 9.75
C CYS C 367 -31.11 -14.69 9.01
N GLY C 368 -31.34 -13.67 8.19
CA GLY C 368 -32.35 -13.80 7.14
C GLY C 368 -32.00 -14.97 6.26
N TRP C 369 -33.02 -15.75 5.87
CA TRP C 369 -32.74 -17.09 5.36
C TRP C 369 -31.99 -17.05 4.03
N ASN C 370 -32.26 -16.04 3.20
CA ASN C 370 -31.54 -15.94 1.94
C ASN C 370 -30.05 -15.71 2.18
N SER C 371 -29.71 -14.87 3.17
CA SER C 371 -28.30 -14.65 3.49
C SER C 371 -27.66 -15.90 4.07
N VAL C 372 -28.43 -16.68 4.83
CA VAL C 372 -27.88 -17.91 5.41
C VAL C 372 -27.52 -18.90 4.31
N VAL C 373 -28.46 -19.14 3.40
CA VAL C 373 -28.21 -20.09 2.32
C VAL C 373 -27.08 -19.61 1.41
N GLU C 374 -26.99 -18.29 1.19
CA GLU C 374 -25.87 -17.76 0.41
C GLU C 374 -24.54 -17.99 1.13
N ALA C 375 -24.52 -17.82 2.45
CA ALA C 375 -23.31 -18.11 3.21
C ALA C 375 -22.96 -19.60 3.15
N ALA C 376 -23.97 -20.46 3.19
CA ALA C 376 -23.71 -21.90 3.04
C ALA C 376 -23.17 -22.21 1.65
N TRP C 377 -23.68 -21.54 0.63
CA TRP C 377 -23.23 -21.79 -0.73
C TRP C 377 -21.77 -21.41 -0.91
N PHE C 378 -21.34 -20.32 -0.26
CA PHE C 378 -19.96 -19.86 -0.36
C PHE C 378 -19.09 -20.36 0.78
N GLY C 379 -19.65 -21.12 1.73
CA GLY C 379 -18.87 -21.69 2.81
C GLY C 379 -18.26 -20.67 3.75
N VAL C 380 -19.07 -19.72 4.21
CA VAL C 380 -18.61 -18.65 5.09
C VAL C 380 -19.22 -18.87 6.47
N PRO C 381 -18.44 -18.92 7.53
CA PRO C 381 -19.01 -19.07 8.87
C PRO C 381 -19.78 -17.83 9.29
N ILE C 382 -20.80 -18.05 10.11
CA ILE C 382 -21.75 -17.01 10.48
C ILE C 382 -21.63 -16.73 11.97
N LEU C 383 -21.47 -15.46 12.32
CA LEU C 383 -21.77 -14.97 13.66
C LEU C 383 -23.19 -14.44 13.64
N GLY C 384 -24.13 -15.22 14.19
CA GLY C 384 -25.53 -14.85 14.13
C GLY C 384 -25.86 -13.75 15.11
N TRP C 385 -26.54 -12.72 14.61
CA TRP C 385 -27.12 -11.66 15.44
C TRP C 385 -28.59 -11.53 15.06
N PRO C 386 -29.43 -12.47 15.50
CA PRO C 386 -30.85 -12.39 15.16
C PRO C 386 -31.51 -11.20 15.83
N LEU C 387 -32.43 -10.57 15.09
CA LEU C 387 -33.09 -9.36 15.55
C LEU C 387 -34.60 -9.50 15.69
N HIS C 388 -35.28 -10.14 14.74
CA HIS C 388 -36.73 -10.23 14.76
C HIS C 388 -37.19 -11.54 14.14
N GLY C 389 -38.45 -11.89 14.41
CA GLY C 389 -39.11 -12.95 13.67
C GLY C 389 -38.41 -14.29 13.75
N ASP C 390 -38.19 -14.88 12.58
CA ASP C 390 -37.64 -16.23 12.42
C ASP C 390 -36.14 -16.31 12.64
N GLN C 391 -35.50 -15.20 13.02
CA GLN C 391 -34.05 -15.14 12.92
C GLN C 391 -33.34 -15.91 14.03
N LYS C 392 -33.96 -16.04 15.20
CA LYS C 392 -33.34 -16.86 16.24
C LYS C 392 -33.45 -18.34 15.91
N ILE C 393 -34.57 -18.76 15.30
CA ILE C 393 -34.70 -20.14 14.88
C ILE C 393 -33.73 -20.47 13.75
N ASN C 394 -33.60 -19.56 12.78
CA ASN C 394 -32.65 -19.77 11.69
C ASN C 394 -31.21 -19.81 12.21
N ALA C 395 -30.90 -18.96 13.19
CA ALA C 395 -29.53 -18.91 13.71
C ALA C 395 -29.16 -20.21 14.40
N GLU C 396 -30.12 -20.85 15.09
CA GLU C 396 -29.83 -22.12 15.73
C GLU C 396 -29.72 -23.25 14.71
N VAL C 397 -30.48 -23.17 13.61
CA VAL C 397 -30.29 -24.09 12.50
C VAL C 397 -28.84 -24.07 12.04
N VAL C 398 -28.26 -22.86 11.94
CA VAL C 398 -26.85 -22.74 11.58
C VAL C 398 -25.97 -23.29 12.70
N ALA C 399 -26.27 -22.91 13.95
CA ALA C 399 -25.42 -23.33 15.07
C ALA C 399 -25.42 -24.84 15.24
N LYS C 400 -26.59 -25.48 15.12
CA LYS C 400 -26.65 -26.93 15.20
C LYS C 400 -25.84 -27.59 14.09
N GLY C 401 -25.76 -26.96 12.93
CA GLY C 401 -24.95 -27.46 11.84
C GLY C 401 -23.45 -27.31 12.07
N GLY C 402 -23.04 -26.55 13.07
CA GLY C 402 -21.65 -26.43 13.43
C GLY C 402 -20.84 -25.44 12.62
N TRP C 403 -21.48 -24.66 11.76
CA TRP C 403 -20.78 -23.64 10.97
C TRP C 403 -21.21 -22.23 11.35
N GLY C 404 -21.74 -22.05 12.55
CA GLY C 404 -22.13 -20.73 13.00
C GLY C 404 -22.30 -20.68 14.51
N VAL C 405 -22.31 -19.46 15.03
CA VAL C 405 -22.42 -19.21 16.46
C VAL C 405 -23.27 -17.95 16.66
N TRP C 406 -24.13 -17.98 17.68
CA TRP C 406 -24.87 -16.79 18.08
C TRP C 406 -25.00 -16.76 19.60
N LYS C 407 -25.03 -15.55 20.15
CA LYS C 407 -25.10 -15.35 21.60
C LYS C 407 -26.57 -15.22 21.99
N GLU C 408 -27.09 -16.24 22.68
CA GLU C 408 -28.50 -16.27 23.03
C GLU C 408 -28.91 -15.15 23.97
N GLY C 409 -27.96 -14.58 24.71
CA GLY C 409 -28.26 -13.55 25.69
C GLY C 409 -28.31 -12.12 25.18
N TRP C 410 -28.05 -11.90 23.89
CA TRP C 410 -28.13 -10.54 23.36
C TRP C 410 -29.57 -10.06 23.26
N GLY C 411 -30.52 -10.99 23.10
CA GLY C 411 -31.93 -10.65 23.12
C GLY C 411 -32.44 -10.16 21.78
N TRP C 412 -33.76 -10.03 21.69
CA TRP C 412 -34.37 -9.43 20.53
C TRP C 412 -33.88 -7.98 20.37
N GLU C 413 -34.05 -7.44 19.17
CA GLU C 413 -33.63 -6.08 18.90
C GLU C 413 -34.33 -5.11 19.84
N GLY C 414 -33.55 -4.26 20.52
CA GLY C 414 -34.06 -3.28 21.43
C GLY C 414 -34.20 -3.74 22.87
N GLU C 415 -34.17 -5.06 23.11
CA GLU C 415 -34.36 -5.56 24.47
C GLU C 415 -33.28 -5.05 25.41
N ARG C 416 -32.03 -4.98 24.93
CA ARG C 416 -30.95 -4.44 25.73
C ARG C 416 -29.80 -4.07 24.80
N LEU C 417 -28.91 -3.22 25.32
CA LEU C 417 -27.82 -2.64 24.54
C LEU C 417 -26.63 -3.60 24.57
N VAL C 418 -26.36 -4.26 23.45
CA VAL C 418 -25.18 -5.10 23.32
C VAL C 418 -23.96 -4.19 23.18
N LYS C 419 -23.00 -4.35 24.09
CA LYS C 419 -21.86 -3.45 24.16
C LYS C 419 -20.79 -3.83 23.15
N GLY C 420 -19.95 -2.86 22.81
CA GLY C 420 -18.92 -3.08 21.80
C GLY C 420 -17.93 -4.16 22.19
N GLU C 421 -17.65 -4.29 23.48
CA GLU C 421 -16.68 -5.29 23.91
C GLU C 421 -17.25 -6.71 23.78
N GLU C 422 -18.56 -6.88 24.00
CA GLU C 422 -19.17 -8.18 23.73
C GLU C 422 -19.17 -8.48 22.24
N ILE C 423 -19.43 -7.47 21.41
CA ILE C 423 -19.38 -7.63 19.97
C ILE C 423 -17.97 -7.99 19.52
N ALA C 424 -16.98 -7.27 20.05
CA ALA C 424 -15.59 -7.53 19.66
C ALA C 424 -15.17 -8.94 20.04
N GLU C 425 -15.62 -9.43 21.20
CA GLU C 425 -15.23 -10.77 21.63
C GLU C 425 -15.88 -11.84 20.75
N ALA C 426 -17.15 -11.65 20.40
CA ALA C 426 -17.83 -12.62 19.55
C ALA C 426 -17.19 -12.66 18.16
N ILE C 427 -16.79 -11.50 17.65
CA ILE C 427 -16.13 -11.45 16.34
C ILE C 427 -14.81 -12.20 16.37
N ARG C 428 -14.00 -11.95 17.42
CA ARG C 428 -12.72 -12.65 17.53
C ARG C 428 -12.91 -14.14 17.69
N GLU C 429 -14.00 -14.56 18.35
CA GLU C 429 -14.27 -15.99 18.51
C GLU C 429 -14.54 -16.66 17.17
N VAL C 430 -15.37 -16.03 16.32
CA VAL C 430 -15.74 -16.65 15.06
C VAL C 430 -14.59 -16.62 14.07
N MET C 431 -13.87 -15.50 13.99
CA MET C 431 -12.83 -15.36 12.97
C MET C 431 -11.61 -16.22 13.26
N ASN C 432 -11.43 -16.68 14.48
CA ASN C 432 -10.29 -17.52 14.84
C ASN C 432 -10.63 -19.00 14.90
N ASP C 433 -11.89 -19.37 14.69
CA ASP C 433 -12.36 -20.74 14.91
C ASP C 433 -12.21 -21.53 13.61
N GLU C 434 -11.15 -22.33 13.51
CA GLU C 434 -10.95 -23.15 12.32
C GLU C 434 -11.95 -24.29 12.21
N SER C 435 -12.57 -24.69 13.33
CA SER C 435 -13.58 -25.74 13.24
C SER C 435 -14.86 -25.22 12.60
N LEU C 436 -15.21 -23.95 12.85
CA LEU C 436 -16.35 -23.35 12.17
C LEU C 436 -16.08 -23.22 10.67
N ARG C 437 -14.86 -22.84 10.30
CA ARG C 437 -14.53 -22.68 8.88
C ARG C 437 -14.54 -24.02 8.17
N MET C 438 -13.99 -25.06 8.80
CA MET C 438 -13.94 -26.37 8.17
C MET C 438 -15.34 -26.95 8.00
N LYS C 439 -16.21 -26.75 8.98
CA LYS C 439 -17.59 -27.22 8.84
C LYS C 439 -18.33 -26.45 7.75
N ALA C 440 -18.05 -25.15 7.61
CA ALA C 440 -18.69 -24.37 6.56
C ALA C 440 -18.23 -24.83 5.19
N THR C 441 -16.97 -25.22 5.06
CA THR C 441 -16.49 -25.80 3.81
C THR C 441 -17.23 -27.10 3.50
N GLN C 442 -17.53 -27.89 4.53
CA GLN C 442 -18.29 -29.11 4.33
C GLN C 442 -19.73 -28.82 3.90
N VAL C 443 -20.36 -27.83 4.54
CA VAL C 443 -21.68 -27.40 4.12
C VAL C 443 -21.65 -26.90 2.68
N LYS C 444 -20.58 -26.17 2.33
CA LYS C 444 -20.43 -25.71 0.95
C LYS C 444 -20.33 -26.88 -0.02
N LYS C 445 -19.59 -27.92 0.35
CA LYS C 445 -19.46 -29.08 -0.53
C LYS C 445 -20.81 -29.75 -0.75
N ASP C 446 -21.62 -29.88 0.31
CA ASP C 446 -22.97 -30.40 0.15
C ASP C 446 -23.84 -29.48 -0.70
N ALA C 447 -23.62 -28.17 -0.60
CA ALA C 447 -24.39 -27.23 -1.42
C ALA C 447 -24.07 -27.40 -2.90
N ARG C 448 -22.79 -27.58 -3.23
CA ARG C 448 -22.39 -27.81 -4.62
C ARG C 448 -22.97 -29.12 -5.16
N LYS C 449 -23.06 -30.15 -4.33
CA LYS C 449 -23.65 -31.41 -4.75
C LYS C 449 -25.14 -31.29 -5.01
N ALA C 450 -25.84 -30.46 -4.23
CA ALA C 450 -27.29 -30.36 -4.37
C ALA C 450 -27.70 -29.84 -5.74
N ILE C 451 -26.90 -28.95 -6.33
CA ILE C 451 -27.23 -28.37 -7.63
C ILE C 451 -26.55 -29.10 -8.78
N SER C 452 -25.83 -30.17 -8.51
CA SER C 452 -25.13 -30.89 -9.55
C SER C 452 -26.08 -31.85 -10.25
N VAL C 453 -25.64 -32.36 -11.41
CA VAL C 453 -26.44 -33.31 -12.16
C VAL C 453 -26.71 -34.53 -11.28
N GLY C 454 -27.99 -34.85 -11.11
CA GLY C 454 -28.41 -35.90 -10.22
C GLY C 454 -28.56 -35.48 -8.77
N GLY C 455 -28.24 -34.24 -8.44
CA GLY C 455 -28.37 -33.76 -7.09
C GLY C 455 -29.82 -33.60 -6.67
N SER C 456 -30.00 -33.27 -5.38
CA SER C 456 -31.34 -33.23 -4.82
C SER C 456 -32.18 -32.11 -5.44
N GLN C 457 -31.55 -31.01 -5.85
CA GLN C 457 -32.32 -29.91 -6.43
C GLN C 457 -32.92 -30.30 -7.78
N GLU C 458 -32.09 -30.80 -8.70
CA GLU C 458 -32.59 -31.29 -9.97
C GLU C 458 -33.63 -32.39 -9.77
N VAL C 459 -33.37 -33.30 -8.83
CA VAL C 459 -34.31 -34.38 -8.56
C VAL C 459 -35.62 -33.81 -8.02
N ALA C 460 -35.53 -32.84 -7.11
CA ALA C 460 -36.74 -32.28 -6.52
C ALA C 460 -37.56 -31.51 -7.54
N LEU C 461 -36.90 -30.76 -8.42
CA LEU C 461 -37.63 -30.03 -9.46
C LEU C 461 -38.32 -30.99 -10.42
N GLN C 462 -37.66 -32.10 -10.75
CA GLN C 462 -38.23 -33.04 -11.72
C GLN C 462 -39.48 -33.73 -11.17
N LYS C 463 -39.48 -34.05 -9.87
CA LYS C 463 -40.68 -34.62 -9.26
C LYS C 463 -41.87 -33.67 -9.43
N LEU C 464 -41.63 -32.37 -9.28
CA LEU C 464 -42.70 -31.39 -9.49
C LEU C 464 -43.19 -31.39 -10.93
N MET C 465 -42.26 -31.47 -11.89
CA MET C 465 -42.60 -31.33 -13.29
C MET C 465 -43.46 -32.47 -13.82
N GLU C 466 -43.39 -33.66 -13.20
CA GLU C 466 -44.17 -34.78 -13.70
C GLU C 466 -45.67 -34.55 -13.51
N VAL C 467 -46.06 -33.87 -12.43
CA VAL C 467 -47.46 -33.62 -12.18
C VAL C 467 -48.01 -32.54 -13.10
N TRP C 468 -47.14 -31.69 -13.64
CA TRP C 468 -47.57 -30.57 -14.46
C TRP C 468 -47.80 -30.97 -15.91
N LYS C 469 -47.08 -31.99 -16.40
CA LYS C 469 -47.31 -32.66 -17.68
C LYS C 469 -46.20 -33.67 -17.90
N VAL D 14 21.86 39.20 38.03
CA VAL D 14 20.74 38.33 37.76
C VAL D 14 19.53 39.13 37.29
N VAL D 15 19.28 39.12 35.98
CA VAL D 15 18.13 39.80 35.41
C VAL D 15 16.91 38.91 35.54
N HIS D 16 15.83 39.46 36.09
CA HIS D 16 14.64 38.71 36.45
C HIS D 16 13.43 39.28 35.72
N VAL D 17 12.74 38.43 34.97
CA VAL D 17 11.59 38.85 34.16
C VAL D 17 10.35 38.12 34.68
N ALA D 18 9.28 38.88 34.89
CA ALA D 18 7.99 38.31 35.24
C ALA D 18 7.09 38.31 34.01
N LEU D 19 6.32 37.25 33.84
CA LEU D 19 5.50 37.06 32.65
C LEU D 19 4.08 36.68 33.05
N LEU D 20 3.10 37.42 32.55
CA LEU D 20 1.69 37.17 32.83
C LEU D 20 0.92 37.04 31.51
N PRO D 21 0.63 35.82 31.08
CA PRO D 21 -0.20 35.63 29.89
C PRO D 21 -1.68 35.63 30.22
N SER D 22 -2.47 36.03 29.23
CA SER D 22 -3.92 35.92 29.34
C SER D 22 -4.34 34.50 28.99
N ALA D 23 -5.63 34.22 29.15
CA ALA D 23 -6.14 32.86 28.94
C ALA D 23 -6.24 32.55 27.45
N GLY D 24 -6.08 31.28 27.12
CA GLY D 24 -6.17 30.80 25.76
C GLY D 24 -4.81 30.40 25.22
N MET D 25 -4.79 29.36 24.38
CA MET D 25 -3.53 28.91 23.79
C MET D 25 -2.95 29.97 22.87
N GLY D 26 -3.79 30.82 22.27
CA GLY D 26 -3.28 31.89 21.43
C GLY D 26 -2.46 32.93 22.18
N HIS D 27 -2.62 33.01 23.49
CA HIS D 27 -1.84 33.92 24.33
C HIS D 27 -0.76 33.20 25.11
N LEU D 28 -1.05 31.99 25.61
CA LEU D 28 -0.04 31.25 26.37
C LEU D 28 1.12 30.83 25.49
N THR D 29 0.85 30.44 24.24
CA THR D 29 1.90 29.92 23.37
C THR D 29 3.00 30.94 23.09
N PRO D 30 2.70 32.16 22.59
CA PRO D 30 3.80 33.11 22.35
C PRO D 30 4.50 33.55 23.62
N PHE D 31 3.81 33.54 24.75
CA PHE D 31 4.46 33.89 26.02
C PHE D 31 5.49 32.85 26.41
N LEU D 32 5.14 31.56 26.34
CA LEU D 32 6.08 30.52 26.70
C LEU D 32 7.25 30.46 25.72
N ARG D 33 7.01 30.74 24.44
CA ARG D 33 8.11 30.82 23.49
C ARG D 33 8.97 32.06 23.74
N LEU D 34 8.37 33.16 24.20
CA LEU D 34 9.16 34.30 24.66
C LEU D 34 9.98 33.93 25.88
N ALA D 35 9.37 33.22 26.83
CA ALA D 35 10.10 32.76 28.01
C ALA D 35 11.30 31.92 27.61
N SER D 36 11.15 31.05 26.61
CA SER D 36 12.26 30.24 26.14
C SER D 36 13.38 31.12 25.58
N LEU D 37 13.01 32.18 24.85
CA LEU D 37 14.02 33.07 24.29
C LEU D 37 14.79 33.80 25.38
N LEU D 38 14.12 34.16 26.47
CA LEU D 38 14.78 34.90 27.54
C LEU D 38 15.70 33.99 28.35
N LEU D 39 15.29 32.74 28.57
CA LEU D 39 16.14 31.80 29.29
C LEU D 39 17.42 31.50 28.52
N HIS D 40 17.34 31.54 27.18
CA HIS D 40 18.56 31.43 26.38
C HIS D 40 19.48 32.62 26.62
N GLN D 41 18.91 33.79 26.95
CA GLN D 41 19.68 34.96 27.34
C GLN D 41 20.03 34.96 28.82
N HIS D 42 19.98 33.79 29.45
CA HIS D 42 20.40 33.52 30.83
C HIS D 42 19.55 34.25 31.86
N CYS D 43 18.38 34.74 31.49
CA CYS D 43 17.52 35.41 32.45
C CYS D 43 16.94 34.42 33.46
N HIS D 44 16.42 34.97 34.55
CA HIS D 44 15.59 34.23 35.49
C HIS D 44 14.15 34.66 35.28
N VAL D 45 13.24 33.70 35.17
CA VAL D 45 11.87 33.95 34.73
C VAL D 45 10.90 33.51 35.82
N THR D 46 10.02 34.42 36.21
CA THR D 46 8.85 34.09 37.01
C THR D 46 7.63 34.08 36.09
N LEU D 47 6.96 32.95 36.00
CA LEU D 47 5.78 32.81 35.18
C LEU D 47 4.55 32.89 36.07
N ILE D 48 3.66 33.82 35.78
CA ILE D 48 2.44 34.02 36.56
C ILE D 48 1.32 33.21 35.91
N THR D 49 0.77 32.26 36.65
CA THR D 49 -0.28 31.39 36.13
C THR D 49 -1.59 31.68 36.82
N PRO D 50 -2.56 32.32 36.14
CA PRO D 50 -3.90 32.45 36.71
C PRO D 50 -4.51 31.08 36.94
N GLN D 51 -5.07 30.88 38.13
CA GLN D 51 -5.64 29.61 38.53
C GLN D 51 -7.09 29.82 38.97
N PRO D 52 -7.99 28.89 38.63
CA PRO D 52 -7.77 27.64 37.90
C PRO D 52 -7.58 27.86 36.39
N THR D 53 -6.66 27.11 35.78
CA THR D 53 -6.41 27.23 34.34
C THR D 53 -7.65 26.80 33.56
N VAL D 54 -7.88 27.45 32.42
CA VAL D 54 -9.18 27.31 31.76
C VAL D 54 -9.30 25.97 31.02
N SER D 55 -8.26 25.60 30.28
CA SER D 55 -8.32 24.46 29.40
C SER D 55 -7.18 23.49 29.67
N LYS D 56 -7.43 22.21 29.36
CA LYS D 56 -6.41 21.18 29.53
C LYS D 56 -5.21 21.42 28.61
N ALA D 57 -5.46 21.93 27.41
CA ALA D 57 -4.36 22.24 26.50
C ALA D 57 -3.40 23.24 27.13
N GLU D 58 -3.92 24.24 27.84
CA GLU D 58 -3.07 25.13 28.62
C GLU D 58 -2.38 24.39 29.76
N GLU D 59 -3.11 23.50 30.44
CA GLU D 59 -2.51 22.72 31.51
C GLU D 59 -1.37 21.85 30.99
N ASP D 60 -1.62 21.12 29.90
CA ASP D 60 -0.61 20.22 29.36
C ASP D 60 0.62 20.99 28.89
N LEU D 61 0.42 22.11 28.17
CA LEU D 61 1.56 22.89 27.71
C LEU D 61 2.33 23.50 28.87
N LEU D 62 1.62 23.98 29.90
CA LEU D 62 2.30 24.52 31.07
C LEU D 62 3.17 23.46 31.72
N SER D 63 2.60 22.28 31.98
CA SER D 63 3.36 21.21 32.63
C SER D 63 4.55 20.78 31.78
N ARG D 64 4.33 20.60 30.47
CA ARG D 64 5.44 20.24 29.59
C ARG D 64 6.49 21.33 29.53
N PHE D 65 6.09 22.60 29.64
CA PHE D 65 7.05 23.69 29.65
C PHE D 65 7.84 23.72 30.96
N LEU D 66 7.16 23.50 32.09
CA LEU D 66 7.85 23.48 33.38
C LEU D 66 8.78 22.28 33.49
N SER D 67 8.40 21.15 32.90
CA SER D 67 9.26 19.96 32.94
C SER D 67 10.50 20.11 32.07
N ALA D 68 10.45 20.96 31.05
CA ALA D 68 11.63 21.24 30.24
C ALA D 68 12.51 22.34 30.82
N PHE D 69 11.95 23.18 31.69
CA PHE D 69 12.72 24.22 32.38
C PHE D 69 12.31 24.24 33.84
N PRO D 70 12.94 23.41 34.67
CA PRO D 70 12.58 23.39 36.10
C PRO D 70 13.02 24.63 36.87
N GLN D 71 13.85 25.49 36.28
CA GLN D 71 14.41 26.63 37.01
C GLN D 71 13.46 27.82 37.05
N VAL D 72 12.37 27.82 36.31
CA VAL D 72 11.45 28.96 36.32
C VAL D 72 10.55 28.86 37.54
N ASN D 73 10.20 30.00 38.11
CA ASN D 73 9.34 30.07 39.28
C ASN D 73 7.91 30.27 38.82
N GLN D 74 7.05 29.28 39.09
CA GLN D 74 5.64 29.36 38.73
C GLN D 74 4.91 30.04 39.88
N LEU D 75 4.63 31.32 39.72
CA LEU D 75 3.85 32.08 40.70
C LEU D 75 2.37 31.80 40.47
N HIS D 76 1.75 31.05 41.37
CA HIS D 76 0.33 30.77 41.28
C HIS D 76 -0.47 32.00 41.68
N PHE D 77 -1.36 32.44 40.80
CA PHE D 77 -2.18 33.64 40.97
C PHE D 77 -3.63 33.17 41.09
N HIS D 78 -4.01 32.73 42.29
CA HIS D 78 -5.35 32.19 42.50
C HIS D 78 -6.41 33.28 42.29
N LEU D 79 -7.48 32.92 41.58
CA LEU D 79 -8.53 33.85 41.24
C LEU D 79 -9.83 33.45 41.92
N PRO D 80 -10.56 34.41 42.52
CA PRO D 80 -11.90 34.09 42.99
C PRO D 80 -12.85 33.96 41.81
N PRO D 81 -13.86 33.10 41.92
CA PRO D 81 -14.83 33.00 40.82
C PRO D 81 -15.55 34.32 40.60
N SER D 82 -15.66 34.70 39.33
CA SER D 82 -16.37 35.90 38.92
C SER D 82 -17.60 35.50 38.11
N ASP D 83 -18.69 36.26 38.29
CA ASP D 83 -19.92 36.03 37.56
C ASP D 83 -20.28 37.27 36.77
N SER D 84 -20.51 37.11 35.47
CA SER D 84 -20.79 38.21 34.56
C SER D 84 -22.08 37.94 33.80
N THR D 85 -22.89 38.99 33.64
CA THR D 85 -24.07 38.90 32.80
C THR D 85 -23.73 39.03 31.33
N ILE D 86 -22.50 39.42 30.99
CA ILE D 86 -22.14 39.65 29.60
C ILE D 86 -21.85 38.33 28.89
N SER D 87 -21.19 37.40 29.55
CA SER D 87 -20.85 36.14 28.90
C SER D 87 -20.56 35.07 29.95
N THR D 88 -21.00 33.85 29.66
CA THR D 88 -20.69 32.68 30.48
C THR D 88 -19.45 31.94 29.97
N ASP D 89 -18.79 32.45 28.94
CA ASP D 89 -17.65 31.77 28.36
C ASP D 89 -16.51 31.69 29.37
N PRO D 90 -15.88 30.53 29.55
CA PRO D 90 -14.87 30.40 30.61
C PRO D 90 -13.62 31.22 30.38
N PHE D 91 -13.26 31.49 29.12
CA PHE D 91 -12.09 32.34 28.87
C PHE D 91 -12.40 33.80 29.19
N PHE D 92 -13.63 34.24 28.90
CA PHE D 92 -14.04 35.58 29.28
C PHE D 92 -14.07 35.74 30.79
N LEU D 93 -14.50 34.69 31.50
CA LEU D 93 -14.65 34.78 32.94
C LEU D 93 -13.30 34.84 33.65
N GLN D 94 -12.27 34.18 33.13
CA GLN D 94 -10.93 34.37 33.68
C GLN D 94 -10.43 35.78 33.38
N PHE D 95 -10.68 36.27 32.17
CA PHE D 95 -10.32 37.65 31.82
C PHE D 95 -10.99 38.63 32.77
N ALA D 96 -12.28 38.43 33.05
CA ALA D 96 -12.97 39.30 34.00
C ALA D 96 -12.43 39.13 35.41
N SER D 97 -12.04 37.91 35.77
CA SER D 97 -11.46 37.68 37.09
C SER D 97 -10.14 38.41 37.25
N ILE D 98 -9.28 38.36 36.23
CA ILE D 98 -7.97 38.98 36.32
C ILE D 98 -8.09 40.48 36.52
N ARG D 99 -9.00 41.12 35.79
CA ARG D 99 -9.12 42.58 35.89
C ARG D 99 -9.97 43.04 37.06
N SER D 100 -10.62 42.12 37.77
CA SER D 100 -11.29 42.43 39.03
C SER D 100 -10.42 42.13 40.24
N SER D 101 -9.65 41.04 40.20
CA SER D 101 -8.78 40.63 41.30
C SER D 101 -7.32 40.94 41.04
N SER D 102 -7.05 42.05 40.34
CA SER D 102 -5.68 42.38 39.98
C SER D 102 -4.88 42.85 41.19
N HIS D 103 -5.56 43.36 42.22
CA HIS D 103 -4.87 43.87 43.41
C HIS D 103 -4.08 42.79 44.12
N LEU D 104 -4.44 41.51 43.93
CA LEU D 104 -3.77 40.42 44.63
C LEU D 104 -2.30 40.32 44.24
N LEU D 105 -1.96 40.76 43.03
CA LEU D 105 -0.63 40.51 42.50
C LEU D 105 0.44 41.30 43.23
N THR D 106 0.12 42.52 43.67
CA THR D 106 1.14 43.40 44.23
C THR D 106 1.90 42.78 45.41
N PRO D 107 1.26 42.17 46.41
CA PRO D 107 2.04 41.52 47.47
C PRO D 107 2.88 40.34 46.97
N LEU D 108 2.43 39.66 45.91
CA LEU D 108 3.18 38.51 45.42
C LEU D 108 4.41 38.93 44.63
N LEU D 109 4.38 40.10 44.01
CA LEU D 109 5.47 40.51 43.11
C LEU D 109 6.55 41.31 43.82
N SER D 110 6.18 42.20 44.74
CA SER D 110 7.18 43.02 45.42
C SER D 110 7.98 42.19 46.42
N SER D 111 7.29 41.37 47.22
CA SER D 111 7.96 40.45 48.16
C SER D 111 8.45 39.24 47.37
N LEU D 112 9.47 39.48 46.54
CA LEU D 112 9.97 38.46 45.64
C LEU D 112 11.46 38.66 45.43
N THR D 113 12.24 37.58 45.55
CA THR D 113 13.67 37.61 45.36
C THR D 113 14.08 36.66 44.25
N PRO D 114 15.03 37.05 43.38
CA PRO D 114 15.77 38.32 43.32
C PRO D 114 14.85 39.50 42.98
N PRO D 115 15.32 40.74 43.10
CA PRO D 115 14.47 41.88 42.71
C PRO D 115 14.05 41.78 41.25
N LEU D 116 12.86 42.31 40.96
CA LEU D 116 12.33 42.26 39.62
C LEU D 116 13.05 43.25 38.71
N SER D 117 13.35 42.81 37.49
CA SER D 117 14.00 43.65 36.50
C SER D 117 13.05 44.20 35.45
N SER D 118 11.99 43.46 35.11
CA SER D 118 11.02 43.91 34.13
C SER D 118 9.75 43.08 34.28
N PHE D 119 8.66 43.62 33.71
CA PHE D 119 7.33 43.02 33.80
C PHE D 119 6.69 43.05 32.42
N ILE D 120 6.42 41.88 31.87
CA ILE D 120 5.77 41.76 30.57
C ILE D 120 4.43 41.05 30.78
N TYR D 121 3.34 41.74 30.44
CA TYR D 121 2.00 41.19 30.61
C TYR D 121 1.24 41.31 29.29
N ASP D 122 0.11 40.62 29.24
CA ASP D 122 -0.68 40.58 28.01
C ASP D 122 -1.29 41.95 27.72
N MET D 123 -1.35 42.29 26.43
CA MET D 123 -1.97 43.55 26.01
C MET D 123 -3.42 43.63 26.46
N THR D 124 -4.12 42.50 26.49
CA THR D 124 -5.51 42.49 26.92
C THR D 124 -5.68 42.85 28.39
N LEU D 125 -4.61 42.76 29.18
CA LEU D 125 -4.66 43.04 30.62
C LEU D 125 -4.03 44.39 30.96
N ILE D 126 -3.96 45.31 30.00
CA ILE D 126 -3.18 46.52 30.20
C ILE D 126 -3.82 47.43 31.24
N SER D 127 -5.16 47.52 31.25
CA SER D 127 -5.82 48.46 32.15
C SER D 127 -5.70 48.06 33.62
N PRO D 128 -6.01 46.82 34.02
CA PRO D 128 -5.88 46.49 35.44
C PRO D 128 -4.43 46.32 35.88
N LEU D 129 -3.52 45.95 34.99
CA LEU D 129 -2.15 45.67 35.35
C LEU D 129 -1.23 46.89 35.26
N LEU D 130 -1.68 47.98 34.62
CA LEU D 130 -0.86 49.18 34.56
C LEU D 130 -0.61 49.79 35.94
N PRO D 131 -1.59 49.93 36.83
CA PRO D 131 -1.27 50.43 38.17
C PRO D 131 -0.40 49.47 38.97
N ILE D 132 -0.58 48.15 38.79
CA ILE D 132 0.28 47.18 39.44
C ILE D 132 1.73 47.42 39.06
N ALA D 133 2.01 47.36 37.75
CA ALA D 133 3.37 47.50 37.23
C ALA D 133 4.02 48.81 37.67
N GLU D 134 3.24 49.87 37.84
CA GLU D 134 3.80 51.12 38.32
C GLU D 134 4.26 51.00 39.76
N SER D 135 3.54 50.22 40.58
CA SER D 135 3.95 50.02 41.96
C SER D 135 5.28 49.29 42.04
N LEU D 136 5.51 48.33 41.14
CA LEU D 136 6.76 47.59 41.14
C LEU D 136 7.95 48.49 40.86
N GLY D 137 7.75 49.53 40.05
CA GLY D 137 8.83 50.44 39.73
C GLY D 137 9.86 49.91 38.76
N VAL D 138 9.53 48.84 38.03
CA VAL D 138 10.47 48.26 37.07
C VAL D 138 9.92 48.49 35.67
N PRO D 139 10.77 48.51 34.63
CA PRO D 139 10.25 48.70 33.27
C PRO D 139 9.25 47.62 32.91
N HIS D 140 8.10 48.04 32.39
CA HIS D 140 6.99 47.13 32.11
C HIS D 140 6.56 47.24 30.65
N TYR D 141 6.15 46.11 30.09
CA TYR D 141 5.82 46.03 28.67
C TYR D 141 4.56 45.19 28.50
N ILE D 142 3.91 45.38 27.35
CA ILE D 142 2.87 44.47 26.89
C ILE D 142 3.46 43.63 25.77
N LEU D 143 3.07 42.36 25.73
CA LEU D 143 3.33 41.49 24.59
C LEU D 143 2.03 41.33 23.82
N PHE D 144 1.92 42.00 22.69
CA PHE D 144 0.75 41.87 21.82
C PHE D 144 0.91 40.61 20.98
N THR D 145 -0.06 39.69 21.10
CA THR D 145 0.04 38.37 20.50
C THR D 145 -0.46 38.31 19.07
N SER D 146 -0.80 39.45 18.47
CA SER D 146 -1.23 39.45 17.07
C SER D 146 -0.30 40.30 16.22
N SER D 147 -0.73 40.65 15.02
CA SER D 147 0.16 41.30 14.07
C SER D 147 0.39 42.76 14.43
N ALA D 148 1.53 43.29 13.98
CA ALA D 148 1.80 44.72 14.15
C ALA D 148 0.78 45.57 13.40
N THR D 149 0.26 45.07 12.29
CA THR D 149 -0.80 45.78 11.58
C THR D 149 -2.07 45.85 12.41
N MET D 150 -2.43 44.75 13.07
CA MET D 150 -3.57 44.78 13.97
C MET D 150 -3.31 45.66 15.18
N PHE D 151 -2.07 45.63 15.70
CA PHE D 151 -1.72 46.53 16.78
C PHE D 151 -1.82 47.99 16.35
N SER D 152 -1.47 48.28 15.10
CA SER D 152 -1.60 49.64 14.59
C SER D 152 -3.07 50.07 14.60
N PHE D 153 -3.97 49.15 14.27
CA PHE D 153 -5.40 49.47 14.33
C PHE D 153 -5.83 49.75 15.76
N PHE D 154 -5.30 48.99 16.72
CA PHE D 154 -5.61 49.22 18.12
C PHE D 154 -5.09 50.57 18.60
N ALA D 155 -3.85 50.91 18.20
CA ALA D 155 -3.27 52.18 18.63
C ALA D 155 -4.01 53.37 18.00
N TYR D 156 -4.45 53.22 16.76
CA TYR D 156 -5.09 54.30 16.02
C TYR D 156 -6.59 54.42 16.30
N PHE D 157 -7.17 53.45 17.01
CA PHE D 157 -8.64 53.41 17.13
C PHE D 157 -9.25 54.62 17.83
N PRO D 158 -8.64 55.22 18.86
CA PRO D 158 -9.22 56.47 19.40
C PRO D 158 -9.37 57.54 18.33
N THR D 159 -8.33 57.77 17.53
CA THR D 159 -8.42 58.72 16.42
C THR D 159 -9.56 58.35 15.49
N LEU D 160 -9.72 57.05 15.21
CA LEU D 160 -10.75 56.61 14.27
C LEU D 160 -12.15 56.84 14.81
N ALA D 161 -12.36 56.59 16.10
CA ALA D 161 -13.71 56.69 16.66
C ALA D 161 -14.20 58.12 16.76
N LYS D 162 -13.29 59.11 16.78
CA LYS D 162 -13.70 60.50 16.90
C LYS D 162 -14.13 61.11 15.58
N SER D 163 -13.70 60.53 14.45
CA SER D 163 -14.00 61.10 13.14
C SER D 163 -15.51 61.07 12.88
N GLU D 164 -15.95 62.00 12.03
CA GLU D 164 -17.36 62.05 11.64
C GLU D 164 -17.78 60.73 11.00
N SER D 165 -16.97 60.22 10.09
CA SER D 165 -17.35 59.07 9.27
C SER D 165 -17.59 57.82 10.11
N PHE D 166 -16.98 57.72 11.29
CA PHE D 166 -17.20 56.56 12.12
C PHE D 166 -18.57 56.62 12.78
N PRO D 167 -19.39 55.58 12.67
CA PRO D 167 -19.11 54.32 11.99
C PRO D 167 -19.73 54.18 10.61
N GLY D 168 -20.93 54.73 10.38
CA GLY D 168 -21.69 54.35 9.20
C GLY D 168 -21.06 54.76 7.88
N LYS D 169 -20.43 55.94 7.84
CA LYS D 169 -20.03 56.50 6.56
C LYS D 169 -18.74 55.86 6.03
N LEU D 170 -17.92 55.33 6.92
CA LEU D 170 -16.56 54.93 6.57
C LEU D 170 -16.56 53.79 5.57
N ASP D 171 -15.74 53.93 4.54
CA ASP D 171 -15.46 52.87 3.59
C ASP D 171 -14.12 52.20 3.85
N PHE D 172 -13.11 52.99 4.24
CA PHE D 172 -11.76 52.48 4.43
C PHE D 172 -11.08 53.21 5.58
N VAL D 173 -10.26 52.47 6.32
CA VAL D 173 -9.38 53.03 7.34
C VAL D 173 -7.97 53.07 6.77
N GLU D 174 -7.41 54.28 6.67
CA GLU D 174 -6.06 54.48 6.14
C GLU D 174 -5.15 54.95 7.26
N ILE D 175 -4.36 54.03 7.78
CA ILE D 175 -3.37 54.31 8.82
C ILE D 175 -2.03 54.55 8.14
N PRO D 176 -1.35 55.66 8.39
CA PRO D 176 -0.20 56.06 7.57
C PRO D 176 0.93 55.05 7.59
N GLY D 177 1.20 54.45 6.44
CA GLY D 177 2.41 53.68 6.24
C GLY D 177 2.42 52.27 6.78
N VAL D 178 1.26 51.70 7.10
CA VAL D 178 1.22 50.33 7.61
C VAL D 178 1.12 49.35 6.46
N SER D 179 1.30 48.07 6.77
CA SER D 179 1.40 47.04 5.72
C SER D 179 0.10 46.90 4.94
N VAL D 180 -1.03 47.22 5.56
CA VAL D 180 -2.32 47.22 4.89
C VAL D 180 -2.78 48.67 4.85
N SER D 181 -2.52 49.34 3.73
CA SER D 181 -2.77 50.77 3.62
C SER D 181 -4.24 51.11 3.85
N SER D 182 -5.13 50.40 3.15
CA SER D 182 -6.57 50.62 3.24
C SER D 182 -7.21 49.40 3.88
N ILE D 183 -7.75 49.58 5.08
CA ILE D 183 -8.49 48.54 5.77
C ILE D 183 -9.97 48.75 5.47
N PRO D 184 -10.62 47.85 4.74
CA PRO D 184 -12.03 48.06 4.42
C PRO D 184 -12.89 47.96 5.66
N ARG D 185 -14.06 48.60 5.58
CA ARG D 185 -15.02 48.55 6.67
C ARG D 185 -15.40 47.10 6.99
N SER D 186 -15.54 46.27 5.95
CA SER D 186 -15.89 44.86 6.12
C SER D 186 -14.79 44.04 6.80
N SER D 187 -13.60 44.60 6.99
CA SER D 187 -12.53 43.93 7.70
C SER D 187 -12.38 44.39 9.15
N ILE D 188 -13.21 45.33 9.58
CA ILE D 188 -13.21 45.79 10.96
C ILE D 188 -14.08 44.84 11.79
N PRO D 189 -13.59 44.37 12.94
CA PRO D 189 -14.43 43.52 13.80
C PRO D 189 -15.76 44.20 14.10
N PRO D 190 -16.88 43.53 13.80
CA PRO D 190 -18.20 44.17 13.90
C PRO D 190 -18.45 44.87 15.22
N PRO D 191 -18.04 44.30 16.37
CA PRO D 191 -18.26 45.03 17.63
C PRO D 191 -17.57 46.37 17.71
N LEU D 192 -16.44 46.54 17.01
CA LEU D 192 -15.73 47.82 17.05
C LEU D 192 -16.47 48.92 16.29
N LEU D 193 -17.52 48.59 15.55
CA LEU D 193 -18.38 49.59 14.91
C LEU D 193 -19.59 49.93 15.75
N ASP D 194 -19.75 49.30 16.92
CA ASP D 194 -20.89 49.51 17.81
C ASP D 194 -20.40 50.17 19.09
N PRO D 195 -20.63 51.47 19.29
CA PRO D 195 -20.13 52.14 20.51
C PRO D 195 -20.69 51.60 21.80
N ASN D 196 -21.77 50.81 21.77
CA ASN D 196 -22.33 50.22 22.97
C ASN D 196 -21.71 48.87 23.32
N SER D 197 -20.87 48.31 22.44
CA SER D 197 -20.30 47.00 22.69
C SER D 197 -19.20 47.07 23.73
N LEU D 198 -19.00 45.96 24.43
CA LEU D 198 -17.89 45.86 25.37
C LEU D 198 -16.56 45.96 24.64
N PHE D 199 -16.44 45.32 23.48
CA PHE D 199 -15.21 45.37 22.70
C PHE D 199 -14.83 46.80 22.35
N TYR D 200 -15.81 47.62 21.98
CA TYR D 200 -15.55 49.03 21.68
C TYR D 200 -15.06 49.76 22.93
N LYS D 201 -15.69 49.51 24.07
CA LYS D 201 -15.33 50.22 25.30
C LYS D 201 -13.92 49.86 25.75
N LEU D 202 -13.56 48.57 25.64
CA LEU D 202 -12.23 48.15 26.07
C LEU D 202 -11.14 48.78 25.21
N PHE D 203 -11.38 48.88 23.90
CA PHE D 203 -10.40 49.52 23.02
C PHE D 203 -10.23 51.00 23.38
N MET D 204 -11.35 51.71 23.58
CA MET D 204 -11.27 53.14 23.87
C MET D 204 -10.64 53.42 25.22
N GLU D 205 -10.75 52.48 26.17
CA GLU D 205 -10.18 52.61 27.49
C GLU D 205 -8.71 52.18 27.53
N ASP D 206 -8.36 51.13 26.80
CA ASP D 206 -7.01 50.58 26.91
C ASP D 206 -6.01 51.27 25.99
N SER D 207 -6.45 51.74 24.82
CA SER D 207 -5.54 52.28 23.81
C SER D 207 -4.82 53.54 24.26
N PRO D 208 -5.48 54.51 24.90
CA PRO D 208 -4.73 55.69 25.40
C PRO D 208 -3.69 55.33 26.45
N LYS D 209 -3.92 54.28 27.23
CA LYS D 209 -2.94 53.81 28.20
C LYS D 209 -1.64 53.30 27.56
N LEU D 210 -1.53 53.25 26.23
CA LEU D 210 -0.31 52.76 25.61
C LEU D 210 0.88 53.65 25.95
N LYS D 211 0.67 54.97 25.98
CA LYS D 211 1.77 55.90 26.17
C LYS D 211 2.43 55.78 27.56
N LYS D 212 1.88 54.96 28.45
CA LYS D 212 2.46 54.77 29.76
C LYS D 212 3.32 53.51 29.83
N LEU D 213 3.46 52.78 28.73
CA LEU D 213 4.32 51.62 28.68
C LEU D 213 5.76 52.04 28.41
N HIS D 214 6.69 51.13 28.67
CA HIS D 214 8.06 51.29 28.23
C HIS D 214 8.31 50.70 26.85
N GLY D 215 7.38 49.92 26.33
CA GLY D 215 7.52 49.35 25.01
C GLY D 215 6.46 48.31 24.75
N VAL D 216 6.39 47.90 23.48
CA VAL D 216 5.43 46.90 23.02
C VAL D 216 6.20 45.81 22.30
N LEU D 217 6.03 44.57 22.75
CA LEU D 217 6.62 43.41 22.09
C LEU D 217 5.60 42.79 21.16
N VAL D 218 6.01 42.51 19.93
CA VAL D 218 5.15 41.90 18.91
C VAL D 218 5.90 40.73 18.28
N ASN D 219 5.21 39.59 18.17
CA ASN D 219 5.74 38.41 17.48
C ASN D 219 5.62 38.63 15.98
N THR D 220 6.55 39.42 15.44
CA THR D 220 6.57 39.73 14.01
C THR D 220 7.99 40.12 13.63
N PHE D 221 8.23 40.21 12.33
CA PHE D 221 9.54 40.54 11.81
C PHE D 221 9.39 41.26 10.47
N GLU D 222 10.49 41.83 9.99
CA GLU D 222 10.47 42.63 8.78
C GLU D 222 9.98 41.84 7.57
N GLY D 223 10.29 40.55 7.53
CA GLY D 223 9.94 39.72 6.37
C GLY D 223 8.47 39.68 6.05
N ILE D 224 7.60 39.94 7.04
CA ILE D 224 6.17 39.87 6.82
C ILE D 224 5.45 41.18 7.12
N GLU D 225 6.03 42.08 7.93
CA GLU D 225 5.35 43.31 8.34
C GLU D 225 6.35 44.47 8.39
N LYS D 226 7.10 44.65 7.32
CA LYS D 226 8.14 45.69 7.30
C LYS D 226 7.52 47.08 7.44
N GLU D 227 6.44 47.34 6.71
CA GLU D 227 5.86 48.68 6.67
C GLU D 227 5.30 49.07 8.04
N SER D 228 4.41 48.24 8.60
CA SER D 228 3.71 48.61 9.83
C SER D 228 4.66 48.73 11.01
N LEU D 229 5.77 47.98 11.00
CA LEU D 229 6.74 48.11 12.08
C LEU D 229 7.46 49.45 12.02
N GLU D 230 7.88 49.87 10.82
CA GLU D 230 8.54 51.16 10.68
C GLU D 230 7.59 52.30 11.01
N ALA D 231 6.33 52.19 10.57
CA ALA D 231 5.35 53.24 10.85
C ALA D 231 5.08 53.36 12.35
N LEU D 232 5.05 52.23 13.06
CA LEU D 232 4.80 52.27 14.50
C LEU D 232 5.94 52.96 15.24
N ASN D 233 7.19 52.71 14.82
CA ASN D 233 8.34 53.29 15.48
C ASN D 233 8.72 54.67 14.94
N GLY D 234 8.06 55.12 13.88
CA GLY D 234 8.38 56.42 13.30
C GLY D 234 7.31 57.46 13.54
N GLY D 235 6.50 57.27 14.59
CA GLY D 235 5.50 58.25 14.98
C GLY D 235 4.40 58.49 13.97
N LYS D 236 4.32 57.65 12.93
CA LYS D 236 3.34 57.84 11.88
C LYS D 236 2.00 57.19 12.18
N VAL D 237 1.89 56.38 13.23
CA VAL D 237 0.62 55.78 13.62
C VAL D 237 -0.01 56.65 14.70
N VAL D 238 0.68 56.78 15.84
CA VAL D 238 0.23 57.61 16.94
C VAL D 238 1.44 58.36 17.50
N LYS D 239 1.29 59.68 17.64
CA LYS D 239 2.35 60.49 18.23
C LYS D 239 2.54 60.10 19.70
N GLY D 240 3.79 59.85 20.09
CA GLY D 240 4.09 59.54 21.47
C GLY D 240 4.00 58.08 21.85
N LEU D 241 4.09 57.16 20.89
CA LEU D 241 4.07 55.74 21.21
C LEU D 241 5.41 55.30 21.79
N PRO D 242 5.40 54.33 22.70
CA PRO D 242 6.65 53.69 23.12
C PRO D 242 7.19 52.83 21.99
N PRO D 243 8.46 52.43 22.05
CA PRO D 243 9.04 51.65 20.96
C PRO D 243 8.38 50.27 20.84
N VAL D 244 8.18 49.84 19.59
CA VAL D 244 7.60 48.53 19.30
C VAL D 244 8.73 47.60 18.89
N TYR D 245 8.86 46.48 19.60
CA TYR D 245 9.97 45.56 19.39
C TYR D 245 9.47 44.37 18.57
N GLY D 246 9.97 44.26 17.34
CA GLY D 246 9.69 43.08 16.54
C GLY D 246 10.59 41.94 16.94
N VAL D 247 10.15 41.13 17.90
CA VAL D 247 10.96 40.05 18.46
C VAL D 247 10.58 38.69 17.90
N GLY D 248 9.83 38.66 16.80
CA GLY D 248 9.48 37.42 16.16
C GLY D 248 10.51 37.00 15.14
N PRO D 249 10.33 35.83 14.52
CA PRO D 249 9.24 34.87 14.74
C PRO D 249 9.49 33.98 15.95
N PHE D 250 8.46 33.71 16.75
CA PHE D 250 8.56 32.75 17.84
C PHE D 250 8.47 31.36 17.24
N VAL D 251 9.62 30.70 17.10
CA VAL D 251 9.68 29.39 16.48
C VAL D 251 9.23 28.33 17.49
N PRO D 252 8.67 27.21 17.05
CA PRO D 252 8.26 26.17 18.00
C PRO D 252 9.46 25.58 18.73
N CYS D 253 9.28 25.32 20.02
CA CYS D 253 10.32 24.82 20.90
C CYS D 253 10.12 23.35 21.18
N GLU D 254 11.15 22.73 21.78
CA GLU D 254 11.12 21.29 22.01
C GLU D 254 10.04 20.90 23.01
N PHE D 255 9.79 21.74 24.01
CA PHE D 255 8.88 21.37 25.08
C PHE D 255 7.45 21.20 24.59
N GLU D 256 7.13 21.70 23.40
CA GLU D 256 5.76 21.60 22.90
C GLU D 256 5.45 20.21 22.35
N LYS D 257 6.46 19.50 21.83
CA LYS D 257 6.24 18.15 21.34
C LYS D 257 5.76 17.25 22.47
N VAL D 258 4.57 16.67 22.30
CA VAL D 258 3.96 15.86 23.34
C VAL D 258 4.84 14.64 23.62
N VAL D 259 4.92 14.25 24.89
CA VAL D 259 5.83 13.18 25.31
C VAL D 259 5.51 11.89 24.59
N LYS D 260 4.23 11.52 24.52
CA LYS D 260 3.79 10.30 23.86
C LYS D 260 2.73 10.67 22.82
N ARG D 261 3.12 10.63 21.56
CA ARG D 261 2.19 10.80 20.45
C ARG D 261 2.05 9.48 19.71
N GLY D 262 0.84 9.23 19.17
CA GLY D 262 0.60 8.02 18.42
C GLY D 262 1.41 7.90 17.14
N GLU D 263 2.03 9.00 16.69
CA GLU D 263 2.89 9.03 15.52
C GLU D 263 2.13 8.70 14.24
N THR D 264 0.83 8.41 14.36
CA THR D 264 0.06 7.94 13.22
C THR D 264 -0.25 9.05 12.21
N ILE D 265 -0.18 10.31 12.64
CA ILE D 265 -0.37 11.42 11.70
C ILE D 265 0.88 11.61 10.84
N SER D 266 2.06 11.63 11.48
CA SER D 266 3.30 11.70 10.72
C SER D 266 3.47 10.49 9.83
N GLU D 267 3.05 9.32 10.32
CA GLU D 267 3.11 8.11 9.49
C GLU D 267 2.22 8.23 8.26
N TRP D 268 1.02 8.77 8.45
CA TRP D 268 0.12 8.97 7.31
C TRP D 268 0.70 9.99 6.34
N LEU D 269 1.28 11.07 6.87
CA LEU D 269 1.91 12.07 6.00
C LEU D 269 3.09 11.50 5.24
N ASP D 270 3.78 10.50 5.81
CA ASP D 270 4.91 9.89 5.12
C ASP D 270 4.49 9.12 3.87
N GLU D 271 3.20 8.81 3.72
CA GLU D 271 2.72 8.02 2.59
C GLU D 271 2.09 8.89 1.51
N GLN D 272 2.23 10.21 1.61
CA GLN D 272 1.68 11.12 0.62
C GLN D 272 2.80 11.80 -0.15
N PRO D 273 2.56 12.15 -1.42
CA PRO D 273 3.56 12.90 -2.18
C PRO D 273 3.83 14.25 -1.53
N SER D 274 5.01 14.79 -1.82
CA SER D 274 5.41 16.05 -1.22
C SER D 274 4.60 17.20 -1.81
N GLY D 275 4.25 18.15 -0.93
CA GLY D 275 3.47 19.29 -1.35
C GLY D 275 2.06 18.97 -1.77
N SER D 276 1.54 17.81 -1.37
CA SER D 276 0.27 17.33 -1.89
C SER D 276 -0.87 17.38 -0.88
N VAL D 277 -0.63 17.77 0.36
CA VAL D 277 -1.63 17.71 1.41
C VAL D 277 -2.02 19.12 1.83
N VAL D 278 -3.32 19.36 1.96
CA VAL D 278 -3.84 20.60 2.50
C VAL D 278 -4.11 20.39 3.98
N TYR D 279 -3.48 21.19 4.83
CA TYR D 279 -3.73 21.16 6.27
C TYR D 279 -4.79 22.19 6.62
N VAL D 280 -5.81 21.76 7.34
CA VAL D 280 -6.97 22.60 7.66
C VAL D 280 -7.10 22.69 9.17
N SER D 281 -7.07 23.91 9.70
CA SER D 281 -7.25 24.14 11.13
C SER D 281 -7.81 25.53 11.34
N PHE D 282 -8.92 25.63 12.08
CA PHE D 282 -9.55 26.90 12.36
C PHE D 282 -9.20 27.43 13.73
N GLY D 283 -8.13 26.92 14.33
CA GLY D 283 -7.56 27.52 15.51
C GLY D 283 -7.62 26.62 16.73
N SER D 284 -7.38 27.23 17.89
CA SER D 284 -7.38 26.49 19.16
C SER D 284 -8.78 26.00 19.51
N ARG D 285 -9.82 26.73 19.14
CA ARG D 285 -11.17 26.44 19.58
C ARG D 285 -12.08 26.35 18.36
N THR D 286 -13.22 25.69 18.53
CA THR D 286 -14.21 25.64 17.46
C THR D 286 -14.97 26.96 17.43
N ALA D 287 -15.17 27.51 16.23
CA ALA D 287 -15.87 28.77 16.09
C ALA D 287 -16.67 28.81 14.80
N MET D 288 -17.16 27.66 14.33
CA MET D 288 -17.82 27.53 13.05
C MET D 288 -19.10 26.74 13.23
N GLY D 289 -20.16 27.17 12.55
CA GLY D 289 -21.44 26.53 12.69
C GLY D 289 -21.47 25.15 12.06
N ARG D 290 -22.48 24.37 12.45
CA ARG D 290 -22.58 22.99 11.98
C ARG D 290 -22.78 22.93 10.47
N GLU D 291 -23.73 23.72 9.95
CA GLU D 291 -23.99 23.71 8.52
C GLU D 291 -22.75 24.13 7.72
N GLN D 292 -21.99 25.10 8.24
CA GLN D 292 -20.78 25.52 7.56
C GLN D 292 -19.70 24.44 7.62
N LEU D 293 -19.62 23.71 8.74
CA LEU D 293 -18.66 22.62 8.85
C LEU D 293 -18.96 21.52 7.84
N ARG D 294 -20.26 21.24 7.62
CA ARG D 294 -20.63 20.25 6.62
C ARG D 294 -20.15 20.66 5.23
N GLU D 295 -20.24 21.96 4.92
CA GLU D 295 -19.75 22.45 3.63
C GLU D 295 -18.23 22.39 3.55
N VAL D 296 -17.54 22.56 4.68
CA VAL D 296 -16.08 22.44 4.68
C VAL D 296 -15.67 21.03 4.30
N GLY D 297 -16.33 20.02 4.89
CA GLY D 297 -16.06 18.65 4.50
C GLY D 297 -16.44 18.37 3.05
N ASP D 298 -17.55 18.95 2.60
CA ASP D 298 -17.93 18.81 1.20
C ASP D 298 -16.93 19.50 0.28
N GLY D 299 -16.40 20.65 0.70
CA GLY D 299 -15.41 21.33 -0.12
C GLY D 299 -14.10 20.57 -0.20
N LEU D 300 -13.69 19.96 0.91
CA LEU D 300 -12.43 19.21 0.92
C LEU D 300 -12.51 17.98 0.02
N VAL D 301 -13.64 17.28 0.03
CA VAL D 301 -13.80 16.11 -0.83
C VAL D 301 -13.88 16.53 -2.30
N LYS D 302 -14.63 17.58 -2.59
CA LYS D 302 -14.77 18.03 -3.97
C LYS D 302 -13.47 18.59 -4.54
N SER D 303 -12.52 18.98 -3.69
CA SER D 303 -11.29 19.59 -4.20
C SER D 303 -10.41 18.58 -4.91
N GLY D 304 -10.50 17.30 -4.55
CA GLY D 304 -9.65 16.28 -5.12
C GLY D 304 -8.25 16.24 -4.54
N TRP D 305 -7.90 17.15 -3.64
CA TRP D 305 -6.60 17.17 -3.01
C TRP D 305 -6.62 16.39 -1.70
N ARG D 306 -5.46 15.85 -1.33
CA ARG D 306 -5.30 15.24 -0.03
C ARG D 306 -5.39 16.30 1.06
N PHE D 307 -5.97 15.94 2.20
CA PHE D 307 -6.17 16.94 3.25
C PHE D 307 -6.07 16.30 4.63
N LEU D 308 -5.60 17.09 5.58
CA LEU D 308 -5.60 16.76 7.00
C LEU D 308 -6.40 17.84 7.72
N TRP D 309 -7.61 17.51 8.13
CA TRP D 309 -8.51 18.46 8.79
C TRP D 309 -8.52 18.18 10.29
N VAL D 310 -8.06 19.15 11.06
CA VAL D 310 -8.07 19.07 12.52
C VAL D 310 -9.25 19.88 13.02
N VAL D 311 -10.13 19.23 13.78
CA VAL D 311 -11.29 19.89 14.36
C VAL D 311 -11.15 19.85 15.88
N LYS D 312 -11.94 20.70 16.54
CA LYS D 312 -11.91 20.83 17.99
C LYS D 312 -13.26 20.46 18.57
N ASP D 313 -13.25 20.07 19.85
CA ASP D 313 -14.49 19.81 20.56
C ASP D 313 -15.39 21.02 20.50
N LYS D 314 -16.70 20.77 20.35
CA LYS D 314 -17.65 21.88 20.22
C LYS D 314 -17.62 22.76 21.47
N ILE D 315 -17.41 22.16 22.64
CA ILE D 315 -17.22 22.90 23.88
C ILE D 315 -15.97 22.34 24.55
N VAL D 316 -15.12 23.23 25.05
CA VAL D 316 -13.85 22.84 25.66
C VAL D 316 -14.09 21.97 26.90
N GLU D 322 -20.11 13.97 18.24
CA GLU D 322 -20.66 12.63 18.28
C GLU D 322 -20.04 11.79 17.16
N GLY D 323 -20.87 11.22 16.29
CA GLY D 323 -20.35 10.60 15.08
C GLY D 323 -19.88 11.66 14.09
N LEU D 324 -18.79 11.34 13.40
CA LEU D 324 -18.32 12.23 12.34
C LEU D 324 -19.38 12.43 11.27
N ASP D 325 -20.18 11.40 11.00
CA ASP D 325 -21.34 11.56 10.14
C ASP D 325 -22.42 12.42 10.76
N GLY D 326 -22.37 12.63 12.07
CA GLY D 326 -23.30 13.55 12.70
C GLY D 326 -23.10 14.99 12.25
N VAL D 327 -21.84 15.40 12.11
CA VAL D 327 -21.56 16.77 11.71
C VAL D 327 -21.43 16.90 10.19
N LEU D 328 -20.95 15.86 9.50
CA LEU D 328 -20.68 15.96 8.07
C LEU D 328 -21.71 15.24 7.21
N GLY D 329 -22.45 14.28 7.77
CA GLY D 329 -23.36 13.47 6.98
C GLY D 329 -22.72 12.17 6.57
N PHE D 330 -23.50 11.08 6.58
CA PHE D 330 -22.95 9.76 6.30
C PHE D 330 -22.33 9.71 4.90
N GLU D 331 -23.07 10.19 3.89
CA GLU D 331 -22.61 10.08 2.51
C GLU D 331 -21.27 10.78 2.31
N LEU D 332 -21.10 11.96 2.90
CA LEU D 332 -19.83 12.66 2.79
C LEU D 332 -18.71 11.87 3.44
N VAL D 333 -18.98 11.27 4.61
CA VAL D 333 -17.95 10.49 5.29
C VAL D 333 -17.63 9.22 4.50
N GLU D 334 -18.66 8.57 3.96
CA GLU D 334 -18.42 7.38 3.14
C GLU D 334 -17.60 7.71 1.90
N ARG D 335 -17.90 8.85 1.27
CA ARG D 335 -17.14 9.23 0.08
C ARG D 335 -15.70 9.56 0.42
N MET D 336 -15.45 10.05 1.63
CA MET D 336 -14.08 10.37 2.04
C MET D 336 -13.24 9.11 2.17
N VAL D 337 -13.80 8.08 2.81
CA VAL D 337 -13.04 6.86 3.05
C VAL D 337 -12.84 6.07 1.76
N LYS D 338 -13.77 6.17 0.81
CA LYS D 338 -13.58 5.52 -0.49
C LYS D 338 -12.38 6.11 -1.22
N GLU D 339 -12.28 7.44 -1.27
CA GLU D 339 -11.26 8.09 -2.06
C GLU D 339 -9.88 8.07 -1.40
N LYS D 340 -9.83 7.83 -0.08
CA LYS D 340 -8.58 7.66 0.66
C LYS D 340 -7.68 8.90 0.57
N LYS D 341 -8.24 10.06 0.27
CA LYS D 341 -7.45 11.27 0.16
C LYS D 341 -7.40 12.08 1.46
N GLY D 342 -8.37 11.91 2.34
CA GLY D 342 -8.52 12.81 3.47
C GLY D 342 -8.50 12.10 4.82
N LEU D 343 -8.09 12.86 5.83
CA LEU D 343 -8.05 12.42 7.21
C LEU D 343 -8.58 13.53 8.10
N VAL D 344 -9.45 13.17 9.04
CA VAL D 344 -10.08 14.12 9.96
C VAL D 344 -9.83 13.63 11.38
N VAL D 345 -9.23 14.48 12.20
CA VAL D 345 -8.92 14.14 13.58
C VAL D 345 -9.52 15.19 14.52
N LYS D 346 -9.95 14.73 15.69
CA LYS D 346 -10.54 15.56 16.73
C LYS D 346 -9.66 15.44 17.96
N GLU D 347 -8.62 16.27 18.03
CA GLU D 347 -7.67 16.24 19.13
C GLU D 347 -6.75 17.45 18.99
N TRP D 348 -5.83 17.59 19.94
CA TRP D 348 -4.82 18.65 19.91
C TRP D 348 -3.56 18.08 19.25
N VAL D 349 -3.37 18.39 17.97
CA VAL D 349 -2.25 17.85 17.21
C VAL D 349 -1.01 18.72 17.42
N ASP D 350 0.14 18.20 16.99
CA ASP D 350 1.39 18.98 16.94
C ASP D 350 1.39 19.70 15.61
N GLN D 351 0.86 20.93 15.61
CA GLN D 351 0.71 21.69 14.37
C GLN D 351 2.06 21.98 13.72
N SER D 352 3.10 22.21 14.53
CA SER D 352 4.40 22.50 13.96
C SER D 352 4.97 21.30 13.22
N GLU D 353 4.76 20.10 13.75
CA GLU D 353 5.24 18.91 13.07
C GLU D 353 4.50 18.69 11.75
N ILE D 354 3.22 19.07 11.71
CA ILE D 354 2.45 18.98 10.47
C ILE D 354 2.93 20.02 9.47
N LEU D 355 3.02 21.29 9.90
CA LEU D 355 3.45 22.34 9.00
C LEU D 355 4.89 22.14 8.52
N GLY D 356 5.72 21.46 9.32
CA GLY D 356 7.09 21.20 8.91
C GLY D 356 7.27 20.01 7.99
N HIS D 357 6.22 19.22 7.80
CA HIS D 357 6.30 18.04 6.95
C HIS D 357 6.20 18.44 5.48
N LYS D 358 7.09 17.90 4.65
CA LYS D 358 7.10 18.33 3.25
C LYS D 358 5.93 17.76 2.45
N ALA D 359 5.10 16.90 3.05
CA ALA D 359 3.87 16.50 2.39
C ALA D 359 2.84 17.62 2.36
N VAL D 360 2.98 18.60 3.24
CA VAL D 360 2.03 19.70 3.34
C VAL D 360 2.43 20.79 2.34
N GLY D 361 1.50 21.15 1.47
CA GLY D 361 1.74 22.18 0.48
C GLY D 361 0.85 23.40 0.65
N GLY D 362 -0.10 23.31 1.57
CA GLY D 362 -1.03 24.40 1.79
C GLY D 362 -1.63 24.34 3.17
N PHE D 363 -2.11 25.50 3.63
CA PHE D 363 -2.62 25.67 4.98
C PHE D 363 -3.90 26.49 4.91
N VAL D 364 -5.04 25.84 5.14
CA VAL D 364 -6.30 26.54 5.30
C VAL D 364 -6.41 26.95 6.77
N SER D 365 -6.32 28.25 7.03
CA SER D 365 -6.21 28.76 8.38
C SER D 365 -7.19 29.90 8.60
N HIS D 366 -7.69 30.01 9.83
CA HIS D 366 -8.47 31.18 10.22
C HIS D 366 -7.60 32.42 10.40
N CYS D 367 -6.27 32.26 10.25
CA CYS D 367 -5.31 33.35 10.33
C CYS D 367 -5.15 33.92 11.73
N GLY D 368 -5.29 33.07 12.75
CA GLY D 368 -4.85 33.45 14.07
C GLY D 368 -3.37 33.67 13.96
N TRP D 369 -2.82 34.64 14.70
CA TRP D 369 -1.51 35.15 14.34
C TRP D 369 -0.41 34.13 14.60
N ASN D 370 -0.55 33.32 15.65
CA ASN D 370 0.47 32.31 15.94
C ASN D 370 0.59 31.31 14.80
N SER D 371 -0.54 30.91 14.22
CA SER D 371 -0.50 29.99 13.08
C SER D 371 0.09 30.67 11.85
N VAL D 372 -0.15 31.97 11.68
CA VAL D 372 0.40 32.69 10.54
C VAL D 372 1.92 32.72 10.64
N VAL D 373 2.45 33.08 11.80
CA VAL D 373 3.90 33.12 11.99
C VAL D 373 4.50 31.72 11.88
N GLU D 374 3.79 30.70 12.32
CA GLU D 374 4.29 29.33 12.17
C GLU D 374 4.34 28.93 10.70
N ALA D 375 3.29 29.27 9.93
CA ALA D 375 3.29 28.96 8.51
C ALA D 375 4.40 29.72 7.78
N ALA D 376 4.70 30.95 8.21
CA ALA D 376 5.80 31.69 7.61
C ALA D 376 7.15 31.05 7.94
N TRP D 377 7.29 30.55 9.17
CA TRP D 377 8.55 29.91 9.57
C TRP D 377 8.81 28.66 8.73
N PHE D 378 7.76 27.93 8.37
CA PHE D 378 7.90 26.71 7.59
C PHE D 378 7.67 26.91 6.10
N GLY D 379 7.43 28.14 5.66
CA GLY D 379 7.22 28.43 4.25
C GLY D 379 6.02 27.73 3.62
N VAL D 380 4.88 27.74 4.30
CA VAL D 380 3.66 27.09 3.82
C VAL D 380 2.68 28.17 3.39
N PRO D 381 2.25 28.20 2.13
CA PRO D 381 1.25 29.20 1.71
C PRO D 381 -0.09 28.97 2.40
N ILE D 382 -0.83 30.06 2.55
CA ILE D 382 -2.05 30.08 3.37
C ILE D 382 -3.24 30.38 2.48
N LEU D 383 -4.29 29.57 2.60
CA LEU D 383 -5.64 29.95 2.19
C LEU D 383 -6.34 30.48 3.43
N GLY D 384 -6.49 31.80 3.51
CA GLY D 384 -7.08 32.42 4.68
C GLY D 384 -8.59 32.26 4.69
N TRP D 385 -9.12 31.83 5.83
CA TRP D 385 -10.56 31.83 6.08
C TRP D 385 -10.78 32.54 7.41
N PRO D 386 -10.69 33.86 7.42
CA PRO D 386 -10.88 34.60 8.68
C PRO D 386 -12.31 34.49 9.17
N LEU D 387 -12.47 34.39 10.48
CA LEU D 387 -13.76 34.12 11.10
C LEU D 387 -14.23 35.23 12.03
N HIS D 388 -13.37 35.69 12.94
N HIS D 388 -13.38 35.71 12.93
CA HIS D 388 -13.74 36.71 13.91
CA HIS D 388 -13.79 36.79 13.81
C HIS D 388 -12.56 37.64 14.16
C HIS D 388 -12.57 37.62 14.19
N GLY D 389 -12.84 38.74 14.85
CA GLY D 389 -11.78 39.58 15.39
C GLY D 389 -10.78 40.10 14.37
N ASP D 390 -9.50 39.91 14.67
CA ASP D 390 -8.38 40.44 13.90
C ASP D 390 -8.09 39.66 12.64
N GLN D 391 -8.85 38.60 12.36
CA GLN D 391 -8.40 37.60 11.40
C GLN D 391 -8.47 38.11 9.96
N LYS D 392 -9.40 39.02 9.65
CA LYS D 392 -9.44 39.58 8.30
C LYS D 392 -8.26 40.50 8.05
N ILE D 393 -7.83 41.25 9.07
CA ILE D 393 -6.65 42.08 8.93
C ILE D 393 -5.39 41.22 8.82
N ASN D 394 -5.31 40.16 9.64
CA ASN D 394 -4.18 39.24 9.54
C ASN D 394 -4.16 38.57 8.17
N ALA D 395 -5.33 38.20 7.65
CA ALA D 395 -5.38 37.55 6.35
C ALA D 395 -4.85 38.46 5.24
N GLU D 396 -5.13 39.76 5.33
CA GLU D 396 -4.65 40.68 4.30
C GLU D 396 -3.17 41.00 4.45
N VAL D 397 -2.64 40.95 5.68
CA VAL D 397 -1.20 41.03 5.87
C VAL D 397 -0.50 39.95 5.06
N VAL D 398 -1.04 38.73 5.11
CA VAL D 398 -0.46 37.62 4.35
C VAL D 398 -0.65 37.84 2.86
N ALA D 399 -1.87 38.23 2.46
CA ALA D 399 -2.15 38.44 1.04
C ALA D 399 -1.28 39.54 0.46
N LYS D 400 -1.09 40.63 1.22
CA LYS D 400 -0.19 41.68 0.77
C LYS D 400 1.23 41.16 0.64
N GLY D 401 1.63 40.23 1.51
CA GLY D 401 2.94 39.61 1.42
C GLY D 401 3.14 38.69 0.23
N GLY D 402 2.05 38.34 -0.47
CA GLY D 402 2.13 37.54 -1.67
C GLY D 402 2.27 36.05 -1.45
N TRP D 403 2.15 35.58 -0.21
CA TRP D 403 2.25 34.15 0.08
C TRP D 403 0.94 33.59 0.63
N GLY D 404 -0.18 34.26 0.36
CA GLY D 404 -1.48 33.78 0.82
C GLY D 404 -2.60 34.43 0.05
N VAL D 405 -3.79 33.86 0.21
CA VAL D 405 -5.00 34.31 -0.47
C VAL D 405 -6.19 34.08 0.44
N TRP D 406 -7.13 35.03 0.46
CA TRP D 406 -8.39 34.83 1.16
C TRP D 406 -9.51 35.46 0.34
N LYS D 407 -10.73 34.95 0.54
CA LYS D 407 -11.91 35.38 -0.21
C LYS D 407 -12.66 36.41 0.63
N GLU D 408 -12.62 37.67 0.19
CA GLU D 408 -13.24 38.77 0.93
C GLU D 408 -14.75 38.61 1.03
N GLY D 409 -15.36 37.92 0.07
CA GLY D 409 -16.80 37.72 -0.03
C GLY D 409 -17.39 36.66 0.85
N TRP D 410 -16.58 35.83 1.52
CA TRP D 410 -17.13 34.79 2.38
C TRP D 410 -17.76 35.39 3.63
N GLY D 411 -17.20 36.49 4.14
CA GLY D 411 -17.78 37.18 5.27
C GLY D 411 -17.32 36.64 6.61
N TRP D 412 -17.71 37.35 7.66
CA TRP D 412 -17.47 36.87 9.00
C TRP D 412 -18.23 35.56 9.22
N GLU D 413 -17.89 34.86 10.31
CA GLU D 413 -18.50 33.58 10.58
C GLU D 413 -20.00 33.73 10.82
N GLY D 414 -20.79 32.99 10.06
CA GLY D 414 -22.23 32.98 10.21
C GLY D 414 -22.99 33.97 9.37
N GLU D 415 -22.29 34.89 8.68
CA GLU D 415 -22.99 35.87 7.86
C GLU D 415 -23.69 35.21 6.68
N ARG D 416 -23.04 34.24 6.04
CA ARG D 416 -23.68 33.48 4.97
C ARG D 416 -23.01 32.12 4.88
N LEU D 417 -23.69 31.19 4.22
CA LEU D 417 -23.19 29.83 4.08
C LEU D 417 -22.24 29.75 2.89
N VAL D 418 -20.99 29.44 3.16
CA VAL D 418 -20.01 29.20 2.10
C VAL D 418 -20.21 27.78 1.59
N LYS D 419 -20.44 27.65 0.29
CA LYS D 419 -20.73 26.35 -0.31
C LYS D 419 -19.45 25.55 -0.51
N GLY D 420 -19.61 24.23 -0.53
CA GLY D 420 -18.47 23.36 -0.76
C GLY D 420 -17.81 23.59 -2.11
N GLU D 421 -18.60 23.93 -3.12
CA GLU D 421 -18.03 24.21 -4.43
C GLU D 421 -17.16 25.45 -4.40
N GLU D 422 -17.57 26.47 -3.63
CA GLU D 422 -16.72 27.64 -3.45
C GLU D 422 -15.43 27.27 -2.74
N ILE D 423 -15.52 26.43 -1.71
CA ILE D 423 -14.35 26.06 -0.93
C ILE D 423 -13.39 25.20 -1.75
N ALA D 424 -13.93 24.22 -2.48
CA ALA D 424 -13.08 23.37 -3.31
C ALA D 424 -12.33 24.20 -4.35
N GLU D 425 -12.98 25.23 -4.90
CA GLU D 425 -12.32 26.05 -5.90
C GLU D 425 -11.17 26.85 -5.30
N ALA D 426 -11.38 27.43 -4.12
CA ALA D 426 -10.31 28.18 -3.46
C ALA D 426 -9.15 27.28 -3.08
N ILE D 427 -9.44 26.04 -2.68
CA ILE D 427 -8.39 25.10 -2.32
C ILE D 427 -7.56 24.75 -3.55
N ARG D 428 -8.22 24.43 -4.66
CA ARG D 428 -7.50 24.09 -5.89
C ARG D 428 -6.67 25.28 -6.38
N GLU D 429 -7.15 26.50 -6.13
CA GLU D 429 -6.40 27.69 -6.56
C GLU D 429 -5.10 27.81 -5.78
N VAL D 430 -5.15 27.65 -4.45
CA VAL D 430 -3.97 27.84 -3.63
C VAL D 430 -2.98 26.70 -3.82
N MET D 431 -3.47 25.46 -3.96
CA MET D 431 -2.56 24.32 -4.06
C MET D 431 -1.84 24.26 -5.40
N ASN D 432 -2.35 24.91 -6.43
CA ASN D 432 -1.71 24.92 -7.74
C ASN D 432 -0.87 26.16 -8.00
N ASP D 433 -0.95 27.16 -7.13
CA ASP D 433 -0.30 28.45 -7.37
C ASP D 433 1.14 28.40 -6.87
N GLU D 434 2.07 28.14 -7.79
CA GLU D 434 3.48 28.13 -7.41
C GLU D 434 4.00 29.52 -7.06
N SER D 435 3.32 30.58 -7.48
CA SER D 435 3.75 31.92 -7.10
C SER D 435 3.64 32.12 -5.59
N LEU D 436 2.55 31.63 -4.99
CA LEU D 436 2.40 31.71 -3.54
C LEU D 436 3.46 30.86 -2.83
N ARG D 437 3.75 29.67 -3.37
CA ARG D 437 4.73 28.79 -2.75
C ARG D 437 6.12 29.41 -2.76
N MET D 438 6.52 29.97 -3.92
CA MET D 438 7.84 30.59 -4.00
C MET D 438 7.95 31.79 -3.07
N LYS D 439 6.88 32.59 -2.97
CA LYS D 439 6.90 33.72 -2.04
C LYS D 439 6.94 33.23 -0.60
N ALA D 440 6.24 32.15 -0.31
CA ALA D 440 6.29 31.57 1.03
C ALA D 440 7.68 31.08 1.37
N THR D 441 8.42 30.57 0.38
CA THR D 441 9.80 30.15 0.60
C THR D 441 10.69 31.35 0.90
N GLN D 442 10.48 32.47 0.19
CA GLN D 442 11.24 33.69 0.48
C GLN D 442 10.95 34.19 1.88
N VAL D 443 9.67 34.17 2.29
CA VAL D 443 9.31 34.57 3.64
C VAL D 443 9.97 33.64 4.66
N LYS D 444 10.02 32.34 4.36
CA LYS D 444 10.71 31.41 5.23
C LYS D 444 12.20 31.76 5.35
N LYS D 445 12.83 32.12 4.22
CA LYS D 445 14.23 32.52 4.25
C LYS D 445 14.44 33.74 5.13
N ASP D 446 13.50 34.69 5.09
CA ASP D 446 13.59 35.87 5.95
C ASP D 446 13.35 35.51 7.40
N ALA D 447 12.46 34.55 7.66
CA ALA D 447 12.22 34.13 9.03
C ALA D 447 13.42 33.42 9.63
N ARG D 448 14.16 32.67 8.80
CA ARG D 448 15.36 31.99 9.29
C ARG D 448 16.47 32.97 9.60
N LYS D 449 16.62 34.02 8.78
CA LYS D 449 17.64 35.03 9.06
C LYS D 449 17.30 35.84 10.30
N ALA D 450 16.01 36.00 10.61
CA ALA D 450 15.62 36.81 11.75
C ALA D 450 16.10 36.20 13.05
N ILE D 451 16.10 34.87 13.16
CA ILE D 451 16.53 34.19 14.36
C ILE D 451 17.98 33.75 14.28
N SER D 452 18.69 34.11 13.22
CA SER D 452 20.10 33.76 13.10
C SER D 452 20.95 34.71 13.93
N VAL D 453 22.25 34.42 13.99
CA VAL D 453 23.16 35.27 14.75
C VAL D 453 23.24 36.64 14.08
N GLY D 454 23.09 37.68 14.89
CA GLY D 454 23.04 39.02 14.33
C GLY D 454 21.73 39.37 13.65
N GLY D 455 20.74 38.48 13.71
CA GLY D 455 19.46 38.73 13.08
C GLY D 455 18.58 39.69 13.87
N SER D 456 17.44 40.05 13.27
CA SER D 456 16.59 41.09 13.84
C SER D 456 16.06 40.69 15.23
N GLN D 457 15.87 39.40 15.47
CA GLN D 457 15.33 38.98 16.75
C GLN D 457 16.33 39.21 17.88
N GLU D 458 17.57 38.73 17.70
CA GLU D 458 18.56 38.91 18.75
C GLU D 458 18.87 40.39 18.98
N VAL D 459 18.94 41.18 17.90
CA VAL D 459 19.18 42.62 18.03
C VAL D 459 18.16 43.23 18.98
N ALA D 460 16.87 43.00 18.71
CA ALA D 460 15.83 43.55 19.57
C ALA D 460 15.94 43.01 20.99
N LEU D 461 16.26 41.72 21.13
CA LEU D 461 16.41 41.15 22.47
C LEU D 461 17.50 41.86 23.25
N GLN D 462 18.66 42.08 22.64
CA GLN D 462 19.75 42.76 23.33
C GLN D 462 19.34 44.17 23.76
N LYS D 463 18.53 44.84 22.95
CA LYS D 463 18.08 46.19 23.28
C LYS D 463 17.16 46.18 24.49
N LEU D 464 16.34 45.14 24.63
CA LEU D 464 15.52 45.01 25.84
C LEU D 464 16.41 44.76 27.06
N MET D 465 17.51 44.03 26.88
CA MET D 465 18.38 43.72 28.01
C MET D 465 19.11 44.96 28.52
N GLU D 466 19.45 45.87 27.62
CA GLU D 466 20.27 47.03 27.99
C GLU D 466 19.57 47.90 29.04
N VAL D 467 18.24 48.02 28.94
CA VAL D 467 17.51 48.84 29.91
C VAL D 467 17.36 48.08 31.21
N TRP D 468 17.30 46.75 31.16
CA TRP D 468 17.07 45.96 32.37
C TRP D 468 18.34 45.87 33.22
N LYS D 469 19.51 45.85 32.60
CA LYS D 469 20.78 45.91 33.32
C LYS D 469 21.92 46.22 32.35
#